data_3L4D
#
_entry.id   3L4D
#
_cell.length_a   84.891
_cell.length_b   118.509
_cell.length_c   100.960
_cell.angle_alpha   90.00
_cell.angle_beta   104.82
_cell.angle_gamma   90.00
#
_symmetry.space_group_name_H-M   'P 1 21 1'
#
loop_
_entity.id
_entity.type
_entity.pdbx_description
1 polymer 'Sterol 14-alpha demethylase'
2 non-polymer 'PROTOPORPHYRIN IX CONTAINING FE'
3 non-polymer 2-(2,4-DIFLUOROPHENYL)-1,3-DI(1H-1,2,4-TRIAZOL-1-YL)PROPAN-2-OL
4 non-polymer 3,6,9,12,15-PENTAOXATRICOSAN-1-OL
5 water water
#
_entity_poly.entity_id   1
_entity_poly.type   'polypeptide(L)'
_entity_poly.pdbx_seq_one_letter_code
;KGKLPPVVHGTTPFVGHIIQFGKDPLGFMLKAKKKYGGIFTMNICGNRITVVGDVHQHSKFFTPRNEILSPREVYSFMVP
VFGEGVAYAAPYPRMREQLNFLAEELTVAKFQNFAPSIQHEVRKFMKANWNKDEGEINILDDCSAMIINTACQCLFGEDL
RKRLDARQFAQLLAKMESCLIPAAVFLPWILKLPLPQSYRCRDARAELQDILSEIIIAREKEEAQKDTNTSDLLAGLLGA
VYRDGTRMSQHEVCGMIVAAMFAGQHTSTITTTWSLLHLMDPRNKRHLAKLHQEIDEFPAQLNYDNVMEEMPFAEQCARE
SIRRDPPLVMLMRKVLKPVQVGKYVVPEGDIIACSPLLSHQDEEAFPNPREWNPERNMKLVDGAFCGFGAGVHKCIGEKF
GLLQVKTVLATVLRDYDFELLGPLPEPNYHTMVVGPTASQCRVKYIKKKKAAA
;
_entity_poly.pdbx_strand_id   A,B,C,D
#
# COMPACT_ATOMS: atom_id res chain seq x y z
N GLY A 2 -0.89 -0.97 -39.18
CA GLY A 2 -0.77 -1.20 -37.71
C GLY A 2 -2.10 -1.53 -37.07
N LYS A 3 -2.32 -2.82 -36.83
CA LYS A 3 -3.56 -3.29 -36.20
C LYS A 3 -3.26 -4.10 -34.95
N LEU A 4 -4.06 -3.88 -33.91
CA LEU A 4 -3.86 -4.57 -32.64
C LEU A 4 -4.39 -6.00 -32.68
N PRO A 5 -3.76 -6.89 -31.90
CA PRO A 5 -4.23 -8.27 -31.79
C PRO A 5 -5.55 -8.31 -31.04
N PRO A 6 -6.38 -9.34 -31.31
CA PRO A 6 -7.66 -9.46 -30.63
C PRO A 6 -7.50 -9.63 -29.12
N VAL A 7 -8.41 -9.03 -28.36
CA VAL A 7 -8.40 -9.17 -26.91
C VAL A 7 -9.40 -10.24 -26.48
N VAL A 8 -8.90 -11.42 -26.14
CA VAL A 8 -9.77 -12.51 -25.75
C VAL A 8 -10.87 -12.00 -24.82
N HIS A 9 -12.12 -12.21 -25.24
CA HIS A 9 -13.34 -11.77 -24.56
C HIS A 9 -13.66 -12.56 -23.28
N GLY A 10 -14.48 -11.97 -22.42
CA GLY A 10 -14.79 -12.59 -21.12
C GLY A 10 -13.98 -12.01 -19.98
N THR A 11 -13.77 -10.70 -19.99
CA THR A 11 -12.95 -10.04 -18.99
C THR A 11 -13.81 -9.36 -17.91
N THR A 12 -13.56 -9.72 -16.65
CA THR A 12 -14.21 -9.05 -15.54
C THR A 12 -13.61 -7.65 -15.37
N PRO A 13 -14.23 -6.82 -14.53
CA PRO A 13 -13.96 -5.38 -14.46
C PRO A 13 -12.52 -5.04 -14.08
N PHE A 14 -12.08 -5.50 -12.91
CA PHE A 14 -10.74 -5.19 -12.43
C PHE A 14 -9.83 -6.41 -12.39
N VAL A 15 -10.44 -7.59 -12.25
CA VAL A 15 -9.68 -8.83 -12.18
C VAL A 15 -8.98 -9.15 -13.49
N GLY A 16 -9.74 -9.08 -14.59
CA GLY A 16 -9.22 -9.46 -15.90
C GLY A 16 -9.50 -10.92 -16.19
N HIS A 17 -8.61 -11.54 -16.95
CA HIS A 17 -8.78 -12.95 -17.31
C HIS A 17 -8.19 -13.88 -16.26
N ILE A 18 -7.48 -13.31 -15.29
CA ILE A 18 -6.76 -14.09 -14.28
C ILE A 18 -7.53 -15.28 -13.71
N ILE A 19 -8.62 -15.00 -12.99
CA ILE A 19 -9.42 -16.08 -12.43
C ILE A 19 -9.49 -17.27 -13.38
N GLN A 20 -9.99 -17.03 -14.59
CA GLN A 20 -10.08 -18.07 -15.60
C GLN A 20 -8.71 -18.64 -15.91
N PHE A 21 -7.76 -17.76 -16.19
CA PHE A 21 -6.40 -18.15 -16.55
C PHE A 21 -5.74 -18.98 -15.46
N GLY A 22 -5.91 -18.56 -14.21
CA GLY A 22 -5.34 -19.26 -13.07
C GLY A 22 -5.90 -20.66 -12.90
N LYS A 23 -7.21 -20.81 -13.06
CA LYS A 23 -7.83 -22.12 -13.00
C LYS A 23 -7.09 -23.07 -13.93
N ASP A 24 -7.01 -22.70 -15.20
CA ASP A 24 -6.30 -23.48 -16.21
C ASP A 24 -5.67 -22.58 -17.25
N PRO A 25 -4.34 -22.39 -17.17
CA PRO A 25 -3.60 -21.52 -18.07
C PRO A 25 -3.48 -22.09 -19.49
N LEU A 26 -3.08 -23.35 -19.58
CA LEU A 26 -2.91 -24.01 -20.88
C LEU A 26 -4.25 -24.13 -21.61
N GLY A 27 -5.28 -24.57 -20.89
CA GLY A 27 -6.61 -24.70 -21.47
C GLY A 27 -7.12 -23.36 -21.95
N PHE A 28 -6.75 -22.31 -21.22
CA PHE A 28 -7.20 -20.96 -21.56
C PHE A 28 -6.53 -20.48 -22.84
N MET A 29 -5.25 -20.83 -23.00
CA MET A 29 -4.48 -20.38 -24.15
C MET A 29 -4.75 -21.27 -25.36
N LEU A 30 -5.02 -22.54 -25.09
CA LEU A 30 -5.47 -23.47 -26.13
C LEU A 30 -6.81 -23.02 -26.71
N LYS A 31 -7.74 -22.65 -25.84
CA LYS A 31 -9.04 -22.16 -26.26
C LYS A 31 -8.92 -20.82 -27.00
N ALA A 32 -8.12 -19.92 -26.44
CA ALA A 32 -7.88 -18.63 -27.07
C ALA A 32 -7.28 -18.82 -28.45
N LYS A 33 -6.09 -19.43 -28.49
CA LYS A 33 -5.36 -19.61 -29.73
C LYS A 33 -6.28 -20.12 -30.83
N LYS A 34 -7.16 -21.03 -30.47
CA LYS A 34 -8.06 -21.65 -31.43
C LYS A 34 -9.07 -20.64 -31.95
N LYS A 35 -9.63 -19.84 -31.04
CA LYS A 35 -10.65 -18.87 -31.41
C LYS A 35 -10.10 -17.66 -32.15
N TYR A 36 -9.04 -17.05 -31.60
CA TYR A 36 -8.56 -15.78 -32.13
C TYR A 36 -7.26 -15.89 -32.92
N GLY A 37 -6.72 -17.10 -33.03
CA GLY A 37 -5.46 -17.31 -33.75
C GLY A 37 -4.24 -17.17 -32.84
N GLY A 38 -3.07 -17.54 -33.36
CA GLY A 38 -1.84 -17.55 -32.59
C GLY A 38 -1.59 -16.33 -31.73
N ILE A 39 -1.71 -15.15 -32.34
CA ILE A 39 -1.48 -13.89 -31.62
C ILE A 39 -2.75 -13.37 -30.98
N PHE A 40 -2.75 -13.24 -29.66
CA PHE A 40 -3.89 -12.70 -28.94
C PHE A 40 -3.43 -11.94 -27.69
N THR A 41 -4.38 -11.27 -27.02
CA THR A 41 -4.06 -10.43 -25.89
C THR A 41 -4.97 -10.69 -24.70
N MET A 42 -4.38 -11.06 -23.57
CA MET A 42 -5.15 -11.24 -22.34
C MET A 42 -5.06 -9.97 -21.49
N ASN A 43 -5.97 -9.87 -20.54
CA ASN A 43 -5.90 -8.82 -19.54
C ASN A 43 -5.65 -9.47 -18.19
N ILE A 44 -4.61 -9.00 -17.50
CA ILE A 44 -4.27 -9.52 -16.19
C ILE A 44 -4.18 -8.40 -15.16
N CYS A 45 -5.27 -8.19 -14.42
CA CYS A 45 -5.35 -7.12 -13.45
C CYS A 45 -5.03 -5.77 -14.07
N GLY A 46 -5.63 -5.49 -15.21
CA GLY A 46 -5.43 -4.20 -15.88
C GLY A 46 -4.09 -4.11 -16.60
N ASN A 47 -3.48 -5.27 -16.86
CA ASN A 47 -2.25 -5.33 -17.64
C ASN A 47 -2.45 -6.09 -18.94
N ARG A 48 -2.31 -5.39 -20.06
CA ARG A 48 -2.40 -6.05 -21.36
C ARG A 48 -1.20 -6.97 -21.56
N ILE A 49 -1.49 -8.24 -21.80
CA ILE A 49 -0.42 -9.21 -22.06
C ILE A 49 -0.70 -9.97 -23.35
N THR A 50 0.09 -9.68 -24.38
CA THR A 50 -0.06 -10.32 -25.68
C THR A 50 0.89 -11.52 -25.81
N VAL A 51 0.33 -12.69 -26.02
CA VAL A 51 1.13 -13.90 -26.16
C VAL A 51 1.34 -14.22 -27.63
N VAL A 52 2.59 -14.42 -28.03
CA VAL A 52 2.90 -14.82 -29.39
C VAL A 52 2.70 -16.32 -29.52
N GLY A 53 1.45 -16.71 -29.77
CA GLY A 53 1.11 -18.12 -29.91
C GLY A 53 1.42 -18.64 -31.30
N ASP A 54 1.53 -17.73 -32.26
CA ASP A 54 1.87 -18.11 -33.63
C ASP A 54 3.31 -18.60 -33.67
N VAL A 55 3.46 -19.92 -33.70
CA VAL A 55 4.78 -20.53 -33.57
C VAL A 55 5.72 -20.17 -34.73
N HIS A 56 5.19 -19.46 -35.73
CA HIS A 56 6.00 -19.01 -36.86
C HIS A 56 6.55 -17.60 -36.62
N GLN A 57 6.16 -16.99 -35.52
CA GLN A 57 6.52 -15.60 -35.24
C GLN A 57 7.45 -15.47 -34.03
N HIS A 58 7.89 -16.61 -33.52
CA HIS A 58 8.74 -16.64 -32.34
C HIS A 58 9.93 -15.69 -32.43
N SER A 59 10.58 -15.65 -33.59
CA SER A 59 11.75 -14.79 -33.78
C SER A 59 11.43 -13.35 -33.45
N LYS A 60 10.19 -12.95 -33.68
CA LYS A 60 9.78 -11.57 -33.44
C LYS A 60 9.64 -11.22 -31.96
N PHE A 61 9.88 -12.22 -31.11
CA PHE A 61 9.87 -12.00 -29.66
C PHE A 61 11.28 -12.15 -29.09
N PHE A 62 12.00 -13.17 -29.57
CA PHE A 62 13.33 -13.47 -29.08
C PHE A 62 14.41 -12.61 -29.71
N THR A 63 14.10 -11.99 -30.84
CA THR A 63 15.10 -11.28 -31.64
C THR A 63 15.31 -9.79 -31.33
N PRO A 64 14.22 -9.03 -31.15
CA PRO A 64 14.34 -7.59 -30.95
C PRO A 64 15.33 -7.21 -29.83
N ARG A 65 15.96 -6.05 -29.95
CA ARG A 65 16.92 -5.59 -28.95
C ARG A 65 16.22 -5.07 -27.70
N ASN A 66 16.96 -4.99 -26.60
CA ASN A 66 16.39 -4.56 -25.31
C ASN A 66 15.73 -3.19 -25.36
N GLU A 67 16.17 -2.35 -26.28
CA GLU A 67 15.56 -1.04 -26.31
C GLU A 67 14.10 -1.26 -26.60
N ILE A 68 13.83 -2.10 -27.59
CA ILE A 68 12.45 -2.43 -27.92
C ILE A 68 11.71 -3.31 -26.94
N LEU A 69 12.34 -4.40 -26.58
CA LEU A 69 11.71 -5.35 -25.70
C LEU A 69 12.65 -5.59 -24.59
N SER A 70 12.16 -5.37 -23.39
CA SER A 70 12.98 -5.36 -22.19
C SER A 70 12.45 -6.36 -21.17
N PRO A 71 13.36 -7.13 -20.56
CA PRO A 71 13.02 -8.12 -19.53
C PRO A 71 13.16 -7.55 -18.13
N ARG A 72 13.75 -6.36 -18.05
CA ARG A 72 14.17 -5.77 -16.78
C ARG A 72 13.06 -5.65 -15.74
N GLU A 73 11.97 -4.97 -16.10
CA GLU A 73 10.88 -4.73 -15.16
C GLU A 73 10.06 -5.99 -14.89
N VAL A 74 9.80 -6.76 -15.95
CA VAL A 74 9.03 -7.98 -15.81
C VAL A 74 9.72 -9.03 -14.97
N TYR A 75 11.00 -8.81 -14.65
CA TYR A 75 11.77 -9.76 -13.85
C TYR A 75 12.24 -9.17 -12.53
N SER A 76 11.62 -8.08 -12.10
CA SER A 76 12.06 -7.37 -10.90
C SER A 76 11.51 -7.98 -9.60
N PHE A 77 10.55 -8.88 -9.72
CA PHE A 77 9.99 -9.54 -8.56
C PHE A 77 11.02 -10.49 -7.95
N MET A 78 12.11 -10.72 -8.69
CA MET A 78 13.16 -11.62 -8.25
C MET A 78 14.31 -10.91 -7.54
N VAL A 79 14.25 -9.58 -7.51
CA VAL A 79 15.31 -8.78 -6.90
C VAL A 79 15.69 -9.27 -5.50
N PRO A 80 14.70 -9.62 -4.68
CA PRO A 80 15.02 -10.10 -3.34
C PRO A 80 16.00 -11.27 -3.37
N VAL A 81 16.03 -12.00 -4.49
CA VAL A 81 16.94 -13.13 -4.65
C VAL A 81 18.27 -12.71 -5.27
N PHE A 82 18.23 -12.14 -6.46
CA PHE A 82 19.44 -11.67 -7.13
C PHE A 82 20.16 -10.60 -6.30
N GLY A 83 19.38 -9.70 -5.72
CA GLY A 83 19.94 -8.60 -4.94
C GLY A 83 19.76 -7.27 -5.65
N GLU A 84 19.90 -6.17 -4.91
CA GLU A 84 19.79 -4.83 -5.47
C GLU A 84 20.81 -4.59 -6.58
N GLY A 85 20.33 -4.22 -7.76
CA GLY A 85 21.20 -3.83 -8.86
C GLY A 85 22.05 -4.95 -9.42
N VAL A 86 21.50 -6.15 -9.45
CA VAL A 86 22.22 -7.27 -10.01
C VAL A 86 21.36 -7.90 -11.06
N ALA A 87 21.98 -8.55 -12.01
CA ALA A 87 21.20 -9.23 -12.98
C ALA A 87 20.22 -8.23 -13.51
N TYR A 88 18.96 -8.58 -13.50
CA TYR A 88 17.94 -7.75 -14.09
C TYR A 88 17.79 -6.41 -13.44
N ALA A 89 17.98 -6.36 -12.15
CA ALA A 89 17.85 -5.11 -11.45
C ALA A 89 18.81 -4.10 -12.00
N ALA A 90 20.00 -4.55 -12.36
CA ALA A 90 21.05 -3.68 -12.84
C ALA A 90 20.81 -3.05 -14.19
N PRO A 91 21.55 -1.99 -14.47
CA PRO A 91 21.41 -1.24 -15.70
C PRO A 91 21.81 -2.11 -16.84
N TYR A 92 21.24 -1.90 -18.01
CA TYR A 92 21.33 -2.89 -19.05
C TYR A 92 22.73 -3.27 -19.44
N PRO A 93 23.58 -2.28 -19.57
CA PRO A 93 24.97 -2.55 -19.89
C PRO A 93 25.55 -3.31 -18.75
N ARG A 94 25.20 -2.88 -17.55
CA ARG A 94 25.72 -3.51 -16.36
C ARG A 94 25.27 -4.93 -16.26
N MET A 95 24.00 -5.12 -16.60
CA MET A 95 23.35 -6.43 -16.62
C MET A 95 24.00 -7.33 -17.66
N ARG A 96 24.04 -6.86 -18.90
CA ARG A 96 24.51 -7.67 -20.01
C ARG A 96 25.92 -8.20 -19.76
N GLU A 97 26.77 -7.37 -19.17
CA GLU A 97 28.11 -7.78 -18.80
C GLU A 97 28.06 -8.87 -17.74
N GLN A 98 27.27 -8.64 -16.70
CA GLN A 98 27.16 -9.58 -15.59
C GLN A 98 26.78 -10.97 -16.09
N LEU A 99 25.72 -11.04 -16.89
CA LEU A 99 25.25 -12.31 -17.43
C LEU A 99 26.32 -12.97 -18.31
N ASN A 100 27.08 -12.17 -19.03
CA ASN A 100 28.20 -12.70 -19.82
C ASN A 100 29.26 -13.35 -18.94
N PHE A 101 29.46 -12.79 -17.74
CA PHE A 101 30.42 -13.39 -16.83
C PHE A 101 29.96 -14.79 -16.45
N LEU A 102 28.75 -14.89 -15.94
CA LEU A 102 28.15 -16.19 -15.65
C LEU A 102 28.18 -17.08 -16.90
N ALA A 103 27.91 -16.48 -18.05
CA ALA A 103 27.95 -17.20 -19.31
C ALA A 103 29.28 -17.91 -19.51
N GLU A 104 30.38 -17.17 -19.30
CA GLU A 104 31.72 -17.69 -19.54
C GLU A 104 32.10 -18.78 -18.53
N GLU A 105 31.47 -18.77 -17.37
CA GLU A 105 31.73 -19.78 -16.35
C GLU A 105 30.91 -21.04 -16.58
N LEU A 106 30.20 -21.10 -17.70
CA LEU A 106 29.37 -22.27 -17.99
C LEU A 106 29.60 -22.79 -19.41
N THR A 107 30.66 -22.31 -20.05
CA THR A 107 31.02 -22.83 -21.36
C THR A 107 31.51 -24.26 -21.23
N VAL A 108 31.45 -25.02 -22.33
CA VAL A 108 31.86 -26.42 -22.32
C VAL A 108 33.35 -26.56 -21.95
N ALA A 109 34.09 -25.48 -22.13
CA ALA A 109 35.51 -25.46 -21.81
C ALA A 109 35.75 -25.57 -20.31
N LYS A 110 34.68 -25.50 -19.53
CA LYS A 110 34.78 -25.46 -18.08
C LYS A 110 34.40 -26.78 -17.41
N PHE A 111 34.11 -27.77 -18.25
CA PHE A 111 33.84 -29.14 -17.83
C PHE A 111 35.09 -30.02 -17.83
N GLN A 112 36.02 -29.80 -16.89
CA GLN A 112 37.21 -30.67 -16.78
C GLN A 112 37.12 -32.03 -16.06
N ASN A 113 36.50 -32.07 -14.88
CA ASN A 113 36.16 -33.31 -14.18
C ASN A 113 34.70 -33.34 -13.74
N PHE A 114 33.87 -32.55 -14.43
CA PHE A 114 32.46 -32.46 -14.09
C PHE A 114 31.77 -33.82 -14.16
N ALA A 115 31.93 -34.52 -15.27
CA ALA A 115 31.32 -35.83 -15.47
C ALA A 115 31.58 -36.74 -14.27
N PRO A 116 32.85 -36.97 -13.95
CA PRO A 116 33.22 -37.82 -12.81
C PRO A 116 32.61 -37.34 -11.49
N SER A 117 32.55 -36.02 -11.29
CA SER A 117 31.98 -35.47 -10.07
C SER A 117 30.49 -35.77 -9.98
N ILE A 118 29.80 -35.70 -11.13
CA ILE A 118 28.38 -35.97 -11.19
C ILE A 118 28.06 -37.42 -10.85
N GLN A 119 28.88 -38.33 -11.37
CA GLN A 119 28.70 -39.75 -11.11
C GLN A 119 28.91 -40.09 -9.64
N HIS A 120 30.03 -39.65 -9.09
CA HIS A 120 30.36 -39.88 -7.69
C HIS A 120 29.16 -39.58 -6.79
N GLU A 121 28.60 -38.39 -6.94
CA GLU A 121 27.44 -37.98 -6.15
C GLU A 121 26.26 -38.92 -6.40
N VAL A 122 25.92 -39.11 -7.66
CA VAL A 122 24.77 -39.92 -8.03
C VAL A 122 24.89 -41.34 -7.50
N ARG A 123 26.11 -41.85 -7.42
CA ARG A 123 26.33 -43.20 -6.90
C ARG A 123 26.39 -43.21 -5.37
N LYS A 124 26.85 -42.12 -4.77
CA LYS A 124 26.87 -42.01 -3.33
C LYS A 124 25.45 -41.95 -2.79
N PHE A 125 24.57 -41.28 -3.53
CA PHE A 125 23.17 -41.15 -3.14
C PHE A 125 22.42 -42.47 -3.33
N MET A 126 22.61 -43.11 -4.46
CA MET A 126 21.96 -44.40 -4.74
C MET A 126 22.31 -45.43 -3.69
N LYS A 127 23.61 -45.56 -3.39
CA LYS A 127 24.09 -46.55 -2.43
C LYS A 127 23.78 -46.16 -0.99
N ALA A 128 23.08 -45.05 -0.81
CA ALA A 128 22.73 -44.59 0.52
C ALA A 128 21.22 -44.57 0.73
N ASN A 129 20.48 -44.39 -0.37
CA ASN A 129 19.03 -44.30 -0.27
C ASN A 129 18.27 -45.40 -1.03
N TRP A 130 18.96 -46.07 -1.95
CA TRP A 130 18.34 -47.17 -2.66
C TRP A 130 19.24 -48.37 -2.53
N ASN A 131 19.33 -48.91 -1.32
CA ASN A 131 20.19 -50.03 -1.05
C ASN A 131 19.46 -51.36 -0.97
N LYS A 132 18.15 -51.30 -0.75
CA LYS A 132 17.36 -52.53 -0.69
C LYS A 132 17.27 -53.16 -2.08
N ASP A 133 16.79 -54.40 -2.14
CA ASP A 133 16.58 -55.07 -3.42
C ASP A 133 15.62 -54.26 -4.28
N GLU A 134 14.58 -53.73 -3.63
CA GLU A 134 13.62 -52.84 -4.26
C GLU A 134 12.97 -51.97 -3.18
N GLY A 135 12.39 -50.85 -3.58
CA GLY A 135 11.76 -49.97 -2.61
C GLY A 135 10.89 -48.88 -3.21
N GLU A 136 10.13 -48.21 -2.36
CA GLU A 136 9.25 -47.13 -2.79
C GLU A 136 9.91 -45.79 -2.48
N ILE A 137 9.87 -44.88 -3.45
CA ILE A 137 10.47 -43.57 -3.29
C ILE A 137 9.81 -42.50 -4.16
N ASN A 138 9.92 -41.24 -3.76
CA ASN A 138 9.48 -40.13 -4.60
C ASN A 138 10.65 -39.68 -5.46
N ILE A 139 10.58 -40.03 -6.74
CA ILE A 139 11.70 -39.80 -7.64
C ILE A 139 12.01 -38.32 -7.86
N LEU A 140 11.00 -37.46 -7.75
CA LEU A 140 11.21 -36.02 -7.88
C LEU A 140 12.09 -35.52 -6.73
N ASP A 141 11.76 -35.96 -5.52
CA ASP A 141 12.52 -35.58 -4.33
C ASP A 141 13.97 -36.05 -4.41
N ASP A 142 14.17 -37.26 -4.92
CA ASP A 142 15.51 -37.84 -5.02
C ASP A 142 16.35 -37.16 -6.10
N CYS A 143 15.73 -36.82 -7.21
CA CYS A 143 16.44 -36.15 -8.29
C CYS A 143 16.87 -34.75 -7.87
N SER A 144 16.01 -34.10 -7.08
CA SER A 144 16.32 -32.80 -6.55
C SER A 144 17.60 -32.87 -5.75
N ALA A 145 17.69 -33.87 -4.87
CA ALA A 145 18.88 -34.08 -4.07
C ALA A 145 20.10 -34.35 -4.95
N MET A 146 20.00 -35.32 -5.85
CA MET A 146 21.10 -35.67 -6.74
C MET A 146 21.58 -34.47 -7.56
N ILE A 147 20.66 -33.61 -7.96
CA ILE A 147 20.98 -32.47 -8.81
C ILE A 147 21.73 -31.38 -8.04
N ILE A 148 21.24 -31.05 -6.85
CA ILE A 148 21.88 -30.03 -6.03
C ILE A 148 23.25 -30.50 -5.55
N ASN A 149 23.37 -31.81 -5.32
CA ASN A 149 24.64 -32.40 -4.90
C ASN A 149 25.66 -32.38 -6.02
N THR A 150 25.19 -32.62 -7.24
CA THR A 150 26.08 -32.69 -8.40
C THR A 150 26.50 -31.29 -8.85
N ALA A 151 25.60 -30.33 -8.70
CA ALA A 151 25.89 -28.95 -9.07
C ALA A 151 26.91 -28.35 -8.12
N CYS A 152 26.64 -28.45 -6.83
CA CYS A 152 27.57 -27.97 -5.81
C CYS A 152 28.94 -28.61 -5.97
N GLN A 153 28.96 -29.93 -6.21
CA GLN A 153 30.21 -30.64 -6.37
C GLN A 153 31.02 -30.06 -7.54
N CYS A 154 30.35 -29.77 -8.63
CA CYS A 154 31.01 -29.28 -9.85
C CYS A 154 31.47 -27.83 -9.75
N LEU A 155 30.68 -27.00 -9.09
CA LEU A 155 30.90 -25.56 -9.12
C LEU A 155 31.59 -25.01 -7.87
N PHE A 156 31.19 -25.48 -6.69
CA PHE A 156 31.78 -25.02 -5.44
C PHE A 156 33.10 -25.73 -5.13
N GLY A 157 34.13 -24.94 -4.83
CA GLY A 157 35.40 -25.49 -4.39
C GLY A 157 35.28 -26.21 -3.07
N GLU A 158 36.32 -26.94 -2.69
CA GLU A 158 36.29 -27.75 -1.46
C GLU A 158 36.06 -26.91 -0.20
N ASP A 159 36.69 -25.74 -0.13
CA ASP A 159 36.55 -24.90 1.06
C ASP A 159 35.12 -24.38 1.23
N LEU A 160 34.51 -23.97 0.13
CA LEU A 160 33.13 -23.48 0.16
C LEU A 160 32.18 -24.56 0.67
N ARG A 161 32.31 -25.77 0.13
CA ARG A 161 31.43 -26.88 0.48
C ARG A 161 31.60 -27.33 1.94
N LYS A 162 32.71 -26.96 2.56
CA LYS A 162 32.93 -27.25 3.98
C LYS A 162 32.02 -26.40 4.85
N ARG A 163 31.89 -25.13 4.51
CA ARG A 163 31.05 -24.21 5.27
C ARG A 163 29.58 -24.39 4.93
N LEU A 164 29.32 -24.79 3.68
CA LEU A 164 27.96 -24.88 3.18
C LEU A 164 27.81 -26.04 2.21
N ASP A 165 27.41 -27.21 2.71
CA ASP A 165 27.23 -28.37 1.85
C ASP A 165 25.95 -28.25 1.02
N ALA A 166 25.77 -29.18 0.09
CA ALA A 166 24.62 -29.16 -0.81
C ALA A 166 23.29 -29.12 -0.06
N ARG A 167 23.24 -29.80 1.08
CA ARG A 167 22.03 -29.79 1.90
C ARG A 167 21.81 -28.41 2.49
N GLN A 168 22.86 -27.87 3.11
CA GLN A 168 22.80 -26.51 3.66
C GLN A 168 22.37 -25.52 2.58
N PHE A 169 22.95 -25.64 1.40
CA PHE A 169 22.64 -24.71 0.32
C PHE A 169 21.22 -24.89 -0.19
N ALA A 170 20.75 -26.14 -0.26
CA ALA A 170 19.36 -26.39 -0.64
C ALA A 170 18.43 -25.65 0.30
N GLN A 171 18.77 -25.67 1.59
CA GLN A 171 18.03 -24.89 2.58
C GLN A 171 17.94 -23.42 2.16
N LEU A 172 19.08 -22.78 1.97
CA LEU A 172 19.09 -21.37 1.59
C LEU A 172 18.19 -21.10 0.38
N LEU A 173 18.30 -21.94 -0.65
CA LEU A 173 17.46 -21.78 -1.83
C LEU A 173 15.99 -21.73 -1.45
N ALA A 174 15.55 -22.71 -0.68
CA ALA A 174 14.19 -22.74 -0.17
C ALA A 174 13.86 -21.42 0.53
N LYS A 175 14.58 -21.11 1.59
CA LYS A 175 14.39 -19.86 2.32
C LYS A 175 14.25 -18.66 1.38
N MET A 176 15.05 -18.64 0.32
CA MET A 176 15.05 -17.50 -0.60
C MET A 176 13.89 -17.53 -1.58
N GLU A 177 13.66 -18.69 -2.19
CA GLU A 177 12.61 -18.81 -3.19
C GLU A 177 11.23 -18.86 -2.54
N SER A 178 11.19 -18.63 -1.24
CA SER A 178 9.92 -18.58 -0.51
C SER A 178 9.20 -17.29 -0.82
N CYS A 179 9.94 -16.19 -0.83
CA CYS A 179 9.35 -14.91 -1.10
C CYS A 179 8.79 -14.81 -2.47
N LEU A 180 9.45 -15.40 -3.44
CA LEU A 180 9.13 -15.04 -4.77
C LEU A 180 7.65 -15.12 -4.94
N ILE A 181 7.13 -14.07 -5.54
CA ILE A 181 5.74 -13.92 -5.83
C ILE A 181 5.70 -13.43 -7.23
N PRO A 182 5.55 -14.33 -8.16
CA PRO A 182 5.57 -14.00 -9.57
C PRO A 182 4.45 -13.04 -9.87
N ALA A 183 3.38 -13.14 -9.11
CA ALA A 183 2.23 -12.32 -9.37
C ALA A 183 2.62 -10.87 -9.23
N ALA A 184 3.76 -10.63 -8.63
CA ALA A 184 4.19 -9.28 -8.39
C ALA A 184 4.31 -8.66 -9.74
N VAL A 185 4.36 -9.47 -10.77
CA VAL A 185 4.49 -8.97 -12.11
C VAL A 185 3.34 -8.07 -12.49
N PHE A 186 2.14 -8.46 -12.08
CA PHE A 186 0.91 -7.75 -12.43
C PHE A 186 0.35 -6.96 -11.25
N LEU A 187 0.74 -7.34 -10.04
CA LEU A 187 0.29 -6.66 -8.83
C LEU A 187 1.49 -6.19 -8.01
N PRO A 188 2.24 -5.21 -8.54
CA PRO A 188 3.53 -4.75 -7.99
C PRO A 188 3.47 -4.34 -6.52
N TRP A 189 2.41 -3.65 -6.12
CA TRP A 189 2.28 -3.18 -4.74
C TRP A 189 2.45 -4.33 -3.73
N ILE A 190 2.28 -5.56 -4.21
CA ILE A 190 2.49 -6.74 -3.37
C ILE A 190 3.85 -6.67 -2.69
N LEU A 191 4.85 -6.21 -3.43
CA LEU A 191 6.21 -6.14 -2.93
C LEU A 191 6.38 -5.07 -1.85
N LYS A 192 5.41 -4.17 -1.77
CA LYS A 192 5.43 -3.08 -0.80
C LYS A 192 4.83 -3.49 0.55
N LEU A 193 3.93 -4.47 0.52
CA LEU A 193 3.25 -4.91 1.74
C LEU A 193 4.23 -5.56 2.71
N PRO A 194 4.01 -5.36 4.02
CA PRO A 194 4.86 -5.94 5.05
C PRO A 194 4.64 -7.45 5.20
N LEU A 195 5.14 -8.21 4.24
CA LEU A 195 4.95 -9.66 4.24
C LEU A 195 6.14 -10.39 4.84
N PRO A 196 5.86 -11.40 5.68
CA PRO A 196 6.92 -12.22 6.25
C PRO A 196 7.90 -12.67 5.17
N GLN A 197 7.37 -13.16 4.05
CA GLN A 197 8.17 -13.68 2.96
C GLN A 197 9.34 -12.79 2.59
N SER A 198 9.06 -11.49 2.44
CA SER A 198 10.06 -10.54 1.95
C SER A 198 11.22 -10.36 2.93
N TYR A 199 10.95 -10.58 4.21
CA TYR A 199 12.01 -10.52 5.21
C TYR A 199 12.83 -11.80 5.17
N ARG A 200 12.17 -12.93 5.02
CA ARG A 200 12.83 -14.22 4.92
C ARG A 200 13.90 -14.22 3.84
N CYS A 201 13.52 -13.82 2.63
CA CYS A 201 14.47 -13.70 1.53
C CYS A 201 15.65 -12.85 1.97
N ARG A 202 15.34 -11.64 2.42
CA ARG A 202 16.35 -10.69 2.87
C ARG A 202 17.38 -11.36 3.78
N ASP A 203 16.91 -12.16 4.73
CA ASP A 203 17.80 -12.77 5.71
C ASP A 203 18.58 -13.96 5.14
N ALA A 204 17.92 -14.77 4.32
CA ALA A 204 18.55 -15.96 3.75
C ALA A 204 19.70 -15.58 2.82
N ARG A 205 19.48 -14.57 1.99
CA ARG A 205 20.50 -14.10 1.07
C ARG A 205 21.63 -13.44 1.87
N ALA A 206 21.28 -12.88 3.02
CA ALA A 206 22.27 -12.31 3.91
C ALA A 206 23.21 -13.40 4.41
N GLU A 207 22.63 -14.54 4.77
CA GLU A 207 23.39 -15.66 5.27
C GLU A 207 24.39 -16.14 4.22
N LEU A 208 23.88 -16.48 3.04
CA LEU A 208 24.72 -16.91 1.94
C LEU A 208 25.75 -15.84 1.62
N GLN A 209 25.37 -14.58 1.82
CA GLN A 209 26.25 -13.44 1.57
C GLN A 209 27.50 -13.46 2.46
N ASP A 210 27.29 -13.62 3.76
CA ASP A 210 28.39 -13.57 4.72
C ASP A 210 29.35 -14.74 4.56
N ILE A 211 28.82 -15.90 4.14
CA ILE A 211 29.67 -17.06 3.96
C ILE A 211 30.59 -16.89 2.76
N LEU A 212 30.04 -16.38 1.67
CA LEU A 212 30.84 -16.09 0.48
C LEU A 212 31.94 -15.07 0.80
N SER A 213 31.60 -14.05 1.57
CA SER A 213 32.57 -13.03 1.94
C SER A 213 33.64 -13.58 2.87
N GLU A 214 33.22 -14.34 3.88
CA GLU A 214 34.16 -14.96 4.82
C GLU A 214 35.05 -16.01 4.13
N ILE A 215 34.58 -16.53 3.00
CA ILE A 215 35.35 -17.50 2.22
C ILE A 215 36.38 -16.78 1.38
N ILE A 216 35.96 -15.66 0.80
CA ILE A 216 36.81 -14.86 -0.09
C ILE A 216 38.03 -14.32 0.64
N ILE A 217 37.78 -13.60 1.74
CA ILE A 217 38.86 -13.02 2.53
C ILE A 217 39.79 -14.12 3.06
N ALA A 218 39.26 -15.32 3.20
CA ALA A 218 40.05 -16.44 3.70
C ALA A 218 40.88 -17.04 2.57
N ARG A 219 40.42 -16.84 1.34
CA ARG A 219 41.16 -17.30 0.18
C ARG A 219 42.30 -16.35 -0.11
N GLU A 220 42.11 -15.09 0.25
CA GLU A 220 43.12 -14.06 0.02
C GLU A 220 44.29 -14.20 0.98
N LYS A 221 44.02 -14.55 2.23
CA LYS A 221 45.06 -14.81 3.21
C LYS A 221 45.88 -16.04 2.81
N GLU A 222 45.19 -17.14 2.49
CA GLU A 222 45.83 -18.38 2.10
C GLU A 222 46.50 -18.22 0.73
N GLU A 223 46.09 -17.19 -0.01
CA GLU A 223 46.63 -16.93 -1.34
C GLU A 223 48.14 -16.67 -1.30
N ALA A 224 48.64 -16.31 -0.12
CA ALA A 224 50.06 -16.01 0.06
C ALA A 224 50.96 -17.10 -0.51
N GLN A 225 50.42 -18.32 -0.60
CA GLN A 225 51.17 -19.44 -1.15
C GLN A 225 51.12 -19.47 -2.67
N LYS A 226 49.94 -19.22 -3.22
CA LYS A 226 49.73 -19.24 -4.67
C LYS A 226 49.90 -20.64 -5.25
N ASP A 227 49.56 -21.65 -4.47
CA ASP A 227 49.60 -23.03 -4.95
C ASP A 227 48.46 -23.26 -5.93
N THR A 228 48.69 -24.13 -6.91
CA THR A 228 47.69 -24.42 -7.93
C THR A 228 46.31 -24.61 -7.30
N ASN A 229 45.34 -23.86 -7.78
CA ASN A 229 43.97 -23.95 -7.29
C ASN A 229 42.97 -24.22 -8.41
N THR A 230 42.14 -25.24 -8.24
CA THR A 230 41.20 -25.59 -9.30
C THR A 230 40.04 -24.63 -9.19
N SER A 231 40.16 -23.53 -9.90
CA SER A 231 39.23 -22.44 -9.73
C SER A 231 37.82 -22.90 -9.92
N ASP A 232 36.98 -22.52 -8.98
CA ASP A 232 35.56 -22.81 -9.00
C ASP A 232 34.77 -21.65 -9.58
N LEU A 233 33.45 -21.72 -9.51
CA LEU A 233 32.60 -20.69 -10.08
C LEU A 233 32.85 -19.36 -9.38
N LEU A 234 32.97 -19.41 -8.05
CA LEU A 234 33.26 -18.23 -7.28
C LEU A 234 34.60 -17.61 -7.70
N ALA A 235 35.62 -18.44 -7.80
CA ALA A 235 36.94 -18.00 -8.21
C ALA A 235 36.89 -17.22 -9.51
N GLY A 236 36.16 -17.74 -10.48
CA GLY A 236 36.10 -17.14 -11.80
C GLY A 236 35.40 -15.79 -11.81
N LEU A 237 34.31 -15.67 -11.07
CA LEU A 237 33.55 -14.44 -11.02
C LEU A 237 34.39 -13.35 -10.37
N LEU A 238 35.11 -13.74 -9.32
CA LEU A 238 36.02 -12.82 -8.64
C LEU A 238 37.04 -12.30 -9.63
N GLY A 239 37.18 -13.01 -10.75
CA GLY A 239 38.17 -12.67 -11.76
C GLY A 239 37.56 -11.97 -12.97
N ALA A 240 36.35 -11.47 -12.81
CA ALA A 240 35.67 -10.78 -13.92
C ALA A 240 35.88 -9.28 -13.81
N VAL A 241 35.99 -8.62 -14.97
CA VAL A 241 36.21 -7.18 -14.99
C VAL A 241 35.34 -6.48 -16.05
N TYR A 242 34.57 -5.49 -15.60
CA TYR A 242 33.72 -4.70 -16.49
C TYR A 242 34.57 -3.88 -17.44
N ARG A 243 33.99 -3.51 -18.59
CA ARG A 243 34.68 -2.68 -19.56
C ARG A 243 35.30 -1.43 -18.93
N ASP A 244 34.81 -1.05 -17.76
CA ASP A 244 35.29 0.17 -17.11
C ASP A 244 36.39 -0.10 -16.08
N GLY A 245 36.98 -1.29 -16.14
CA GLY A 245 38.11 -1.64 -15.27
C GLY A 245 37.72 -2.23 -13.92
N THR A 246 36.65 -1.72 -13.33
CA THR A 246 36.24 -2.15 -11.98
C THR A 246 35.86 -3.62 -11.90
N ARG A 247 35.90 -4.17 -10.68
CA ARG A 247 35.56 -5.58 -10.45
C ARG A 247 34.17 -5.72 -9.84
N MET A 248 33.56 -6.88 -10.06
CA MET A 248 32.28 -7.21 -9.45
C MET A 248 32.38 -7.15 -7.93
N SER A 249 31.41 -6.48 -7.30
CA SER A 249 31.36 -6.44 -5.84
C SER A 249 30.97 -7.81 -5.28
N GLN A 250 31.29 -8.04 -4.02
CA GLN A 250 30.88 -9.27 -3.34
C GLN A 250 29.37 -9.45 -3.39
N HIS A 251 28.65 -8.35 -3.51
CA HIS A 251 27.19 -8.37 -3.57
C HIS A 251 26.74 -8.96 -4.91
N GLU A 252 27.23 -8.37 -5.99
CA GLU A 252 26.96 -8.87 -7.32
C GLU A 252 27.49 -10.29 -7.51
N VAL A 253 28.62 -10.59 -6.89
CA VAL A 253 29.21 -11.92 -6.98
C VAL A 253 28.30 -12.95 -6.32
N CYS A 254 27.73 -12.58 -5.18
CA CYS A 254 26.77 -13.43 -4.49
C CYS A 254 25.52 -13.63 -5.33
N GLY A 255 25.08 -12.57 -6.01
CA GLY A 255 23.87 -12.60 -6.80
C GLY A 255 23.94 -13.56 -7.98
N MET A 256 25.02 -13.48 -8.75
CA MET A 256 25.17 -14.34 -9.91
C MET A 256 25.31 -15.80 -9.51
N ILE A 257 25.93 -16.04 -8.36
CA ILE A 257 26.03 -17.41 -7.84
C ILE A 257 24.66 -17.95 -7.44
N VAL A 258 23.85 -17.11 -6.79
CA VAL A 258 22.50 -17.51 -6.43
C VAL A 258 21.64 -17.65 -7.67
N ALA A 259 21.85 -16.74 -8.62
CA ALA A 259 21.11 -16.76 -9.87
C ALA A 259 21.28 -18.09 -10.59
N ALA A 260 22.52 -18.48 -10.80
CA ALA A 260 22.81 -19.73 -11.50
C ALA A 260 22.28 -20.94 -10.74
N MET A 261 22.57 -21.00 -9.45
CA MET A 261 22.16 -22.12 -8.62
C MET A 261 20.65 -22.30 -8.63
N PHE A 262 19.92 -21.19 -8.52
CA PHE A 262 18.47 -21.23 -8.54
C PHE A 262 17.98 -21.67 -9.91
N ALA A 263 18.57 -21.10 -10.96
CA ALA A 263 18.13 -21.36 -12.31
C ALA A 263 18.29 -22.84 -12.66
N GLY A 264 19.46 -23.39 -12.37
CA GLY A 264 19.77 -24.76 -12.75
C GLY A 264 19.07 -25.79 -11.90
N GLN A 265 18.93 -25.50 -10.62
CA GLN A 265 18.43 -26.49 -9.65
C GLN A 265 17.05 -27.03 -10.02
N HIS A 266 16.10 -26.14 -10.30
CA HIS A 266 14.73 -26.55 -10.56
C HIS A 266 14.54 -27.12 -11.97
N THR A 267 15.13 -26.45 -12.94
CA THR A 267 14.97 -26.82 -14.34
C THR A 267 15.69 -28.14 -14.63
N SER A 268 16.84 -28.34 -14.01
CA SER A 268 17.59 -29.58 -14.21
C SER A 268 16.87 -30.77 -13.59
N THR A 269 16.36 -30.59 -12.37
CA THR A 269 15.71 -31.70 -11.67
C THR A 269 14.39 -32.10 -12.31
N ILE A 270 13.62 -31.11 -12.76
CA ILE A 270 12.35 -31.37 -13.44
C ILE A 270 12.59 -32.15 -14.72
N THR A 271 13.53 -31.66 -15.54
CA THR A 271 13.87 -32.31 -16.78
C THR A 271 14.34 -33.75 -16.56
N THR A 272 15.08 -33.96 -15.48
CA THR A 272 15.57 -35.29 -15.16
C THR A 272 14.41 -36.19 -14.78
N THR A 273 13.64 -35.75 -13.79
CA THR A 273 12.50 -36.53 -13.29
C THR A 273 11.55 -36.92 -14.41
N TRP A 274 11.09 -35.93 -15.17
CA TRP A 274 10.19 -36.20 -16.28
C TRP A 274 10.73 -37.34 -17.14
N SER A 275 11.98 -37.20 -17.57
CA SER A 275 12.61 -38.20 -18.42
C SER A 275 12.52 -39.60 -17.79
N LEU A 276 12.81 -39.68 -16.49
CA LEU A 276 12.71 -40.96 -15.79
C LEU A 276 11.28 -41.47 -15.78
N LEU A 277 10.33 -40.56 -15.55
CA LEU A 277 8.93 -40.92 -15.51
C LEU A 277 8.47 -41.54 -16.84
N HIS A 278 8.77 -40.88 -17.94
CA HIS A 278 8.38 -41.37 -19.26
C HIS A 278 9.10 -42.69 -19.58
N LEU A 279 10.37 -42.77 -19.24
CA LEU A 279 11.18 -43.95 -19.51
C LEU A 279 10.64 -45.21 -18.83
N MET A 280 9.95 -45.06 -17.72
CA MET A 280 9.41 -46.19 -16.99
C MET A 280 7.96 -46.48 -17.36
N ASP A 281 7.40 -45.61 -18.19
CA ASP A 281 6.02 -45.77 -18.64
C ASP A 281 5.94 -46.89 -19.67
N PRO A 282 5.05 -47.88 -19.42
CA PRO A 282 4.87 -49.02 -20.30
C PRO A 282 4.81 -48.61 -21.77
N ARG A 283 4.07 -47.56 -22.08
CA ARG A 283 3.91 -47.12 -23.47
C ARG A 283 5.24 -46.81 -24.13
N ASN A 284 6.27 -46.60 -23.31
CA ASN A 284 7.59 -46.21 -23.81
C ASN A 284 8.66 -47.29 -23.65
N LYS A 285 8.26 -48.55 -23.77
CA LYS A 285 9.20 -49.65 -23.61
C LYS A 285 10.30 -49.59 -24.67
N ARG A 286 9.93 -49.25 -25.90
CA ARG A 286 10.90 -49.16 -26.99
C ARG A 286 11.94 -48.08 -26.72
N HIS A 287 11.48 -46.92 -26.26
CA HIS A 287 12.38 -45.80 -25.97
C HIS A 287 13.39 -46.14 -24.88
N LEU A 288 12.91 -46.75 -23.80
CA LEU A 288 13.80 -47.20 -22.73
C LEU A 288 14.82 -48.20 -23.26
N ALA A 289 14.35 -49.11 -24.12
CA ALA A 289 15.21 -50.14 -24.69
C ALA A 289 16.31 -49.53 -25.56
N LYS A 290 15.95 -48.52 -26.35
CA LYS A 290 16.92 -47.87 -27.22
C LYS A 290 17.93 -47.04 -26.42
N LEU A 291 17.49 -46.54 -25.28
CA LEU A 291 18.36 -45.74 -24.42
C LEU A 291 19.44 -46.62 -23.81
N HIS A 292 19.03 -47.80 -23.33
CA HIS A 292 19.98 -48.73 -22.74
C HIS A 292 21.05 -49.16 -23.72
N GLN A 293 20.66 -49.39 -24.98
CA GLN A 293 21.62 -49.74 -26.02
C GLN A 293 22.73 -48.72 -26.12
N GLU A 294 22.36 -47.44 -26.04
CA GLU A 294 23.31 -46.35 -26.18
C GLU A 294 24.27 -46.26 -25.01
N ILE A 295 23.82 -46.65 -23.82
CA ILE A 295 24.62 -46.51 -22.61
C ILE A 295 25.24 -47.80 -22.08
N ASP A 296 24.82 -48.94 -22.62
CA ASP A 296 25.41 -50.22 -22.23
C ASP A 296 26.87 -50.29 -22.67
N GLU A 297 27.17 -49.63 -23.77
CA GLU A 297 28.51 -49.64 -24.35
C GLU A 297 29.53 -48.85 -23.51
N PHE A 298 29.04 -48.07 -22.55
CA PHE A 298 29.92 -47.22 -21.75
C PHE A 298 30.45 -47.91 -20.50
N PRO A 299 31.63 -47.46 -20.03
CA PRO A 299 32.29 -48.02 -18.85
C PRO A 299 31.79 -47.40 -17.55
N ALA A 300 32.27 -47.90 -16.43
CA ALA A 300 31.88 -47.40 -15.12
C ALA A 300 32.14 -45.90 -15.04
N GLN A 301 33.34 -45.48 -15.40
CA GLN A 301 33.70 -44.06 -15.41
C GLN A 301 33.48 -43.43 -16.78
N LEU A 302 32.48 -42.56 -16.87
CA LEU A 302 32.21 -41.83 -18.10
C LEU A 302 33.13 -40.62 -18.23
N ASN A 303 33.45 -40.26 -19.47
CA ASN A 303 34.25 -39.06 -19.73
C ASN A 303 33.45 -38.01 -20.50
N TYR A 304 34.00 -36.80 -20.56
CA TYR A 304 33.35 -35.67 -21.22
C TYR A 304 32.78 -36.00 -22.60
N ASP A 305 33.54 -36.76 -23.39
CA ASP A 305 33.13 -37.13 -24.74
C ASP A 305 31.99 -38.15 -24.76
N ASN A 306 31.99 -39.06 -23.79
CA ASN A 306 30.95 -40.07 -23.70
C ASN A 306 29.55 -39.46 -23.59
N VAL A 307 29.44 -38.42 -22.78
CA VAL A 307 28.16 -37.78 -22.52
C VAL A 307 27.83 -36.72 -23.57
N MET A 308 28.84 -35.97 -23.98
CA MET A 308 28.65 -34.87 -24.92
C MET A 308 28.33 -35.34 -26.34
N GLU A 309 29.27 -36.06 -26.95
CA GLU A 309 29.14 -36.44 -28.36
C GLU A 309 28.61 -37.86 -28.61
N GLU A 310 28.45 -38.65 -27.57
CA GLU A 310 28.09 -40.05 -27.73
C GLU A 310 26.80 -40.47 -27.03
N MET A 311 26.04 -39.50 -26.54
CA MET A 311 24.73 -39.76 -25.96
C MET A 311 23.67 -38.91 -26.63
N PRO A 312 23.47 -39.11 -27.95
CA PRO A 312 22.57 -38.27 -28.72
C PRO A 312 21.10 -38.60 -28.45
N PHE A 313 20.82 -39.85 -28.10
CA PHE A 313 19.44 -40.25 -27.82
C PHE A 313 19.04 -39.86 -26.40
N ALA A 314 20.00 -39.94 -25.47
CA ALA A 314 19.76 -39.49 -24.10
C ALA A 314 19.38 -38.01 -24.11
N GLU A 315 20.14 -37.21 -24.83
CA GLU A 315 19.83 -35.79 -24.96
C GLU A 315 18.44 -35.61 -25.58
N GLN A 316 18.18 -36.34 -26.66
CA GLN A 316 16.87 -36.28 -27.30
C GLN A 316 15.77 -36.48 -26.27
N CYS A 317 15.96 -37.46 -25.40
CA CYS A 317 14.97 -37.76 -24.37
C CYS A 317 14.74 -36.56 -23.48
N ALA A 318 15.83 -35.96 -23.01
CA ALA A 318 15.75 -34.78 -22.15
C ALA A 318 15.11 -33.62 -22.88
N ARG A 319 15.54 -33.40 -24.12
CA ARG A 319 15.03 -32.32 -24.93
C ARG A 319 13.53 -32.48 -25.23
N GLU A 320 13.08 -33.71 -25.45
CA GLU A 320 11.67 -33.98 -25.69
C GLU A 320 10.83 -33.90 -24.42
N SER A 321 11.46 -34.13 -23.27
CA SER A 321 10.76 -33.98 -22.00
C SER A 321 10.41 -32.51 -21.77
N ILE A 322 11.32 -31.62 -22.18
CA ILE A 322 11.11 -30.19 -22.04
C ILE A 322 10.15 -29.69 -23.10
N ARG A 323 10.18 -30.34 -24.25
CA ARG A 323 9.27 -30.00 -25.34
C ARG A 323 7.83 -30.28 -24.92
N ARG A 324 7.63 -31.38 -24.20
CA ARG A 324 6.29 -31.77 -23.78
C ARG A 324 5.80 -30.98 -22.58
N ASP A 325 6.65 -30.82 -21.58
CA ASP A 325 6.29 -30.13 -20.36
C ASP A 325 7.37 -29.13 -19.96
N PRO A 326 7.47 -28.02 -20.69
CA PRO A 326 8.50 -27.01 -20.46
C PRO A 326 8.44 -26.46 -19.04
N PRO A 327 9.58 -26.48 -18.33
CA PRO A 327 9.69 -25.98 -16.97
C PRO A 327 9.34 -24.50 -16.90
N LEU A 328 9.85 -23.70 -17.83
CA LEU A 328 9.51 -22.29 -17.88
C LEU A 328 8.35 -22.07 -18.84
N VAL A 329 7.17 -21.84 -18.26
CA VAL A 329 5.93 -21.80 -19.01
C VAL A 329 5.62 -20.48 -19.71
N MET A 330 6.12 -19.37 -19.15
CA MET A 330 5.77 -18.04 -19.68
C MET A 330 6.94 -17.06 -19.69
N LEU A 331 7.51 -16.84 -20.87
CA LEU A 331 8.60 -15.87 -21.04
C LEU A 331 8.04 -14.50 -21.43
N MET A 332 8.42 -13.48 -20.68
CA MET A 332 7.82 -12.15 -20.83
C MET A 332 8.81 -11.03 -21.14
N ARG A 333 8.30 -9.96 -21.75
CA ARG A 333 9.10 -8.78 -22.03
C ARG A 333 8.20 -7.55 -21.94
N LYS A 334 8.80 -6.42 -21.60
CA LYS A 334 8.09 -5.15 -21.59
C LYS A 334 8.33 -4.48 -22.93
N VAL A 335 7.25 -4.11 -23.60
CA VAL A 335 7.35 -3.50 -24.92
C VAL A 335 7.60 -2.00 -24.81
N LEU A 336 8.81 -1.57 -25.15
CA LEU A 336 9.19 -0.17 -25.07
C LEU A 336 8.86 0.57 -26.36
N LYS A 337 9.05 -0.12 -27.48
CA LYS A 337 8.69 0.41 -28.79
C LYS A 337 7.83 -0.60 -29.56
N PRO A 338 6.77 -0.12 -30.22
CA PRO A 338 5.84 -0.97 -30.96
C PRO A 338 6.57 -2.00 -31.81
N VAL A 339 6.07 -3.22 -31.83
CA VAL A 339 6.68 -4.30 -32.61
C VAL A 339 5.70 -4.91 -33.60
N GLN A 340 6.10 -4.98 -34.86
CA GLN A 340 5.32 -5.70 -35.86
C GLN A 340 5.42 -7.20 -35.58
N VAL A 341 4.28 -7.82 -35.34
CA VAL A 341 4.22 -9.26 -35.12
C VAL A 341 3.18 -9.86 -36.06
N GLY A 342 3.59 -10.82 -36.89
CA GLY A 342 2.69 -11.32 -37.91
C GLY A 342 2.02 -10.11 -38.52
N LYS A 343 0.71 -10.19 -38.70
CA LYS A 343 -0.02 -9.05 -39.26
C LYS A 343 -0.18 -7.92 -38.24
N TYR A 344 -0.24 -8.27 -36.96
CA TYR A 344 -0.57 -7.30 -35.92
C TYR A 344 0.60 -6.41 -35.50
N VAL A 345 0.28 -5.40 -34.71
CA VAL A 345 1.28 -4.55 -34.07
C VAL A 345 1.00 -4.47 -32.57
N VAL A 346 2.02 -4.73 -31.77
CA VAL A 346 1.89 -4.67 -30.32
C VAL A 346 2.36 -3.33 -29.81
N PRO A 347 1.44 -2.54 -29.23
CA PRO A 347 1.73 -1.18 -28.79
C PRO A 347 2.65 -1.15 -27.57
N GLU A 348 3.40 -0.07 -27.42
CA GLU A 348 4.30 0.08 -26.29
C GLU A 348 3.50 0.12 -24.99
N GLY A 349 4.16 -0.21 -23.88
CA GLY A 349 3.50 -0.24 -22.59
C GLY A 349 2.83 -1.58 -22.35
N ASP A 350 2.75 -2.37 -23.41
CA ASP A 350 2.13 -3.69 -23.36
C ASP A 350 3.19 -4.71 -22.94
N ILE A 351 2.75 -5.76 -22.26
CA ILE A 351 3.64 -6.88 -21.96
C ILE A 351 3.50 -7.93 -23.06
N ILE A 352 4.60 -8.29 -23.69
CA ILE A 352 4.59 -9.31 -24.73
C ILE A 352 5.13 -10.62 -24.17
N ALA A 353 4.56 -11.74 -24.59
CA ALA A 353 4.96 -13.04 -24.05
C ALA A 353 5.05 -14.14 -25.10
N CYS A 354 6.00 -15.04 -24.88
CA CYS A 354 6.05 -16.30 -25.62
C CYS A 354 5.92 -17.43 -24.61
N SER A 355 4.90 -18.26 -24.78
CA SER A 355 4.67 -19.38 -23.88
C SER A 355 5.15 -20.68 -24.49
N PRO A 356 6.37 -21.14 -24.13
CA PRO A 356 6.84 -22.43 -24.57
C PRO A 356 5.74 -23.47 -24.38
N LEU A 357 5.08 -23.41 -23.23
CA LEU A 357 3.99 -24.33 -22.90
C LEU A 357 2.94 -24.40 -24.00
N LEU A 358 2.46 -23.24 -24.44
CA LEU A 358 1.49 -23.17 -25.52
C LEU A 358 2.10 -23.58 -26.86
N SER A 359 3.25 -22.98 -27.16
CA SER A 359 3.95 -23.23 -28.42
C SER A 359 4.27 -24.72 -28.63
N HIS A 360 4.66 -25.39 -27.56
CA HIS A 360 5.02 -26.80 -27.62
C HIS A 360 3.82 -27.72 -27.83
N GLN A 361 2.63 -27.15 -27.88
CA GLN A 361 1.42 -27.94 -28.09
C GLN A 361 0.88 -27.78 -29.51
N ASP A 362 1.44 -26.84 -30.25
CA ASP A 362 1.01 -26.60 -31.62
C ASP A 362 1.10 -27.89 -32.41
N GLU A 363 -0.01 -28.26 -33.04
CA GLU A 363 -0.12 -29.56 -33.70
C GLU A 363 0.57 -29.61 -35.06
N GLU A 364 0.75 -28.45 -35.69
CA GLU A 364 1.48 -28.39 -36.95
C GLU A 364 2.98 -28.55 -36.72
N ALA A 365 3.45 -28.03 -35.60
CA ALA A 365 4.87 -28.13 -35.25
C ALA A 365 5.15 -29.45 -34.57
N PHE A 366 4.32 -29.80 -33.59
CA PHE A 366 4.50 -31.03 -32.83
C PHE A 366 3.21 -31.86 -32.81
N PRO A 367 2.97 -32.63 -33.89
CA PRO A 367 1.77 -33.47 -33.97
C PRO A 367 1.71 -34.45 -32.81
N ASN A 368 0.49 -34.81 -32.40
CA ASN A 368 0.30 -35.69 -31.26
C ASN A 368 1.19 -35.21 -30.11
N PRO A 369 0.93 -33.97 -29.66
CA PRO A 369 1.79 -33.20 -28.75
C PRO A 369 1.86 -33.72 -27.33
N ARG A 370 0.82 -34.45 -26.89
CA ARG A 370 0.80 -34.99 -25.54
C ARG A 370 1.56 -36.30 -25.44
N GLU A 371 2.10 -36.75 -26.57
CA GLU A 371 2.92 -37.96 -26.59
C GLU A 371 4.39 -37.62 -26.44
N TRP A 372 5.04 -38.22 -25.45
CA TRP A 372 6.47 -38.09 -25.28
C TRP A 372 7.19 -38.91 -26.34
N ASN A 373 7.58 -38.27 -27.43
CA ASN A 373 8.27 -38.99 -28.49
C ASN A 373 9.67 -38.47 -28.82
N PRO A 374 10.69 -39.11 -28.24
CA PRO A 374 12.10 -38.78 -28.44
C PRO A 374 12.52 -38.84 -29.91
N GLU A 375 11.70 -39.47 -30.74
CA GLU A 375 12.05 -39.64 -32.15
C GLU A 375 11.53 -38.50 -32.99
N ARG A 376 10.64 -37.69 -32.42
CA ARG A 376 10.00 -36.61 -33.15
C ARG A 376 10.99 -35.57 -33.65
N ASN A 377 10.62 -34.90 -34.74
CA ASN A 377 11.43 -33.84 -35.31
C ASN A 377 11.11 -32.49 -34.66
N MET A 378 12.10 -31.91 -33.99
CA MET A 378 11.91 -30.64 -33.29
C MET A 378 11.88 -29.47 -34.27
N LYS A 379 12.55 -29.64 -35.40
CA LYS A 379 12.71 -28.56 -36.37
C LYS A 379 11.69 -28.65 -37.50
N LEU A 380 10.61 -29.39 -37.25
CA LEU A 380 9.52 -29.54 -38.23
C LEU A 380 9.04 -28.17 -38.69
N VAL A 381 8.93 -27.25 -37.73
CA VAL A 381 8.73 -25.85 -38.03
C VAL A 381 9.88 -25.10 -37.38
N ASP A 382 10.88 -24.73 -38.17
CA ASP A 382 12.07 -24.12 -37.61
C ASP A 382 11.71 -22.91 -36.74
N GLY A 383 12.01 -23.03 -35.44
CA GLY A 383 11.74 -21.95 -34.50
C GLY A 383 10.69 -22.30 -33.47
N ALA A 384 9.93 -23.36 -33.73
CA ALA A 384 8.80 -23.73 -32.88
C ALA A 384 9.22 -24.08 -31.47
N PHE A 385 10.34 -24.74 -31.33
CA PHE A 385 10.78 -25.16 -30.01
C PHE A 385 11.61 -24.08 -29.36
N CYS A 386 11.25 -23.67 -28.17
CA CYS A 386 12.02 -22.69 -27.48
C CYS A 386 12.12 -23.05 -26.05
N GLY A 387 12.60 -24.24 -25.78
CA GLY A 387 12.72 -24.72 -24.44
C GLY A 387 13.70 -23.92 -23.65
N PHE A 388 14.76 -23.53 -24.34
CA PHE A 388 15.85 -22.80 -23.75
C PHE A 388 15.86 -21.40 -24.21
N GLY A 389 14.72 -20.91 -24.62
CA GLY A 389 14.64 -19.53 -24.99
C GLY A 389 15.35 -19.40 -26.29
N ALA A 390 15.49 -18.18 -26.75
CA ALA A 390 16.14 -17.92 -27.99
C ALA A 390 16.63 -16.50 -27.98
N GLY A 391 17.35 -16.13 -29.01
CA GLY A 391 17.80 -14.78 -29.18
C GLY A 391 18.68 -14.17 -28.14
N VAL A 392 18.36 -12.95 -27.74
CA VAL A 392 19.25 -12.20 -26.86
C VAL A 392 19.39 -12.79 -25.46
N HIS A 393 18.33 -13.38 -24.95
CA HIS A 393 18.35 -13.89 -23.58
C HIS A 393 18.38 -15.41 -23.49
N LYS A 394 18.76 -16.07 -24.59
CA LYS A 394 18.75 -17.52 -24.64
C LYS A 394 19.51 -18.13 -23.47
N CYS A 395 19.02 -19.25 -22.97
CA CYS A 395 19.61 -19.90 -21.80
C CYS A 395 21.11 -20.09 -21.99
N ILE A 396 21.88 -19.81 -20.93
CA ILE A 396 23.32 -19.95 -20.98
C ILE A 396 23.79 -21.17 -20.18
N GLY A 397 22.85 -21.81 -19.49
CA GLY A 397 23.15 -23.03 -18.75
C GLY A 397 22.62 -24.28 -19.42
N GLU A 398 22.14 -24.15 -20.65
CA GLU A 398 21.64 -25.29 -21.42
C GLU A 398 22.64 -26.44 -21.41
N LYS A 399 23.85 -26.16 -21.88
CA LYS A 399 24.91 -27.16 -21.95
C LYS A 399 25.17 -27.81 -20.60
N PHE A 400 25.46 -26.99 -19.60
CA PHE A 400 25.71 -27.51 -18.26
C PHE A 400 24.53 -28.30 -17.74
N GLY A 401 23.32 -27.78 -17.97
CA GLY A 401 22.10 -28.45 -17.55
C GLY A 401 21.94 -29.80 -18.23
N LEU A 402 22.21 -29.83 -19.54
CA LEU A 402 22.09 -31.07 -20.28
C LEU A 402 23.14 -32.08 -19.85
N LEU A 403 24.34 -31.57 -19.54
CA LEU A 403 25.41 -32.40 -19.01
C LEU A 403 24.92 -33.20 -17.82
N GLN A 404 24.27 -32.52 -16.89
CA GLN A 404 23.75 -33.19 -15.69
C GLN A 404 22.66 -34.20 -16.04
N VAL A 405 21.54 -33.70 -16.56
CA VAL A 405 20.44 -34.56 -16.93
C VAL A 405 20.96 -35.82 -17.63
N LYS A 406 21.85 -35.62 -18.59
CA LYS A 406 22.39 -36.74 -19.37
C LYS A 406 23.26 -37.66 -18.51
N THR A 407 24.22 -37.09 -17.80
CA THR A 407 25.12 -37.88 -16.98
C THR A 407 24.35 -38.64 -15.89
N VAL A 408 23.35 -37.99 -15.32
CA VAL A 408 22.55 -38.61 -14.27
C VAL A 408 21.73 -39.78 -14.81
N LEU A 409 21.03 -39.56 -15.93
CA LEU A 409 20.25 -40.63 -16.54
C LEU A 409 21.11 -41.85 -16.81
N ALA A 410 22.32 -41.60 -17.29
CA ALA A 410 23.24 -42.66 -17.68
C ALA A 410 23.75 -43.46 -16.47
N THR A 411 23.79 -42.81 -15.32
CA THR A 411 24.26 -43.46 -14.10
C THR A 411 23.12 -44.25 -13.44
N VAL A 412 21.99 -43.59 -13.24
CA VAL A 412 20.83 -44.20 -12.60
C VAL A 412 20.35 -45.45 -13.34
N LEU A 413 20.20 -45.34 -14.65
CA LEU A 413 19.63 -46.43 -15.45
C LEU A 413 20.61 -47.57 -15.69
N ARG A 414 21.88 -47.35 -15.37
CA ARG A 414 22.88 -48.39 -15.50
C ARG A 414 22.78 -49.38 -14.34
N ASP A 415 22.20 -48.93 -13.24
CA ASP A 415 22.15 -49.74 -12.02
C ASP A 415 20.71 -50.03 -11.55
N TYR A 416 19.74 -49.38 -12.18
CA TYR A 416 18.37 -49.46 -11.67
C TYR A 416 17.29 -49.49 -12.76
N ASP A 417 16.15 -50.08 -12.40
CA ASP A 417 14.94 -50.03 -13.22
C ASP A 417 13.86 -49.33 -12.42
N PHE A 418 12.77 -48.94 -13.06
CA PHE A 418 11.69 -48.25 -12.37
C PHE A 418 10.31 -48.65 -12.88
N GLU A 419 9.34 -48.63 -11.97
CA GLU A 419 7.94 -48.84 -12.33
C GLU A 419 7.06 -47.79 -11.67
N LEU A 420 6.03 -47.35 -12.38
CA LEU A 420 5.09 -46.38 -11.83
C LEU A 420 4.20 -47.06 -10.80
N LEU A 421 3.53 -46.26 -9.98
CA LEU A 421 2.58 -46.78 -9.01
C LEU A 421 1.17 -46.33 -9.35
N GLY A 422 1.05 -45.61 -10.45
CA GLY A 422 -0.25 -45.13 -10.92
C GLY A 422 -0.11 -44.54 -12.30
N PRO A 423 -1.13 -43.78 -12.73
CA PRO A 423 -1.07 -43.10 -14.01
C PRO A 423 0.05 -42.08 -13.98
N LEU A 424 0.69 -41.89 -15.13
CA LEU A 424 1.79 -40.92 -15.23
C LEU A 424 1.37 -39.58 -14.64
N PRO A 425 2.25 -38.98 -13.83
CA PRO A 425 2.00 -37.69 -13.20
C PRO A 425 1.62 -36.62 -14.21
N GLU A 426 0.75 -35.70 -13.80
CA GLU A 426 0.33 -34.62 -14.67
C GLU A 426 0.96 -33.33 -14.13
N PRO A 427 1.42 -32.46 -15.05
CA PRO A 427 2.13 -31.26 -14.62
C PRO A 427 1.31 -30.43 -13.63
N ASN A 428 1.98 -29.88 -12.61
CA ASN A 428 1.34 -28.98 -11.66
C ASN A 428 1.72 -27.53 -11.96
N TYR A 429 0.80 -26.79 -12.55
CA TYR A 429 1.09 -25.45 -13.06
C TYR A 429 1.12 -24.34 -11.99
N HIS A 430 0.97 -24.70 -10.73
CA HIS A 430 0.85 -23.71 -9.67
C HIS A 430 2.18 -23.42 -8.97
N THR A 431 3.28 -23.59 -9.70
CA THR A 431 4.61 -23.29 -9.17
C THR A 431 5.41 -22.41 -10.14
N MET A 432 6.34 -21.65 -9.60
CA MET A 432 7.12 -20.73 -10.40
C MET A 432 7.80 -21.46 -11.56
N VAL A 433 8.41 -22.60 -11.25
CA VAL A 433 8.99 -23.46 -12.27
C VAL A 433 8.15 -24.74 -12.34
N VAL A 434 7.60 -25.03 -13.51
CA VAL A 434 6.58 -26.08 -13.62
C VAL A 434 7.15 -27.50 -13.74
N GLY A 435 6.76 -28.35 -12.81
CA GLY A 435 7.19 -29.76 -12.84
C GLY A 435 6.04 -30.74 -12.63
N PRO A 436 6.34 -32.01 -12.63
CA PRO A 436 5.32 -33.03 -12.47
C PRO A 436 4.76 -32.92 -11.09
N THR A 437 3.52 -33.34 -10.89
CA THR A 437 2.97 -33.21 -9.57
C THR A 437 3.74 -34.08 -8.62
N ALA A 438 4.27 -33.45 -7.59
CA ALA A 438 5.14 -34.10 -6.61
C ALA A 438 4.51 -35.31 -5.91
N SER A 439 3.25 -35.16 -5.51
CA SER A 439 2.56 -36.24 -4.80
C SER A 439 2.23 -37.43 -5.71
N GLN A 440 2.30 -37.21 -7.00
CA GLN A 440 1.97 -38.25 -7.93
C GLN A 440 3.27 -38.90 -8.27
N CYS A 441 4.30 -38.53 -7.55
CA CYS A 441 5.63 -38.97 -7.90
C CYS A 441 6.21 -40.18 -7.20
N ARG A 442 5.38 -40.93 -6.50
CA ARG A 442 5.86 -42.17 -5.91
C ARG A 442 6.23 -43.15 -6.99
N VAL A 443 7.35 -43.80 -6.79
CA VAL A 443 7.93 -44.71 -7.77
C VAL A 443 8.61 -45.91 -7.13
N LYS A 444 8.59 -47.04 -7.85
CA LYS A 444 9.26 -48.26 -7.42
C LYS A 444 10.58 -48.41 -8.16
N TYR A 445 11.65 -48.68 -7.42
CA TYR A 445 12.96 -48.87 -8.04
C TYR A 445 13.41 -50.32 -7.95
N ILE A 446 14.28 -50.73 -8.87
CA ILE A 446 14.80 -52.10 -8.90
C ILE A 446 16.32 -52.13 -9.10
N LYS A 447 16.99 -52.89 -8.25
CA LYS A 447 18.42 -53.13 -8.39
C LYS A 447 18.67 -54.01 -9.61
N LYS A 448 19.61 -53.60 -10.46
CA LYS A 448 19.95 -54.39 -11.64
C LYS A 448 20.99 -55.47 -11.32
N LYS A 449 20.87 -56.61 -11.99
CA LYS A 449 21.77 -57.73 -11.79
C LYS A 449 21.00 -59.05 -11.73
N LYS B 1 -14.65 8.92 36.60
CA LYS B 1 -14.52 7.74 37.51
C LYS B 1 -13.28 6.92 37.14
N GLY B 2 -12.46 7.47 36.24
CA GLY B 2 -11.24 6.80 35.80
C GLY B 2 -10.41 7.69 34.90
N LYS B 3 -9.12 7.38 34.77
CA LYS B 3 -8.21 8.20 33.98
C LYS B 3 -7.59 7.41 32.83
N LEU B 4 -7.40 8.07 31.70
CA LEU B 4 -6.84 7.42 30.50
C LEU B 4 -5.32 7.40 30.51
N PRO B 5 -4.75 6.22 30.23
CA PRO B 5 -3.29 6.07 30.16
C PRO B 5 -2.71 7.08 29.18
N PRO B 6 -1.48 7.54 29.43
CA PRO B 6 -0.81 8.49 28.54
C PRO B 6 -0.59 7.93 27.14
N VAL B 7 -0.74 8.79 26.13
CA VAL B 7 -0.45 8.41 24.75
C VAL B 7 0.93 8.91 24.37
N VAL B 8 1.77 8.01 23.85
CA VAL B 8 3.14 8.36 23.51
C VAL B 8 3.20 9.41 22.40
N HIS B 9 4.12 10.36 22.53
CA HIS B 9 4.22 11.49 21.61
C HIS B 9 4.72 11.09 20.22
N GLY B 10 4.85 12.10 19.35
CA GLY B 10 5.42 11.90 18.03
C GLY B 10 4.69 10.89 17.17
N THR B 11 3.45 11.19 16.83
CA THR B 11 2.64 10.30 16.00
C THR B 11 2.55 10.79 14.56
N THR B 12 3.01 9.97 13.62
CA THR B 12 2.91 10.29 12.21
C THR B 12 1.44 10.26 11.77
N PRO B 13 1.06 11.21 10.88
CA PRO B 13 -0.32 11.51 10.50
C PRO B 13 -1.26 10.31 10.47
N PHE B 14 -0.95 9.30 9.66
CA PHE B 14 -1.90 8.20 9.45
C PHE B 14 -1.32 6.83 9.82
N VAL B 15 -0.01 6.74 9.94
CA VAL B 15 0.64 5.47 10.28
C VAL B 15 0.94 5.36 11.77
N GLY B 16 0.69 6.44 12.50
CA GLY B 16 0.91 6.46 13.95
C GLY B 16 2.36 6.22 14.34
N HIS B 17 2.56 5.27 15.26
CA HIS B 17 3.90 4.90 15.70
C HIS B 17 4.38 3.66 14.94
N ILE B 18 3.64 3.28 13.90
CA ILE B 18 3.88 2.01 13.22
C ILE B 18 5.29 1.88 12.64
N ILE B 19 5.78 2.92 11.99
CA ILE B 19 7.13 2.92 11.44
C ILE B 19 8.19 2.87 12.55
N GLN B 20 8.01 3.70 13.56
CA GLN B 20 8.93 3.75 14.70
C GLN B 20 8.90 2.43 15.46
N PHE B 21 7.70 1.91 15.67
CA PHE B 21 7.50 0.66 16.39
C PHE B 21 8.19 -0.49 15.65
N GLY B 22 7.88 -0.62 14.36
CA GLY B 22 8.45 -1.67 13.52
C GLY B 22 9.96 -1.77 13.58
N LYS B 23 10.63 -0.62 13.54
CA LYS B 23 12.09 -0.58 13.62
C LYS B 23 12.60 -1.43 14.79
N ASP B 24 12.32 -0.97 16.01
CA ASP B 24 12.77 -1.67 17.21
C ASP B 24 11.69 -1.66 18.28
N PRO B 25 10.75 -2.62 18.20
CA PRO B 25 9.66 -2.69 19.17
C PRO B 25 10.18 -2.61 20.61
N LEU B 26 11.08 -3.53 20.96
CA LEU B 26 11.62 -3.59 22.32
C LEU B 26 12.08 -2.22 22.80
N GLY B 27 12.94 -1.59 22.02
CA GLY B 27 13.43 -0.25 22.33
C GLY B 27 12.29 0.72 22.52
N PHE B 28 11.48 0.87 21.48
CA PHE B 28 10.35 1.79 21.53
C PHE B 28 9.59 1.64 22.84
N MET B 29 9.14 0.43 23.13
CA MET B 29 8.38 0.18 24.35
C MET B 29 9.20 0.50 25.59
N LEU B 30 10.43 -0.01 25.66
CA LEU B 30 11.33 0.30 26.77
C LEU B 30 11.39 1.80 27.05
N LYS B 31 11.67 2.58 26.01
CA LYS B 31 11.75 4.03 26.14
C LYS B 31 10.40 4.62 26.56
N ALA B 32 9.33 4.13 25.95
CA ALA B 32 8.00 4.56 26.31
C ALA B 32 7.73 4.28 27.79
N LYS B 33 7.98 3.04 28.21
CA LYS B 33 7.75 2.67 29.59
C LYS B 33 8.49 3.61 30.52
N LYS B 34 9.69 3.98 30.12
CA LYS B 34 10.52 4.87 30.91
C LYS B 34 9.86 6.24 31.01
N LYS B 35 9.66 6.87 29.85
CA LYS B 35 9.10 8.22 29.80
C LYS B 35 7.72 8.35 30.43
N TYR B 36 6.88 7.34 30.25
CA TYR B 36 5.48 7.44 30.65
C TYR B 36 5.05 6.48 31.75
N GLY B 37 5.78 5.38 31.94
CA GLY B 37 5.40 4.37 32.91
C GLY B 37 4.91 3.07 32.28
N GLY B 38 4.57 2.11 33.13
CA GLY B 38 4.20 0.77 32.68
C GLY B 38 2.97 0.71 31.80
N ILE B 39 2.01 1.60 32.03
CA ILE B 39 0.77 1.60 31.27
C ILE B 39 0.71 2.76 30.27
N PHE B 40 1.04 2.49 29.02
CA PHE B 40 0.98 3.54 27.99
C PHE B 40 0.19 3.08 26.75
N THR B 41 -0.09 4.03 25.86
CA THR B 41 -0.94 3.78 24.70
C THR B 41 -0.26 4.18 23.39
N MET B 42 -0.03 3.19 22.53
CA MET B 42 0.52 3.43 21.21
C MET B 42 -0.61 3.64 20.21
N ASN B 43 -0.30 4.34 19.12
CA ASN B 43 -1.25 4.51 18.03
C ASN B 43 -0.73 3.85 16.77
N ILE B 44 -1.38 2.76 16.36
CA ILE B 44 -0.97 2.02 15.17
C ILE B 44 -2.00 2.17 14.05
N CYS B 45 -1.77 3.10 13.16
CA CYS B 45 -2.69 3.36 12.05
C CYS B 45 -4.11 3.62 12.58
N GLY B 46 -4.24 4.58 13.48
CA GLY B 46 -5.53 4.95 14.03
C GLY B 46 -6.00 4.02 15.13
N ASN B 47 -5.24 2.96 15.38
CA ASN B 47 -5.59 2.01 16.43
C ASN B 47 -4.89 2.28 17.75
N ARG B 48 -5.68 2.43 18.81
CA ARG B 48 -5.14 2.58 20.16
C ARG B 48 -4.89 1.23 20.78
N ILE B 49 -3.64 0.94 21.09
CA ILE B 49 -3.30 -0.25 21.85
C ILE B 49 -2.61 0.13 23.13
N THR B 50 -3.22 -0.24 24.26
CA THR B 50 -2.67 0.07 25.57
C THR B 50 -1.94 -1.14 26.13
N VAL B 51 -0.65 -0.97 26.40
CA VAL B 51 0.16 -2.08 26.90
C VAL B 51 0.28 -2.04 28.42
N VAL B 52 0.01 -3.18 29.05
CA VAL B 52 0.19 -3.32 30.48
C VAL B 52 1.66 -3.59 30.75
N GLY B 53 2.45 -2.52 30.75
CA GLY B 53 3.89 -2.62 30.98
C GLY B 53 4.24 -2.76 32.45
N ASP B 54 3.28 -2.41 33.31
CA ASP B 54 3.50 -2.53 34.75
C ASP B 54 3.40 -3.99 35.17
N VAL B 55 4.55 -4.61 35.40
CA VAL B 55 4.62 -6.04 35.64
C VAL B 55 3.84 -6.45 36.89
N HIS B 56 3.26 -5.46 37.58
CA HIS B 56 2.49 -5.72 38.79
C HIS B 56 0.99 -5.83 38.49
N GLN B 57 0.59 -5.52 37.27
CA GLN B 57 -0.82 -5.47 36.91
C GLN B 57 -1.21 -6.54 35.89
N HIS B 58 -0.25 -7.42 35.57
CA HIS B 58 -0.47 -8.49 34.60
C HIS B 58 -1.80 -9.21 34.79
N SER B 59 -2.22 -9.39 36.04
CA SER B 59 -3.44 -10.12 36.36
C SER B 59 -4.68 -9.44 35.78
N LYS B 60 -4.61 -8.14 35.60
CA LYS B 60 -5.73 -7.37 35.07
C LYS B 60 -5.90 -7.58 33.56
N PHE B 61 -4.96 -8.29 32.95
CA PHE B 61 -5.04 -8.59 31.52
C PHE B 61 -5.36 -10.05 31.26
N PHE B 62 -4.79 -10.94 32.06
CA PHE B 62 -4.96 -12.38 31.87
C PHE B 62 -6.22 -12.91 32.54
N THR B 63 -6.75 -12.17 33.50
CA THR B 63 -7.87 -12.64 34.33
C THR B 63 -9.26 -12.46 33.70
N PRO B 64 -9.61 -11.21 33.35
CA PRO B 64 -10.95 -10.87 32.90
C PRO B 64 -11.58 -11.91 31.98
N ARG B 65 -12.90 -12.06 32.07
CA ARG B 65 -13.63 -12.99 31.23
C ARG B 65 -13.67 -12.47 29.80
N ASN B 66 -13.95 -13.35 28.84
CA ASN B 66 -13.95 -12.98 27.43
C ASN B 66 -14.87 -11.80 27.10
N GLU B 67 -16.04 -11.76 27.72
CA GLU B 67 -16.98 -10.67 27.50
C GLU B 67 -16.30 -9.32 27.72
N ILE B 68 -15.40 -9.25 28.69
CA ILE B 68 -14.66 -8.02 28.93
C ILE B 68 -13.49 -7.90 27.95
N LEU B 69 -12.59 -8.86 27.99
CA LEU B 69 -11.45 -8.88 27.08
C LEU B 69 -11.53 -10.06 26.12
N SER B 70 -11.63 -9.76 24.83
CA SER B 70 -11.87 -10.77 23.81
C SER B 70 -10.70 -10.91 22.86
N PRO B 71 -10.38 -12.16 22.48
CA PRO B 71 -9.30 -12.49 21.54
C PRO B 71 -9.77 -12.70 20.11
N ARG B 72 -11.09 -12.77 19.90
CA ARG B 72 -11.64 -13.05 18.57
C ARG B 72 -11.14 -12.14 17.45
N GLU B 73 -11.45 -10.86 17.55
CA GLU B 73 -11.13 -9.91 16.48
C GLU B 73 -9.62 -9.76 16.35
N VAL B 74 -8.91 -9.79 17.47
CA VAL B 74 -7.46 -9.65 17.48
C VAL B 74 -6.75 -10.82 16.80
N TYR B 75 -7.35 -12.00 16.87
CA TYR B 75 -6.73 -13.21 16.31
C TYR B 75 -7.38 -13.69 15.01
N SER B 76 -8.19 -12.84 14.40
CA SER B 76 -8.89 -13.21 13.18
C SER B 76 -7.92 -13.36 12.00
N PHE B 77 -6.69 -12.93 12.18
CA PHE B 77 -5.71 -12.99 11.09
C PHE B 77 -5.18 -14.42 10.90
N MET B 78 -5.58 -15.31 11.79
CA MET B 78 -5.22 -16.72 11.66
C MET B 78 -6.35 -17.55 11.06
N VAL B 79 -7.48 -16.90 10.78
CA VAL B 79 -8.65 -17.58 10.25
C VAL B 79 -8.35 -18.41 9.00
N PRO B 80 -7.50 -17.89 8.10
CA PRO B 80 -7.16 -18.62 6.89
C PRO B 80 -6.50 -19.95 7.21
N VAL B 81 -5.88 -20.04 8.38
CA VAL B 81 -5.16 -21.23 8.79
C VAL B 81 -6.01 -22.20 9.60
N PHE B 82 -6.64 -21.71 10.66
CA PHE B 82 -7.57 -22.53 11.43
C PHE B 82 -8.83 -22.79 10.62
N GLY B 83 -9.36 -21.74 10.00
CA GLY B 83 -10.56 -21.83 9.19
C GLY B 83 -11.73 -21.07 9.78
N GLU B 84 -12.71 -20.75 8.93
CA GLU B 84 -13.92 -20.07 9.37
C GLU B 84 -14.55 -20.81 10.55
N GLY B 85 -15.02 -20.07 11.54
CA GLY B 85 -15.74 -20.66 12.67
C GLY B 85 -14.99 -21.70 13.48
N VAL B 86 -13.68 -21.61 13.49
CA VAL B 86 -12.88 -22.53 14.28
C VAL B 86 -12.04 -21.80 15.27
N ALA B 87 -11.89 -22.37 16.44
CA ALA B 87 -11.09 -21.73 17.43
C ALA B 87 -11.63 -20.34 17.64
N TYR B 88 -10.76 -19.36 17.68
CA TYR B 88 -11.16 -18.02 18.07
C TYR B 88 -12.21 -17.46 17.11
N ALA B 89 -12.13 -17.86 15.85
CA ALA B 89 -13.12 -17.47 14.86
C ALA B 89 -14.52 -17.94 15.27
N ALA B 90 -14.57 -18.87 16.22
CA ALA B 90 -15.83 -19.45 16.67
C ALA B 90 -16.40 -18.72 17.88
N PRO B 91 -17.66 -19.01 18.18
CA PRO B 91 -18.36 -18.47 19.34
C PRO B 91 -17.72 -19.03 20.59
N TYR B 92 -17.65 -18.24 21.65
CA TYR B 92 -16.78 -18.58 22.73
C TYR B 92 -17.06 -19.93 23.30
N PRO B 93 -18.31 -20.22 23.55
CA PRO B 93 -18.65 -21.50 24.16
C PRO B 93 -18.19 -22.55 23.21
N ARG B 94 -18.43 -22.33 21.94
CA ARG B 94 -17.95 -23.24 20.91
C ARG B 94 -16.43 -23.29 20.94
N MET B 95 -15.81 -22.11 21.00
CA MET B 95 -14.36 -21.99 21.05
C MET B 95 -13.78 -22.76 22.23
N ARG B 96 -14.30 -22.48 23.42
CA ARG B 96 -13.82 -23.07 24.65
C ARG B 96 -13.76 -24.58 24.57
N GLU B 97 -14.85 -25.20 24.14
CA GLU B 97 -14.93 -26.65 24.04
C GLU B 97 -13.88 -27.21 23.09
N GLN B 98 -13.60 -26.47 22.01
CA GLN B 98 -12.62 -26.90 21.03
C GLN B 98 -11.20 -26.86 21.60
N LEU B 99 -10.87 -25.78 22.31
CA LEU B 99 -9.60 -25.69 23.01
C LEU B 99 -9.53 -26.77 24.09
N ASN B 100 -10.62 -26.94 24.83
CA ASN B 100 -10.70 -27.99 25.83
C ASN B 100 -10.41 -29.35 25.20
N PHE B 101 -11.02 -29.62 24.05
CA PHE B 101 -10.84 -30.89 23.37
C PHE B 101 -9.37 -31.10 23.02
N LEU B 102 -8.68 -30.01 22.69
CA LEU B 102 -7.25 -30.08 22.39
C LEU B 102 -6.45 -30.22 23.68
N ALA B 103 -6.91 -29.55 24.74
CA ALA B 103 -6.21 -29.58 26.01
C ALA B 103 -6.10 -31.00 26.56
N GLU B 104 -7.23 -31.70 26.64
CA GLU B 104 -7.25 -33.06 27.15
C GLU B 104 -6.47 -34.03 26.27
N GLU B 105 -6.11 -33.57 25.07
CA GLU B 105 -5.32 -34.39 24.15
C GLU B 105 -3.83 -34.13 24.32
N LEU B 106 -3.49 -33.17 25.17
CA LEU B 106 -2.10 -32.80 25.38
C LEU B 106 -1.70 -32.87 26.87
N THR B 107 -2.51 -33.55 27.67
CA THR B 107 -2.20 -33.71 29.09
C THR B 107 -1.06 -34.71 29.28
N VAL B 108 -0.51 -34.74 30.50
CA VAL B 108 0.69 -35.55 30.78
C VAL B 108 0.42 -37.05 30.77
N ALA B 109 -0.84 -37.44 30.92
CA ALA B 109 -1.19 -38.85 30.96
C ALA B 109 -1.04 -39.52 29.60
N LYS B 110 -0.92 -38.70 28.55
CA LYS B 110 -0.84 -39.21 27.19
C LYS B 110 0.59 -39.32 26.68
N PHE B 111 1.56 -39.33 27.58
CA PHE B 111 2.96 -39.17 27.18
C PHE B 111 3.86 -40.40 27.34
N GLN B 112 3.31 -41.54 27.79
CA GLN B 112 4.15 -42.70 28.11
C GLN B 112 5.26 -42.95 27.08
N ASN B 113 4.90 -43.12 25.81
CA ASN B 113 5.88 -43.43 24.77
C ASN B 113 6.27 -42.22 23.91
N PHE B 114 6.06 -41.02 24.45
CA PHE B 114 6.47 -39.80 23.79
C PHE B 114 7.98 -39.61 23.87
N ALA B 115 8.52 -39.74 25.09
CA ALA B 115 9.94 -39.55 25.32
C ALA B 115 10.78 -40.41 24.39
N PRO B 116 10.49 -41.72 24.32
CA PRO B 116 11.23 -42.64 23.46
C PRO B 116 11.14 -42.25 21.99
N SER B 117 9.95 -41.87 21.55
CA SER B 117 9.74 -41.47 20.16
C SER B 117 10.53 -40.20 19.84
N ILE B 118 10.54 -39.25 20.76
CA ILE B 118 11.29 -38.03 20.57
C ILE B 118 12.76 -38.34 20.33
N GLN B 119 13.36 -39.10 21.25
CA GLN B 119 14.76 -39.48 21.14
C GLN B 119 15.07 -40.13 19.79
N HIS B 120 14.16 -40.99 19.33
CA HIS B 120 14.37 -41.71 18.08
C HIS B 120 14.55 -40.77 16.88
N GLU B 121 13.65 -39.79 16.76
CA GLU B 121 13.71 -38.85 15.64
C GLU B 121 14.94 -37.95 15.73
N VAL B 122 15.28 -37.55 16.95
CA VAL B 122 16.43 -36.68 17.16
C VAL B 122 17.72 -37.36 16.74
N ARG B 123 17.88 -38.63 17.11
CA ARG B 123 19.06 -39.40 16.76
C ARG B 123 19.12 -39.75 15.27
N LYS B 124 18.00 -40.21 14.72
CA LYS B 124 17.91 -40.51 13.30
C LYS B 124 18.39 -39.34 12.45
N PHE B 125 18.05 -38.13 12.88
CA PHE B 125 18.42 -36.91 12.17
C PHE B 125 19.90 -36.55 12.36
N MET B 126 20.39 -36.70 13.59
CA MET B 126 21.79 -36.40 13.88
C MET B 126 22.73 -37.31 13.10
N LYS B 127 22.48 -38.63 13.17
CA LYS B 127 23.32 -39.59 12.46
C LYS B 127 23.13 -39.47 10.96
N ALA B 128 22.00 -38.91 10.55
CA ALA B 128 21.71 -38.71 9.14
C ALA B 128 22.34 -37.42 8.64
N ASN B 129 22.40 -36.42 9.51
CA ASN B 129 22.82 -35.08 9.08
C ASN B 129 24.09 -34.54 9.73
N TRP B 130 24.40 -34.99 10.95
CA TRP B 130 25.69 -34.66 11.57
C TRP B 130 26.68 -35.81 11.72
N ASN B 131 26.73 -36.68 10.72
CA ASN B 131 27.59 -37.85 10.80
C ASN B 131 29.10 -37.69 10.62
N LYS B 132 29.55 -36.45 10.61
CA LYS B 132 30.98 -36.16 10.49
C LYS B 132 31.61 -35.84 11.85
N ASP B 133 32.94 -35.89 11.92
CA ASP B 133 33.65 -35.60 13.15
C ASP B 133 33.29 -34.21 13.66
N GLU B 134 33.15 -33.27 12.73
CA GLU B 134 32.67 -31.94 13.04
C GLU B 134 32.12 -31.30 11.76
N GLY B 135 31.16 -30.39 11.91
CA GLY B 135 30.56 -29.76 10.75
C GLY B 135 29.90 -28.42 11.04
N GLU B 136 29.60 -27.69 9.97
CA GLU B 136 28.95 -26.38 10.06
C GLU B 136 27.48 -26.49 9.67
N ILE B 137 26.60 -26.08 10.57
CA ILE B 137 25.17 -26.16 10.34
C ILE B 137 24.42 -24.95 10.88
N ASN B 138 23.20 -24.74 10.41
CA ASN B 138 22.32 -23.71 10.95
C ASN B 138 21.42 -24.32 12.01
N ILE B 139 21.84 -24.18 13.27
CA ILE B 139 21.19 -24.85 14.38
C ILE B 139 19.68 -24.57 14.43
N LEU B 140 19.27 -23.44 13.85
CA LEU B 140 17.85 -23.06 13.86
C LEU B 140 17.04 -23.97 12.93
N ASP B 141 17.48 -24.07 11.67
CA ASP B 141 16.85 -24.95 10.70
C ASP B 141 16.80 -26.38 11.19
N ASP B 142 17.93 -26.88 11.68
CA ASP B 142 18.02 -28.28 12.09
C ASP B 142 17.11 -28.59 13.28
N CYS B 143 16.97 -27.65 14.20
CA CYS B 143 16.08 -27.86 15.35
C CYS B 143 14.64 -27.81 14.88
N SER B 144 14.40 -26.93 13.91
CA SER B 144 13.10 -26.83 13.28
C SER B 144 12.70 -28.19 12.72
N ALA B 145 13.60 -28.78 11.94
CA ALA B 145 13.37 -30.08 11.32
C ALA B 145 13.14 -31.17 12.36
N MET B 146 13.98 -31.23 13.38
CA MET B 146 13.82 -32.24 14.41
C MET B 146 12.50 -32.07 15.14
N ILE B 147 12.15 -30.81 15.43
CA ILE B 147 10.94 -30.50 16.18
C ILE B 147 9.68 -30.93 15.44
N ILE B 148 9.63 -30.66 14.14
CA ILE B 148 8.48 -31.04 13.33
C ILE B 148 8.40 -32.56 13.24
N ASN B 149 9.55 -33.21 13.16
CA ASN B 149 9.60 -34.67 13.13
C ASN B 149 9.05 -35.28 14.41
N THR B 150 9.61 -34.88 15.55
CA THR B 150 9.20 -35.46 16.83
C THR B 150 7.70 -35.23 17.07
N ALA B 151 7.24 -34.00 16.86
CA ALA B 151 5.84 -33.66 17.08
C ALA B 151 4.92 -34.64 16.36
N CYS B 152 5.11 -34.77 15.05
CA CYS B 152 4.31 -35.71 14.26
C CYS B 152 4.37 -37.11 14.84
N GLN B 153 5.59 -37.61 15.01
CA GLN B 153 5.80 -38.94 15.58
C GLN B 153 4.97 -39.15 16.84
N CYS B 154 4.80 -38.08 17.62
CA CYS B 154 4.14 -38.18 18.92
C CYS B 154 2.62 -38.06 18.86
N LEU B 155 2.11 -37.33 17.87
CA LEU B 155 0.67 -37.05 17.81
C LEU B 155 -0.04 -37.80 16.67
N PHE B 156 0.70 -38.20 15.66
CA PHE B 156 0.11 -38.92 14.52
C PHE B 156 0.36 -40.42 14.62
N GLY B 157 -0.68 -41.20 14.36
CA GLY B 157 -0.56 -42.65 14.30
C GLY B 157 0.15 -43.10 13.04
N GLU B 158 0.68 -44.32 13.07
CA GLU B 158 1.44 -44.85 11.94
C GLU B 158 0.69 -44.70 10.62
N ASP B 159 -0.55 -45.18 10.59
CA ASP B 159 -1.35 -45.16 9.36
C ASP B 159 -1.43 -43.77 8.74
N LEU B 160 -1.32 -42.74 9.58
CA LEU B 160 -1.32 -41.37 9.09
C LEU B 160 0.03 -41.01 8.49
N ARG B 161 1.10 -41.22 9.25
CA ARG B 161 2.44 -40.91 8.79
C ARG B 161 2.79 -41.69 7.52
N LYS B 162 2.09 -42.80 7.31
CA LYS B 162 2.21 -43.55 6.07
C LYS B 162 1.71 -42.67 4.92
N ARG B 163 0.45 -42.27 5.05
CA ARG B 163 -0.16 -41.39 4.10
C ARG B 163 0.51 -40.04 4.16
N LEU B 164 0.87 -39.59 5.35
CA LEU B 164 1.53 -38.31 5.48
C LEU B 164 2.80 -38.40 6.28
N ASP B 165 3.92 -37.95 5.73
CA ASP B 165 5.13 -37.89 6.54
C ASP B 165 5.42 -36.47 7.02
N ALA B 166 6.36 -36.35 7.97
CA ALA B 166 6.69 -35.06 8.56
C ALA B 166 7.26 -34.09 7.53
N ARG B 167 7.80 -34.63 6.43
CA ARG B 167 8.36 -33.80 5.38
C ARG B 167 7.23 -33.21 4.53
N GLN B 168 6.27 -34.05 4.18
CA GLN B 168 5.11 -33.62 3.39
C GLN B 168 4.24 -32.67 4.21
N PHE B 169 4.01 -33.02 5.48
CA PHE B 169 3.20 -32.17 6.34
C PHE B 169 3.80 -30.78 6.48
N ALA B 170 5.07 -30.71 6.85
CA ALA B 170 5.77 -29.43 6.99
C ALA B 170 5.60 -28.62 5.72
N GLN B 171 5.51 -29.31 4.59
CA GLN B 171 5.33 -28.67 3.30
C GLN B 171 3.96 -27.99 3.21
N LEU B 172 2.97 -28.57 3.88
CA LEU B 172 1.63 -28.01 3.91
C LEU B 172 1.56 -26.85 4.90
N LEU B 173 2.10 -27.06 6.10
CA LEU B 173 2.24 -25.96 7.07
C LEU B 173 2.85 -24.73 6.42
N ALA B 174 3.91 -24.94 5.65
CA ALA B 174 4.56 -23.83 4.97
C ALA B 174 3.55 -23.12 4.08
N LYS B 175 2.96 -23.87 3.15
CA LYS B 175 1.97 -23.35 2.24
C LYS B 175 0.90 -22.53 2.97
N MET B 176 0.38 -23.07 4.06
CA MET B 176 -0.66 -22.40 4.82
C MET B 176 -0.14 -21.16 5.54
N GLU B 177 1.04 -21.28 6.14
CA GLU B 177 1.64 -20.20 6.90
C GLU B 177 1.98 -18.98 6.04
N SER B 178 2.10 -19.20 4.74
CA SER B 178 2.47 -18.12 3.83
C SER B 178 1.40 -17.04 3.79
N CYS B 179 0.28 -17.30 4.44
CA CYS B 179 -0.83 -16.35 4.47
C CYS B 179 -0.94 -15.67 5.82
N LEU B 180 -0.23 -16.19 6.80
CA LEU B 180 -0.21 -15.57 8.11
C LEU B 180 0.55 -14.25 8.04
N ILE B 181 -0.19 -13.15 7.97
CA ILE B 181 0.39 -11.82 7.89
C ILE B 181 0.04 -11.04 9.15
N PRO B 182 0.90 -11.12 10.17
CA PRO B 182 0.65 -10.54 11.49
C PRO B 182 0.13 -9.11 11.42
N ALA B 183 0.78 -8.28 10.60
CA ALA B 183 0.36 -6.89 10.43
C ALA B 183 -1.14 -6.78 10.17
N ALA B 184 -1.73 -7.86 9.66
CA ALA B 184 -3.16 -7.86 9.35
C ALA B 184 -4.00 -7.51 10.58
N VAL B 185 -3.37 -7.56 11.74
CA VAL B 185 -4.04 -7.22 13.01
C VAL B 185 -4.43 -5.75 13.04
N PHE B 186 -3.55 -4.89 12.55
CA PHE B 186 -3.83 -3.45 12.54
C PHE B 186 -4.38 -3.03 11.19
N LEU B 187 -4.04 -3.79 10.16
CA LEU B 187 -4.49 -3.48 8.80
C LEU B 187 -5.29 -4.65 8.22
N PRO B 188 -6.50 -4.88 8.74
CA PRO B 188 -7.39 -5.95 8.32
C PRO B 188 -7.65 -5.97 6.82
N TRP B 189 -8.02 -4.83 6.25
CA TRP B 189 -8.28 -4.74 4.81
C TRP B 189 -7.22 -5.49 4.04
N ILE B 190 -6.05 -5.65 4.66
CA ILE B 190 -4.94 -6.33 4.03
C ILE B 190 -5.36 -7.73 3.60
N LEU B 191 -6.12 -8.39 4.46
CA LEU B 191 -6.56 -9.76 4.21
C LEU B 191 -7.65 -9.84 3.15
N LYS B 192 -8.03 -8.69 2.59
CA LYS B 192 -9.06 -8.66 1.56
C LYS B 192 -8.46 -8.41 0.19
N LEU B 193 -7.14 -8.28 0.13
CA LEU B 193 -6.46 -7.99 -1.13
C LEU B 193 -6.28 -9.23 -1.99
N PRO B 194 -6.36 -9.07 -3.31
CA PRO B 194 -6.14 -10.22 -4.18
C PRO B 194 -4.71 -10.73 -4.06
N LEU B 195 -4.42 -11.47 -3.00
CA LEU B 195 -3.09 -12.02 -2.79
C LEU B 195 -3.05 -13.51 -3.15
N PRO B 196 -2.05 -13.92 -3.93
CA PRO B 196 -1.88 -15.31 -4.30
C PRO B 196 -1.61 -16.22 -3.11
N GLN B 197 -1.10 -15.63 -2.02
CA GLN B 197 -0.78 -16.39 -0.81
C GLN B 197 -2.02 -17.04 -0.18
N SER B 198 -3.17 -16.39 -0.33
CA SER B 198 -4.40 -16.85 0.28
C SER B 198 -5.01 -18.00 -0.52
N TYR B 199 -4.72 -18.03 -1.82
CA TYR B 199 -5.13 -19.15 -2.66
C TYR B 199 -4.26 -20.36 -2.35
N ARG B 200 -2.96 -20.15 -2.22
CA ARG B 200 -2.04 -21.23 -1.89
C ARG B 200 -2.39 -21.85 -0.55
N CYS B 201 -3.02 -21.05 0.30
CA CYS B 201 -3.39 -21.50 1.63
C CYS B 201 -4.70 -22.30 1.60
N ARG B 202 -5.70 -21.79 0.90
CA ARG B 202 -6.94 -22.54 0.71
C ARG B 202 -6.60 -23.94 0.24
N ASP B 203 -5.64 -24.04 -0.67
CA ASP B 203 -5.32 -25.30 -1.32
C ASP B 203 -4.51 -26.25 -0.46
N ALA B 204 -3.74 -25.70 0.48
CA ALA B 204 -2.94 -26.52 1.38
C ALA B 204 -3.83 -27.16 2.44
N ARG B 205 -4.80 -26.39 2.93
CA ARG B 205 -5.67 -26.83 4.01
C ARG B 205 -6.73 -27.79 3.48
N ALA B 206 -7.21 -27.53 2.26
CA ALA B 206 -8.17 -28.41 1.62
C ALA B 206 -7.52 -29.73 1.26
N GLU B 207 -6.21 -29.68 0.96
CA GLU B 207 -5.47 -30.89 0.63
C GLU B 207 -5.20 -31.70 1.89
N LEU B 208 -4.90 -31.01 2.99
CA LEU B 208 -4.67 -31.69 4.26
C LEU B 208 -5.98 -32.32 4.75
N GLN B 209 -7.07 -31.57 4.60
CA GLN B 209 -8.38 -32.07 5.03
C GLN B 209 -8.75 -33.34 4.32
N ASP B 210 -8.52 -33.37 3.01
CA ASP B 210 -8.82 -34.54 2.19
C ASP B 210 -8.00 -35.74 2.66
N ILE B 211 -6.72 -35.50 2.93
CA ILE B 211 -5.84 -36.54 3.44
C ILE B 211 -6.39 -37.11 4.73
N LEU B 212 -6.67 -36.22 5.69
CA LEU B 212 -7.25 -36.64 6.96
C LEU B 212 -8.53 -37.43 6.73
N SER B 213 -9.39 -36.93 5.84
CA SER B 213 -10.69 -37.56 5.59
C SER B 213 -10.53 -38.99 5.08
N GLU B 214 -9.72 -39.17 4.04
CA GLU B 214 -9.46 -40.50 3.49
C GLU B 214 -8.87 -41.44 4.54
N ILE B 215 -8.24 -40.86 5.56
CA ILE B 215 -7.71 -41.64 6.67
C ILE B 215 -8.83 -42.09 7.60
N ILE B 216 -9.82 -41.22 7.79
CA ILE B 216 -10.90 -41.45 8.72
C ILE B 216 -11.91 -42.48 8.19
N ILE B 217 -12.35 -42.29 6.95
CA ILE B 217 -13.24 -43.26 6.31
C ILE B 217 -12.54 -44.60 6.14
N ALA B 218 -11.23 -44.59 6.33
CA ALA B 218 -10.44 -45.82 6.30
C ALA B 218 -10.38 -46.44 7.69
N ARG B 219 -10.25 -45.59 8.71
CA ARG B 219 -10.25 -46.04 10.09
C ARG B 219 -11.63 -46.54 10.49
N GLU B 220 -12.63 -46.18 9.69
CA GLU B 220 -14.01 -46.59 9.96
C GLU B 220 -14.33 -47.91 9.28
N LYS B 221 -13.56 -48.27 8.27
CA LYS B 221 -13.74 -49.55 7.57
C LYS B 221 -12.79 -50.61 8.11
N GLU B 222 -11.55 -50.21 8.39
CA GLU B 222 -10.58 -51.10 9.01
C GLU B 222 -11.01 -51.35 10.47
N GLU B 223 -12.08 -50.67 10.83
CA GLU B 223 -12.70 -50.69 12.16
C GLU B 223 -13.28 -52.04 12.58
N ALA B 224 -13.81 -52.79 11.62
CA ALA B 224 -14.54 -54.01 11.92
C ALA B 224 -13.68 -54.99 12.71
N GLN B 225 -12.41 -55.12 12.36
CA GLN B 225 -11.53 -55.96 13.16
C GLN B 225 -11.14 -55.28 14.47
N LYS B 226 -11.08 -53.95 14.44
CA LYS B 226 -10.79 -53.18 15.64
C LYS B 226 -9.52 -53.67 16.32
N ASP B 227 -8.42 -53.66 15.59
CA ASP B 227 -7.16 -54.16 16.10
C ASP B 227 -6.67 -53.24 17.20
N THR B 228 -5.75 -53.73 18.01
CA THR B 228 -5.35 -52.97 19.17
C THR B 228 -4.99 -51.61 18.64
N ASN B 229 -5.50 -50.60 19.34
CA ASN B 229 -5.34 -49.22 18.92
C ASN B 229 -4.71 -48.36 19.97
N THR B 230 -3.74 -47.56 19.55
CA THR B 230 -3.21 -46.48 20.35
C THR B 230 -3.68 -45.26 19.57
N SER B 231 -4.62 -44.53 20.15
CA SER B 231 -5.20 -43.40 19.44
C SER B 231 -4.24 -42.23 19.34
N ASP B 232 -4.14 -41.64 18.15
CA ASP B 232 -3.36 -40.42 17.99
C ASP B 232 -4.24 -39.20 18.26
N LEU B 233 -3.66 -38.02 18.07
CA LEU B 233 -4.39 -36.77 18.27
C LEU B 233 -5.70 -36.77 17.47
N LEU B 234 -5.62 -37.23 16.23
CA LEU B 234 -6.80 -37.30 15.36
C LEU B 234 -7.90 -38.16 15.97
N ALA B 235 -7.53 -39.36 16.43
CA ALA B 235 -8.50 -40.26 17.04
C ALA B 235 -9.24 -39.59 18.19
N GLY B 236 -8.51 -38.78 18.95
CA GLY B 236 -9.07 -38.13 20.13
C GLY B 236 -10.03 -37.01 19.81
N LEU B 237 -9.74 -36.26 18.75
CA LEU B 237 -10.59 -35.15 18.34
C LEU B 237 -11.80 -35.66 17.55
N LEU B 238 -11.90 -36.98 17.42
CA LEU B 238 -13.04 -37.59 16.74
C LEU B 238 -14.04 -38.14 17.75
N GLY B 239 -13.61 -38.26 18.99
CA GLY B 239 -14.47 -38.75 20.06
C GLY B 239 -15.08 -37.62 20.88
N ALA B 240 -14.36 -36.51 20.96
CA ALA B 240 -14.83 -35.34 21.71
C ALA B 240 -16.28 -35.01 21.41
N VAL B 241 -17.02 -34.61 22.43
CA VAL B 241 -18.43 -34.30 22.27
C VAL B 241 -18.81 -32.97 22.90
N TYR B 242 -19.33 -32.06 22.08
CA TYR B 242 -19.86 -30.79 22.57
C TYR B 242 -20.91 -31.04 23.65
N ARG B 243 -21.16 -30.02 24.47
CA ARG B 243 -22.16 -30.12 25.52
C ARG B 243 -23.55 -30.43 24.94
N ASP B 244 -23.76 -30.08 23.68
CA ASP B 244 -25.06 -30.26 23.04
C ASP B 244 -25.22 -31.66 22.44
N GLY B 245 -24.19 -32.49 22.59
CA GLY B 245 -24.26 -33.89 22.17
C GLY B 245 -23.84 -34.15 20.74
N THR B 246 -23.37 -33.11 20.05
CA THR B 246 -22.91 -33.23 18.67
C THR B 246 -21.40 -33.38 18.60
N ARG B 247 -20.90 -33.89 17.49
CA ARG B 247 -19.47 -34.07 17.30
C ARG B 247 -18.85 -32.96 16.45
N MET B 248 -17.55 -32.77 16.59
CA MET B 248 -16.82 -31.81 15.76
C MET B 248 -16.99 -32.18 14.29
N SER B 249 -16.71 -31.24 13.40
CA SER B 249 -16.73 -31.52 11.97
C SER B 249 -15.31 -31.65 11.45
N GLN B 250 -15.13 -32.48 10.42
CA GLN B 250 -13.80 -32.71 9.87
C GLN B 250 -13.08 -31.39 9.59
N HIS B 251 -13.85 -30.34 9.35
CA HIS B 251 -13.29 -29.01 9.16
C HIS B 251 -12.73 -28.49 10.47
N GLU B 252 -13.52 -28.60 11.54
CA GLU B 252 -13.09 -28.19 12.86
C GLU B 252 -11.91 -29.04 13.34
N VAL B 253 -11.99 -30.35 13.10
CA VAL B 253 -10.91 -31.25 13.44
C VAL B 253 -9.64 -30.86 12.69
N CYS B 254 -9.78 -30.65 11.38
CA CYS B 254 -8.66 -30.28 10.52
C CYS B 254 -7.99 -28.99 11.00
N GLY B 255 -8.79 -28.12 11.63
CA GLY B 255 -8.29 -26.85 12.13
C GLY B 255 -7.46 -27.03 13.39
N MET B 256 -8.02 -27.75 14.36
CA MET B 256 -7.34 -27.93 15.64
C MET B 256 -6.03 -28.69 15.49
N ILE B 257 -6.02 -29.73 14.68
CA ILE B 257 -4.80 -30.47 14.40
C ILE B 257 -3.74 -29.53 13.82
N VAL B 258 -4.19 -28.61 12.97
CA VAL B 258 -3.29 -27.62 12.36
C VAL B 258 -2.81 -26.57 13.36
N ALA B 259 -3.73 -26.10 14.20
CA ALA B 259 -3.41 -25.09 15.20
C ALA B 259 -2.46 -25.66 16.25
N ALA B 260 -2.65 -26.93 16.59
CA ALA B 260 -1.78 -27.60 17.54
C ALA B 260 -0.37 -27.73 16.97
N MET B 261 -0.28 -28.26 15.75
CA MET B 261 1.01 -28.44 15.10
C MET B 261 1.76 -27.12 14.92
N PHE B 262 1.04 -26.06 14.56
CA PHE B 262 1.68 -24.78 14.35
C PHE B 262 2.21 -24.20 15.66
N ALA B 263 1.35 -24.16 16.66
CA ALA B 263 1.70 -23.60 17.95
C ALA B 263 2.86 -24.38 18.56
N GLY B 264 2.80 -25.70 18.45
CA GLY B 264 3.84 -26.56 19.00
C GLY B 264 5.15 -26.45 18.26
N GLN B 265 5.07 -26.17 16.97
CA GLN B 265 6.25 -26.18 16.11
C GLN B 265 7.27 -25.08 16.42
N HIS B 266 6.85 -23.83 16.28
CA HIS B 266 7.76 -22.69 16.32
C HIS B 266 8.34 -22.36 17.69
N THR B 267 7.49 -22.37 18.71
CA THR B 267 7.92 -22.06 20.05
C THR B 267 8.89 -23.13 20.58
N SER B 268 8.55 -24.38 20.36
CA SER B 268 9.40 -25.49 20.78
C SER B 268 10.78 -25.38 20.15
N THR B 269 10.81 -25.08 18.86
CA THR B 269 12.07 -24.96 18.14
C THR B 269 12.85 -23.70 18.50
N ILE B 270 12.14 -22.61 18.74
CA ILE B 270 12.78 -21.35 19.13
C ILE B 270 13.44 -21.48 20.50
N THR B 271 12.75 -22.15 21.42
CA THR B 271 13.25 -22.33 22.78
C THR B 271 14.40 -23.33 22.83
N THR B 272 14.30 -24.39 22.05
CA THR B 272 15.37 -25.38 21.97
C THR B 272 16.60 -24.69 21.41
N THR B 273 16.42 -23.96 20.31
CA THR B 273 17.52 -23.24 19.68
C THR B 273 18.23 -22.27 20.64
N TRP B 274 17.51 -21.25 21.11
CA TRP B 274 18.07 -20.29 22.05
C TRP B 274 18.90 -21.00 23.12
N SER B 275 18.28 -21.98 23.78
CA SER B 275 18.96 -22.75 24.82
C SER B 275 20.32 -23.21 24.31
N LEU B 276 20.32 -23.93 23.19
CA LEU B 276 21.56 -24.44 22.62
C LEU B 276 22.56 -23.32 22.37
N LEU B 277 22.09 -22.22 21.82
CA LEU B 277 22.96 -21.07 21.52
C LEU B 277 23.60 -20.48 22.78
N HIS B 278 22.86 -20.47 23.88
CA HIS B 278 23.34 -19.89 25.12
C HIS B 278 24.33 -20.82 25.79
N LEU B 279 24.09 -22.13 25.64
CA LEU B 279 24.94 -23.12 26.28
C LEU B 279 26.30 -23.15 25.62
N MET B 280 26.34 -22.94 24.30
CA MET B 280 27.60 -22.95 23.56
C MET B 280 28.34 -21.63 23.71
N ASP B 281 27.68 -20.64 24.29
CA ASP B 281 28.29 -19.34 24.54
C ASP B 281 29.28 -19.44 25.70
N PRO B 282 30.55 -19.10 25.46
CA PRO B 282 31.62 -19.19 26.45
C PRO B 282 31.26 -18.60 27.82
N ARG B 283 30.44 -17.55 27.83
CA ARG B 283 30.02 -16.90 29.08
C ARG B 283 29.18 -17.80 29.97
N ASN B 284 28.64 -18.88 29.41
CA ASN B 284 27.77 -19.77 30.17
C ASN B 284 28.41 -21.12 30.46
N LYS B 285 29.73 -21.13 30.52
CA LYS B 285 30.49 -22.36 30.76
C LYS B 285 29.99 -23.11 31.99
N ARG B 286 29.77 -22.39 33.09
CA ARG B 286 29.33 -23.03 34.32
C ARG B 286 27.93 -23.62 34.18
N HIS B 287 27.08 -22.96 33.42
CA HIS B 287 25.74 -23.48 33.16
C HIS B 287 25.81 -24.74 32.30
N LEU B 288 26.63 -24.69 31.26
CA LEU B 288 26.83 -25.86 30.41
C LEU B 288 27.39 -27.01 31.24
N ALA B 289 28.23 -26.68 32.20
CA ALA B 289 28.81 -27.67 33.09
C ALA B 289 27.73 -28.31 33.96
N LYS B 290 26.93 -27.46 34.60
CA LYS B 290 25.87 -27.92 35.49
C LYS B 290 24.84 -28.77 34.76
N LEU B 291 24.62 -28.47 33.48
CA LEU B 291 23.65 -29.21 32.69
C LEU B 291 24.15 -30.61 32.37
N HIS B 292 25.42 -30.72 32.03
CA HIS B 292 26.03 -32.01 31.73
C HIS B 292 26.00 -32.97 32.92
N GLN B 293 25.97 -32.40 34.13
CA GLN B 293 25.90 -33.20 35.34
C GLN B 293 24.52 -33.80 35.55
N GLU B 294 23.49 -33.04 35.15
CA GLU B 294 22.11 -33.47 35.34
C GLU B 294 21.73 -34.63 34.41
N ILE B 295 22.32 -34.67 33.23
CA ILE B 295 21.98 -35.68 32.22
C ILE B 295 22.94 -36.86 32.20
N ASP B 296 24.22 -36.61 32.46
CA ASP B 296 25.21 -37.68 32.48
C ASP B 296 24.66 -38.90 33.20
N GLU B 297 23.96 -38.66 34.31
CA GLU B 297 23.39 -39.71 35.12
C GLU B 297 22.50 -40.66 34.31
N PHE B 298 21.69 -40.07 33.43
CA PHE B 298 20.68 -40.83 32.68
C PHE B 298 21.28 -41.77 31.64
N PRO B 299 20.55 -42.86 31.35
CA PRO B 299 20.93 -43.83 30.32
C PRO B 299 20.56 -43.33 28.94
N ALA B 300 20.81 -44.14 27.92
CA ALA B 300 20.51 -43.77 26.54
C ALA B 300 19.02 -43.54 26.34
N GLN B 301 18.22 -44.53 26.70
CA GLN B 301 16.77 -44.46 26.53
C GLN B 301 16.12 -43.76 27.72
N LEU B 302 15.94 -42.44 27.62
CA LEU B 302 15.33 -41.66 28.69
C LEU B 302 13.86 -42.02 28.88
N ASN B 303 13.40 -41.90 30.12
CA ASN B 303 12.02 -42.26 30.47
C ASN B 303 11.18 -41.05 30.84
N TYR B 304 9.87 -41.16 30.63
CA TYR B 304 8.94 -40.07 30.94
C TYR B 304 9.25 -39.43 32.29
N ASP B 305 9.36 -40.26 33.32
CA ASP B 305 9.64 -39.76 34.66
C ASP B 305 10.94 -38.95 34.73
N ASN B 306 12.04 -39.58 34.34
CA ASN B 306 13.34 -38.95 34.45
C ASN B 306 13.48 -37.65 33.64
N VAL B 307 12.63 -37.48 32.63
CA VAL B 307 12.60 -36.25 31.86
C VAL B 307 11.64 -35.25 32.49
N MET B 308 10.59 -35.77 33.12
CA MET B 308 9.58 -34.92 33.73
C MET B 308 10.04 -34.31 35.05
N GLU B 309 10.45 -35.15 35.99
CA GLU B 309 10.71 -34.71 37.36
C GLU B 309 12.17 -34.92 37.80
N GLU B 310 13.02 -35.36 36.88
CA GLU B 310 14.43 -35.56 37.18
C GLU B 310 15.35 -34.66 36.34
N MET B 311 14.73 -33.80 35.55
CA MET B 311 15.48 -32.82 34.76
C MET B 311 15.01 -31.40 35.10
N PRO B 312 15.36 -30.93 36.31
CA PRO B 312 14.98 -29.61 36.81
C PRO B 312 15.77 -28.48 36.14
N PHE B 313 17.08 -28.51 36.29
CA PHE B 313 17.93 -27.46 35.72
C PHE B 313 17.73 -27.38 34.20
N ALA B 314 17.60 -28.54 33.57
CA ALA B 314 17.35 -28.60 32.13
C ALA B 314 16.10 -27.81 31.78
N GLU B 315 15.13 -27.82 32.68
CA GLU B 315 13.89 -27.07 32.47
C GLU B 315 14.11 -25.59 32.76
N GLN B 316 14.91 -25.28 33.76
CA GLN B 316 15.22 -23.90 34.11
C GLN B 316 15.92 -23.20 32.96
N CYS B 317 16.65 -23.97 32.16
CA CYS B 317 17.33 -23.42 30.98
C CYS B 317 16.31 -23.08 29.90
N ALA B 318 15.35 -23.98 29.70
CA ALA B 318 14.30 -23.75 28.73
C ALA B 318 13.45 -22.58 29.17
N ARG B 319 13.24 -22.46 30.48
CA ARG B 319 12.36 -21.43 31.01
C ARG B 319 13.01 -20.06 31.10
N GLU B 320 14.34 -20.02 31.22
CA GLU B 320 15.05 -18.75 31.24
C GLU B 320 15.33 -18.24 29.83
N SER B 321 15.35 -19.16 28.87
CA SER B 321 15.48 -18.76 27.47
C SER B 321 14.21 -18.05 27.03
N ILE B 322 13.07 -18.58 27.45
CA ILE B 322 11.77 -18.00 27.11
C ILE B 322 11.57 -16.68 27.81
N ARG B 323 12.21 -16.52 28.97
CA ARG B 323 12.08 -15.30 29.76
C ARG B 323 12.89 -14.17 29.14
N ARG B 324 14.07 -14.50 28.63
CA ARG B 324 14.92 -13.50 28.02
C ARG B 324 14.36 -13.02 26.69
N ASP B 325 14.04 -13.97 25.81
CA ASP B 325 13.52 -13.66 24.48
C ASP B 325 12.22 -14.42 24.21
N PRO B 326 11.09 -13.91 24.73
CA PRO B 326 9.82 -14.60 24.57
C PRO B 326 9.43 -14.72 23.10
N PRO B 327 9.18 -15.95 22.63
CA PRO B 327 8.71 -16.24 21.28
C PRO B 327 7.45 -15.44 20.94
N LEU B 328 6.46 -15.50 21.82
CA LEU B 328 5.26 -14.71 21.65
C LEU B 328 5.45 -13.35 22.31
N VAL B 329 5.74 -12.35 21.49
CA VAL B 329 6.22 -11.05 21.93
C VAL B 329 5.14 -10.05 22.36
N MET B 330 3.91 -10.26 21.89
CA MET B 330 2.81 -9.34 22.19
C MET B 330 1.47 -10.05 22.26
N LEU B 331 0.90 -10.13 23.46
CA LEU B 331 -0.40 -10.77 23.65
C LEU B 331 -1.50 -9.74 23.73
N MET B 332 -2.37 -9.71 22.73
CA MET B 332 -3.39 -8.68 22.62
C MET B 332 -4.80 -9.15 22.96
N ARG B 333 -5.68 -8.20 23.23
CA ARG B 333 -7.08 -8.45 23.51
C ARG B 333 -7.89 -7.22 23.14
N LYS B 334 -9.10 -7.44 22.63
CA LYS B 334 -10.00 -6.34 22.32
C LYS B 334 -10.83 -6.02 23.56
N VAL B 335 -10.82 -4.75 23.98
CA VAL B 335 -11.55 -4.34 25.17
C VAL B 335 -13.00 -4.05 24.84
N LEU B 336 -13.91 -4.92 25.27
CA LEU B 336 -15.33 -4.73 25.00
C LEU B 336 -15.99 -3.93 26.13
N LYS B 337 -15.51 -4.15 27.35
CA LYS B 337 -15.96 -3.39 28.50
C LYS B 337 -14.74 -2.83 29.22
N PRO B 338 -14.83 -1.58 29.70
CA PRO B 338 -13.67 -0.93 30.32
C PRO B 338 -13.09 -1.79 31.43
N VAL B 339 -11.79 -1.66 31.68
CA VAL B 339 -11.15 -2.37 32.77
C VAL B 339 -10.19 -1.47 33.56
N GLN B 340 -10.31 -1.49 34.88
CA GLN B 340 -9.39 -0.77 35.74
C GLN B 340 -8.01 -1.44 35.73
N VAL B 341 -6.99 -0.68 35.37
CA VAL B 341 -5.61 -1.16 35.44
C VAL B 341 -4.75 -0.13 36.15
N GLY B 342 -4.13 -0.54 37.25
CA GLY B 342 -3.45 0.40 38.11
C GLY B 342 -4.44 1.50 38.44
N LYS B 343 -3.99 2.75 38.41
CA LYS B 343 -4.89 3.88 38.59
C LYS B 343 -5.71 4.11 37.33
N TYR B 344 -5.14 3.76 36.19
CA TYR B 344 -5.73 4.07 34.88
C TYR B 344 -6.97 3.23 34.52
N VAL B 345 -7.69 3.70 33.52
CA VAL B 345 -8.82 2.96 32.95
C VAL B 345 -8.62 2.75 31.46
N VAL B 346 -8.78 1.50 31.02
CA VAL B 346 -8.67 1.17 29.61
C VAL B 346 -10.07 1.09 29.02
N PRO B 347 -10.39 2.02 28.10
CA PRO B 347 -11.75 2.17 27.56
C PRO B 347 -12.13 1.13 26.52
N GLU B 348 -13.42 0.88 26.40
CA GLU B 348 -13.94 -0.10 25.45
C GLU B 348 -13.55 0.24 24.01
N GLY B 349 -13.43 -0.78 23.18
CA GLY B 349 -13.06 -0.61 21.78
C GLY B 349 -11.57 -0.54 21.60
N ASP B 350 -10.88 -0.21 22.69
CA ASP B 350 -9.42 -0.09 22.69
C ASP B 350 -8.78 -1.48 22.65
N ILE B 351 -7.67 -1.60 21.93
CA ILE B 351 -6.88 -2.82 21.98
C ILE B 351 -5.94 -2.80 23.18
N ILE B 352 -6.01 -3.86 23.99
CA ILE B 352 -5.16 -3.96 25.17
C ILE B 352 -4.12 -5.08 24.99
N ALA B 353 -2.95 -4.90 25.56
CA ALA B 353 -1.86 -5.83 25.31
C ALA B 353 -0.95 -6.06 26.51
N CYS B 354 -0.52 -7.29 26.69
CA CYS B 354 0.55 -7.62 27.63
C CYS B 354 1.73 -8.11 26.83
N SER B 355 2.87 -7.44 26.99
CA SER B 355 4.06 -7.75 26.21
C SER B 355 5.05 -8.57 27.03
N PRO B 356 5.10 -9.88 26.80
CA PRO B 356 6.08 -10.73 27.46
C PRO B 356 7.48 -10.19 27.21
N LEU B 357 7.71 -9.70 26.00
CA LEU B 357 8.98 -9.10 25.62
C LEU B 357 9.35 -7.93 26.53
N LEU B 358 8.43 -6.99 26.69
CA LEU B 358 8.66 -5.82 27.54
C LEU B 358 8.73 -6.19 29.02
N SER B 359 7.68 -6.84 29.51
CA SER B 359 7.60 -7.20 30.93
C SER B 359 8.82 -7.99 31.38
N HIS B 360 9.40 -8.75 30.45
CA HIS B 360 10.52 -9.62 30.76
C HIS B 360 11.84 -8.86 30.94
N GLN B 361 11.84 -7.57 30.61
CA GLN B 361 13.03 -6.76 30.75
C GLN B 361 12.91 -5.85 31.97
N ASP B 362 11.86 -6.07 32.77
CA ASP B 362 11.64 -5.27 33.97
C ASP B 362 12.80 -5.43 34.95
N GLU B 363 13.59 -4.37 35.11
CA GLU B 363 14.80 -4.42 35.92
C GLU B 363 14.54 -4.87 37.35
N GLU B 364 13.35 -4.58 37.87
CA GLU B 364 12.99 -4.99 39.22
C GLU B 364 12.74 -6.49 39.29
N ALA B 365 11.80 -6.97 38.48
CA ALA B 365 11.44 -8.39 38.47
C ALA B 365 12.56 -9.26 37.91
N PHE B 366 13.26 -8.76 36.90
CA PHE B 366 14.38 -9.47 36.31
C PHE B 366 15.60 -8.56 36.13
N PRO B 367 16.34 -8.31 37.22
CA PRO B 367 17.55 -7.50 37.11
C PRO B 367 18.54 -8.11 36.12
N ASN B 368 19.37 -7.28 35.50
CA ASN B 368 20.34 -7.78 34.52
C ASN B 368 19.59 -8.62 33.49
N PRO B 369 18.59 -8.02 32.83
CA PRO B 369 17.59 -8.70 32.01
C PRO B 369 18.15 -9.29 30.73
N ARG B 370 19.10 -8.60 30.11
CA ARG B 370 19.70 -9.09 28.87
C ARG B 370 20.73 -10.17 29.13
N GLU B 371 20.91 -10.53 30.40
CA GLU B 371 21.81 -11.61 30.78
C GLU B 371 21.05 -12.90 30.98
N TRP B 372 21.41 -13.93 30.21
CA TRP B 372 20.76 -15.23 30.32
C TRP B 372 21.30 -15.99 31.53
N ASN B 373 20.52 -15.99 32.61
CA ASN B 373 20.89 -16.70 33.83
C ASN B 373 19.81 -17.69 34.28
N PRO B 374 20.05 -18.99 34.08
CA PRO B 374 19.10 -20.04 34.42
C PRO B 374 18.94 -20.25 35.92
N GLU B 375 19.73 -19.53 36.72
CA GLU B 375 19.70 -19.67 38.17
C GLU B 375 18.87 -18.57 38.81
N ARG B 376 18.42 -17.60 38.01
CA ARG B 376 17.69 -16.45 38.51
C ARG B 376 16.38 -16.86 39.18
N ASN B 377 15.79 -15.91 39.91
CA ASN B 377 14.49 -16.12 40.55
C ASN B 377 13.36 -15.61 39.67
N MET B 378 12.57 -16.53 39.11
CA MET B 378 11.47 -16.18 38.22
C MET B 378 10.28 -15.59 38.98
N LYS B 379 10.18 -15.93 40.25
CA LYS B 379 9.08 -15.49 41.10
C LYS B 379 9.43 -14.22 41.89
N LEU B 380 10.63 -13.70 41.66
CA LEU B 380 11.09 -12.50 42.36
C LEU B 380 9.96 -11.48 42.45
N VAL B 381 9.07 -11.51 41.45
CA VAL B 381 7.83 -10.74 41.47
C VAL B 381 6.71 -11.60 40.90
N ASP B 382 5.92 -12.18 41.78
CA ASP B 382 4.86 -13.11 41.38
C ASP B 382 3.98 -12.53 40.27
N GLY B 383 3.94 -13.23 39.14
CA GLY B 383 3.10 -12.84 38.01
C GLY B 383 3.87 -12.20 36.86
N ALA B 384 5.13 -11.85 37.13
CA ALA B 384 5.96 -11.13 36.16
C ALA B 384 6.34 -11.97 34.94
N PHE B 385 6.46 -13.28 35.14
CA PHE B 385 6.79 -14.18 34.04
C PHE B 385 5.51 -14.67 33.35
N CYS B 386 5.39 -14.38 32.06
CA CYS B 386 4.17 -14.69 31.34
C CYS B 386 4.44 -15.29 29.95
N GLY B 387 5.59 -15.94 29.79
CA GLY B 387 5.95 -16.56 28.53
C GLY B 387 4.92 -17.55 28.03
N PHE B 388 4.27 -18.26 28.96
CA PHE B 388 3.20 -19.18 28.62
C PHE B 388 1.85 -18.52 28.89
N GLY B 389 1.84 -17.19 28.91
CA GLY B 389 0.63 -16.44 29.23
C GLY B 389 0.08 -16.86 30.57
N ALA B 390 -1.19 -16.58 30.81
CA ALA B 390 -1.84 -16.92 32.07
C ALA B 390 -3.35 -16.80 31.98
N GLY B 391 -4.03 -17.12 33.07
CA GLY B 391 -5.48 -16.98 33.14
C GLY B 391 -6.25 -17.69 32.04
N VAL B 392 -7.20 -16.98 31.45
CA VAL B 392 -8.16 -17.58 30.53
C VAL B 392 -7.54 -18.37 29.38
N HIS B 393 -6.44 -17.88 28.82
CA HIS B 393 -5.83 -18.54 27.66
C HIS B 393 -4.42 -19.07 27.92
N LYS B 394 -4.09 -19.37 29.16
CA LYS B 394 -2.74 -19.85 29.45
C LYS B 394 -2.43 -21.04 28.55
N CYS B 395 -1.16 -21.16 28.16
CA CYS B 395 -0.76 -22.19 27.22
C CYS B 395 -1.11 -23.58 27.71
N ILE B 396 -1.79 -24.36 26.87
CA ILE B 396 -2.19 -25.71 27.22
C ILE B 396 -1.13 -26.72 26.79
N GLY B 397 -0.18 -26.28 25.98
CA GLY B 397 0.86 -27.16 25.48
C GLY B 397 2.17 -27.01 26.23
N GLU B 398 2.17 -26.18 27.27
CA GLU B 398 3.36 -25.96 28.08
C GLU B 398 4.11 -27.26 28.38
N LYS B 399 3.39 -28.22 28.96
CA LYS B 399 4.02 -29.48 29.37
C LYS B 399 4.48 -30.33 28.20
N PHE B 400 3.66 -30.43 27.15
CA PHE B 400 4.08 -31.19 25.98
C PHE B 400 5.28 -30.54 25.35
N GLY B 401 5.26 -29.20 25.29
CA GLY B 401 6.35 -28.43 24.70
C GLY B 401 7.67 -28.65 25.42
N LEU B 402 7.69 -28.32 26.70
CA LEU B 402 8.91 -28.50 27.49
C LEU B 402 9.42 -29.93 27.36
N LEU B 403 8.50 -30.88 27.30
CA LEU B 403 8.86 -32.29 27.13
C LEU B 403 9.73 -32.48 25.90
N GLN B 404 9.38 -31.78 24.83
CA GLN B 404 10.16 -31.83 23.59
C GLN B 404 11.51 -31.15 23.77
N VAL B 405 11.48 -29.86 24.07
CA VAL B 405 12.68 -29.05 24.24
C VAL B 405 13.70 -29.75 25.15
N LYS B 406 13.24 -30.18 26.31
CA LYS B 406 14.13 -30.84 27.27
C LYS B 406 14.71 -32.14 26.70
N THR B 407 13.84 -33.00 26.19
CA THR B 407 14.27 -34.28 25.63
C THR B 407 15.20 -34.07 24.44
N VAL B 408 14.93 -33.05 23.65
CA VAL B 408 15.80 -32.69 22.53
C VAL B 408 17.16 -32.23 23.04
N LEU B 409 17.15 -31.47 24.13
CA LEU B 409 18.38 -30.93 24.70
C LEU B 409 19.22 -32.04 25.34
N ALA B 410 18.54 -33.00 25.95
CA ALA B 410 19.22 -34.11 26.62
C ALA B 410 19.83 -35.07 25.61
N THR B 411 19.16 -35.24 24.48
CA THR B 411 19.63 -36.14 23.44
C THR B 411 20.81 -35.51 22.70
N VAL B 412 20.62 -34.28 22.24
CA VAL B 412 21.65 -33.57 21.49
C VAL B 412 22.96 -33.51 22.26
N LEU B 413 22.94 -32.83 23.40
CA LEU B 413 24.16 -32.55 24.15
C LEU B 413 24.84 -33.83 24.66
N ARG B 414 24.11 -34.94 24.65
CA ARG B 414 24.69 -36.21 25.10
C ARG B 414 25.75 -36.71 24.13
N ASP B 415 25.62 -36.34 22.86
CA ASP B 415 26.52 -36.82 21.83
C ASP B 415 27.28 -35.70 21.11
N TYR B 416 26.87 -34.46 21.32
CA TYR B 416 27.44 -33.35 20.56
C TYR B 416 27.82 -32.13 21.41
N ASP B 417 28.86 -31.43 20.97
CA ASP B 417 29.23 -30.15 21.52
C ASP B 417 29.11 -29.10 20.42
N PHE B 418 29.02 -27.84 20.80
CA PHE B 418 28.80 -26.78 19.84
C PHE B 418 29.65 -25.54 20.10
N GLU B 419 30.04 -24.86 19.03
CA GLU B 419 30.75 -23.60 19.12
C GLU B 419 30.12 -22.57 18.18
N LEU B 420 29.86 -21.38 18.71
CA LEU B 420 29.37 -20.27 17.89
C LEU B 420 30.44 -19.90 16.87
N LEU B 421 30.01 -19.49 15.69
CA LEU B 421 30.96 -19.04 14.67
C LEU B 421 31.01 -17.52 14.62
N GLY B 422 30.09 -16.88 15.35
CA GLY B 422 30.04 -15.44 15.46
C GLY B 422 29.43 -15.05 16.79
N PRO B 423 29.00 -13.79 16.91
CA PRO B 423 28.39 -13.34 18.15
C PRO B 423 27.00 -13.91 18.35
N LEU B 424 26.57 -14.00 19.60
CA LEU B 424 25.25 -14.48 19.92
C LEU B 424 24.25 -13.82 18.99
N PRO B 425 23.33 -14.60 18.43
CA PRO B 425 22.32 -14.05 17.55
C PRO B 425 21.47 -13.01 18.28
N GLU B 426 20.93 -12.06 17.53
CA GLU B 426 19.99 -11.11 18.07
C GLU B 426 18.57 -11.47 17.60
N PRO B 427 17.60 -11.33 18.50
CA PRO B 427 16.22 -11.68 18.15
C PRO B 427 15.76 -10.94 16.90
N ASN B 428 15.10 -11.64 15.99
CA ASN B 428 14.55 -11.03 14.80
C ASN B 428 13.05 -10.76 14.96
N TYR B 429 12.71 -9.52 15.30
CA TYR B 429 11.33 -9.16 15.63
C TYR B 429 10.38 -9.05 14.42
N HIS B 430 10.84 -9.51 13.26
CA HIS B 430 10.06 -9.40 12.03
C HIS B 430 9.24 -10.64 11.69
N THR B 431 9.11 -11.55 12.65
CA THR B 431 8.31 -12.76 12.43
C THR B 431 7.19 -12.93 13.44
N MET B 432 6.16 -13.65 13.01
CA MET B 432 5.00 -13.91 13.84
C MET B 432 5.42 -14.49 15.19
N VAL B 433 6.19 -15.57 15.16
CA VAL B 433 6.78 -16.12 16.37
C VAL B 433 8.27 -15.79 16.40
N VAL B 434 8.69 -15.03 17.42
CA VAL B 434 10.04 -14.44 17.43
C VAL B 434 11.17 -15.38 17.85
N GLY B 435 12.17 -15.51 16.97
CA GLY B 435 13.34 -16.31 17.28
C GLY B 435 14.64 -15.60 16.95
N PRO B 436 15.78 -16.31 17.13
CA PRO B 436 17.07 -15.71 16.80
C PRO B 436 17.17 -15.50 15.29
N THR B 437 17.79 -14.40 14.87
CA THR B 437 17.97 -14.14 13.45
C THR B 437 18.61 -15.36 12.80
N ALA B 438 17.87 -16.00 11.91
CA ALA B 438 18.30 -17.26 11.30
C ALA B 438 19.70 -17.18 10.70
N SER B 439 20.00 -16.10 9.99
CA SER B 439 21.28 -15.95 9.31
C SER B 439 22.44 -15.94 10.28
N GLN B 440 22.13 -15.76 11.56
CA GLN B 440 23.16 -15.69 12.59
C GLN B 440 23.23 -16.98 13.39
N CYS B 441 22.59 -18.02 12.87
CA CYS B 441 22.51 -19.29 13.57
C CYS B 441 23.40 -20.38 12.98
N ARG B 442 24.29 -20.00 12.07
CA ARG B 442 25.30 -20.94 11.61
C ARG B 442 26.25 -21.24 12.77
N VAL B 443 26.44 -22.52 13.05
CA VAL B 443 27.24 -22.95 14.18
C VAL B 443 28.08 -24.16 13.80
N LYS B 444 29.09 -24.46 14.61
CA LYS B 444 29.90 -25.64 14.39
C LYS B 444 29.51 -26.73 15.38
N TYR B 445 29.13 -27.90 14.85
CA TYR B 445 28.82 -29.03 15.71
C TYR B 445 30.02 -29.95 15.78
N ILE B 446 30.23 -30.57 16.94
CA ILE B 446 31.39 -31.42 17.15
C ILE B 446 30.98 -32.77 17.74
N LYS B 447 31.29 -33.84 17.00
CA LYS B 447 30.98 -35.19 17.45
C LYS B 447 31.79 -35.52 18.69
N LYS B 448 31.11 -36.01 19.72
CA LYS B 448 31.77 -36.34 20.98
C LYS B 448 32.73 -37.52 20.80
N LYS B 449 34.03 -37.22 20.88
CA LYS B 449 35.04 -38.24 20.66
C LYS B 449 36.03 -38.30 21.81
N GLY C 2 -32.16 -17.26 12.78
CA GLY C 2 -32.03 -16.02 11.95
C GLY C 2 -31.39 -16.30 10.60
N LYS C 3 -31.74 -15.48 9.61
CA LYS C 3 -31.19 -15.61 8.27
C LYS C 3 -30.64 -14.28 7.74
N LEU C 4 -29.57 -14.36 6.96
CA LEU C 4 -28.95 -13.18 6.37
C LEU C 4 -29.84 -12.56 5.30
N PRO C 5 -29.77 -11.22 5.16
CA PRO C 5 -30.51 -10.53 4.11
C PRO C 5 -30.10 -11.05 2.73
N PRO C 6 -30.89 -10.74 1.70
CA PRO C 6 -30.53 -11.13 0.35
C PRO C 6 -29.40 -10.26 -0.21
N VAL C 7 -28.31 -10.88 -0.63
CA VAL C 7 -27.21 -10.17 -1.23
C VAL C 7 -27.50 -9.88 -2.69
N VAL C 8 -27.73 -8.61 -3.01
CA VAL C 8 -27.99 -8.21 -4.38
C VAL C 8 -26.96 -8.81 -5.33
N HIS C 9 -27.44 -9.48 -6.36
CA HIS C 9 -26.57 -10.20 -7.31
C HIS C 9 -25.85 -9.26 -8.27
N GLY C 10 -25.12 -9.86 -9.21
CA GLY C 10 -24.38 -9.08 -10.21
C GLY C 10 -23.06 -8.55 -9.68
N THR C 11 -22.41 -9.34 -8.84
CA THR C 11 -21.18 -8.91 -8.18
C THR C 11 -19.94 -9.22 -9.03
N THR C 12 -18.99 -8.30 -9.06
CA THR C 12 -17.74 -8.49 -9.79
C THR C 12 -16.64 -9.04 -8.89
N PRO C 13 -15.72 -9.82 -9.47
CA PRO C 13 -14.66 -10.56 -8.79
C PRO C 13 -14.11 -9.86 -7.55
N PHE C 14 -13.57 -8.65 -7.71
CA PHE C 14 -12.98 -7.94 -6.57
C PHE C 14 -13.58 -6.55 -6.36
N VAL C 15 -14.07 -5.95 -7.43
CA VAL C 15 -14.70 -4.63 -7.34
C VAL C 15 -15.93 -4.68 -6.45
N GLY C 16 -16.82 -5.63 -6.73
CA GLY C 16 -18.08 -5.73 -6.01
C GLY C 16 -19.18 -4.99 -6.76
N HIS C 17 -19.83 -4.07 -6.06
CA HIS C 17 -20.92 -3.30 -6.65
C HIS C 17 -20.54 -1.85 -6.93
N ILE C 18 -19.38 -1.43 -6.43
CA ILE C 18 -18.96 -0.03 -6.53
C ILE C 18 -19.22 0.57 -7.91
N ILE C 19 -18.71 -0.08 -8.95
CA ILE C 19 -18.92 0.39 -10.32
C ILE C 19 -20.38 0.79 -10.55
N GLN C 20 -21.29 -0.13 -10.26
CA GLN C 20 -22.72 0.11 -10.47
C GLN C 20 -23.28 1.08 -9.45
N PHE C 21 -22.80 1.01 -8.21
CA PHE C 21 -23.23 1.92 -7.16
C PHE C 21 -22.78 3.34 -7.51
N GLY C 22 -21.55 3.46 -8.02
CA GLY C 22 -21.00 4.74 -8.42
C GLY C 22 -21.84 5.43 -9.49
N LYS C 23 -22.09 4.73 -10.58
CA LYS C 23 -22.89 5.26 -11.68
C LYS C 23 -24.17 5.92 -11.16
N ASP C 24 -25.00 5.15 -10.44
CA ASP C 24 -26.15 5.70 -9.71
C ASP C 24 -26.34 5.03 -8.39
N PRO C 25 -26.03 5.69 -7.29
CA PRO C 25 -26.34 5.08 -6.01
C PRO C 25 -27.83 4.95 -5.74
N LEU C 26 -28.58 6.02 -5.97
CA LEU C 26 -30.00 5.97 -5.64
C LEU C 26 -30.77 5.00 -6.51
N GLY C 27 -30.55 5.11 -7.79
CA GLY C 27 -31.14 4.19 -8.74
C GLY C 27 -30.80 2.75 -8.40
N PHE C 28 -29.54 2.52 -8.03
CA PHE C 28 -29.07 1.18 -7.68
C PHE C 28 -29.87 0.60 -6.52
N MET C 29 -30.08 1.41 -5.49
CA MET C 29 -30.81 0.97 -4.31
C MET C 29 -32.30 0.85 -4.61
N LEU C 30 -32.86 1.87 -5.25
CA LEU C 30 -34.26 1.81 -5.68
C LEU C 30 -34.54 0.49 -6.36
N LYS C 31 -33.69 0.14 -7.31
CA LYS C 31 -33.82 -1.13 -8.04
C LYS C 31 -33.71 -2.31 -7.09
N ALA C 32 -32.71 -2.29 -6.23
CA ALA C 32 -32.49 -3.37 -5.27
C ALA C 32 -33.70 -3.56 -4.35
N LYS C 33 -34.04 -2.50 -3.62
CA LYS C 33 -35.18 -2.53 -2.72
C LYS C 33 -36.40 -3.16 -3.38
N LYS C 34 -36.70 -2.71 -4.60
CA LYS C 34 -37.83 -3.23 -5.35
C LYS C 34 -37.71 -4.75 -5.51
N LYS C 35 -36.57 -5.20 -5.99
CA LYS C 35 -36.31 -6.61 -6.24
C LYS C 35 -36.20 -7.43 -4.95
N TYR C 36 -35.34 -6.99 -4.03
CA TYR C 36 -35.04 -7.77 -2.84
C TYR C 36 -35.81 -7.33 -1.58
N GLY C 37 -36.37 -6.13 -1.63
CA GLY C 37 -37.04 -5.56 -0.46
C GLY C 37 -36.17 -4.55 0.26
N GLY C 38 -36.73 -3.92 1.29
CA GLY C 38 -36.03 -2.89 2.04
C GLY C 38 -34.66 -3.32 2.52
N ILE C 39 -34.61 -4.48 3.18
CA ILE C 39 -33.36 -5.00 3.71
C ILE C 39 -32.63 -5.82 2.65
N PHE C 40 -31.48 -5.32 2.19
CA PHE C 40 -30.63 -6.05 1.26
C PHE C 40 -29.16 -5.77 1.57
N THR C 41 -28.27 -6.53 0.92
CA THR C 41 -26.85 -6.39 1.16
C THR C 41 -26.05 -6.13 -0.12
N MET C 42 -25.31 -5.04 -0.13
CA MET C 42 -24.38 -4.77 -1.21
C MET C 42 -23.01 -5.27 -0.82
N ASN C 43 -22.16 -5.51 -1.82
CA ASN C 43 -20.77 -5.83 -1.54
C ASN C 43 -19.89 -4.76 -2.18
N ILE C 44 -19.17 -4.02 -1.35
CA ILE C 44 -18.33 -2.93 -1.80
C ILE C 44 -16.87 -3.24 -1.52
N CYS C 45 -16.17 -3.78 -2.52
CA CYS C 45 -14.77 -4.12 -2.37
C CYS C 45 -14.54 -5.07 -1.19
N GLY C 46 -15.18 -6.24 -1.26
CA GLY C 46 -15.02 -7.23 -0.22
C GLY C 46 -15.63 -6.81 1.10
N ASN C 47 -16.27 -5.65 1.11
CA ASN C 47 -16.96 -5.18 2.31
C ASN C 47 -18.46 -5.37 2.20
N ARG C 48 -19.05 -5.97 3.22
CA ARG C 48 -20.48 -6.23 3.24
C ARG C 48 -21.23 -5.05 3.86
N ILE C 49 -22.12 -4.44 3.08
CA ILE C 49 -22.90 -3.33 3.57
C ILE C 49 -24.41 -3.60 3.45
N THR C 50 -25.07 -3.71 4.61
CA THR C 50 -26.50 -3.96 4.64
C THR C 50 -27.28 -2.67 4.90
N VAL C 51 -28.08 -2.26 3.92
CA VAL C 51 -28.88 -1.05 4.05
C VAL C 51 -30.27 -1.38 4.61
N VAL C 52 -30.74 -0.56 5.53
CA VAL C 52 -32.06 -0.74 6.11
C VAL C 52 -33.10 0.03 5.31
N GLY C 53 -33.51 -0.54 4.18
CA GLY C 53 -34.50 0.10 3.30
C GLY C 53 -35.91 0.03 3.85
N ASP C 54 -36.20 -0.95 4.70
CA ASP C 54 -37.54 -1.03 5.20
C ASP C 54 -37.69 0.05 6.21
N VAL C 55 -38.53 1.00 5.87
CA VAL C 55 -38.69 2.21 6.61
C VAL C 55 -39.18 1.94 7.98
N HIS C 56 -39.86 0.83 8.14
CA HIS C 56 -40.41 0.49 9.43
C HIS C 56 -39.36 0.03 10.41
N GLN C 57 -38.18 -0.23 9.89
CA GLN C 57 -37.12 -0.83 10.70
C GLN C 57 -36.01 0.18 11.03
N HIS C 58 -36.32 1.47 10.87
CA HIS C 58 -35.33 2.50 11.12
C HIS C 58 -34.81 2.46 12.56
N SER C 59 -35.69 2.21 13.51
CA SER C 59 -35.32 2.15 14.92
C SER C 59 -34.30 1.05 15.18
N LYS C 60 -34.30 0.03 14.32
CA LYS C 60 -33.35 -1.07 14.45
C LYS C 60 -31.94 -0.56 14.22
N PHE C 61 -31.84 0.60 13.59
CA PHE C 61 -30.54 1.17 13.23
C PHE C 61 -30.14 2.31 14.17
N PHE C 62 -31.08 3.21 14.43
CA PHE C 62 -30.81 4.41 15.23
C PHE C 62 -30.81 4.14 16.74
N THR C 63 -31.29 2.98 17.16
CA THR C 63 -31.53 2.72 18.57
C THR C 63 -30.41 2.00 19.33
N PRO C 64 -29.96 0.84 18.81
CA PRO C 64 -28.96 0.02 19.50
C PRO C 64 -27.78 0.83 20.04
N ARG C 65 -27.26 0.43 21.19
CA ARG C 65 -26.14 1.12 21.82
C ARG C 65 -24.83 0.88 21.07
N ASN C 66 -23.82 1.69 21.36
CA ASN C 66 -22.55 1.63 20.64
C ASN C 66 -21.84 0.29 20.74
N GLU C 67 -22.29 -0.57 21.66
CA GLU C 67 -21.72 -1.90 21.82
C GLU C 67 -22.11 -2.80 20.64
N ILE C 68 -23.33 -2.61 20.14
CA ILE C 68 -23.82 -3.36 18.98
C ILE C 68 -23.43 -2.64 17.70
N LEU C 69 -23.83 -1.38 17.60
CA LEU C 69 -23.52 -0.55 16.43
C LEU C 69 -22.56 0.58 16.79
N SER C 70 -21.50 0.73 16.02
CA SER C 70 -20.50 1.77 16.27
C SER C 70 -20.15 2.56 15.01
N PRO C 71 -20.24 3.89 15.09
CA PRO C 71 -19.84 4.80 14.02
C PRO C 71 -18.34 5.14 14.06
N ARG C 72 -17.68 4.73 15.13
CA ARG C 72 -16.25 5.00 15.31
C ARG C 72 -15.38 4.67 14.09
N GLU C 73 -15.36 3.39 13.69
CA GLU C 73 -14.47 2.95 12.62
C GLU C 73 -14.90 3.42 11.22
N VAL C 74 -16.20 3.67 11.06
CA VAL C 74 -16.73 4.08 9.76
C VAL C 74 -16.57 5.57 9.48
N TYR C 75 -16.22 6.33 10.52
CA TYR C 75 -16.08 7.78 10.37
C TYR C 75 -14.64 8.24 10.53
N SER C 76 -13.72 7.30 10.67
CA SER C 76 -12.31 7.61 10.89
C SER C 76 -11.71 8.47 9.77
N PHE C 77 -12.23 8.35 8.57
CA PHE C 77 -11.59 8.99 7.47
C PHE C 77 -11.59 10.46 7.67
N MET C 78 -12.31 10.88 8.69
CA MET C 78 -12.44 12.30 8.99
C MET C 78 -11.41 12.78 10.01
N VAL C 79 -10.57 11.85 10.48
CA VAL C 79 -9.51 12.18 11.43
C VAL C 79 -8.75 13.44 11.02
N PRO C 80 -8.42 13.55 9.73
CA PRO C 80 -7.71 14.71 9.19
C PRO C 80 -8.43 16.02 9.50
N VAL C 81 -9.74 15.98 9.66
CA VAL C 81 -10.50 17.17 9.98
C VAL C 81 -10.60 17.39 11.49
N PHE C 82 -11.08 16.36 12.20
CA PHE C 82 -11.25 16.46 13.64
C PHE C 82 -9.93 16.47 14.39
N GLY C 83 -8.92 15.81 13.83
CA GLY C 83 -7.63 15.65 14.49
C GLY C 83 -7.57 14.36 15.27
N GLU C 84 -6.36 13.89 15.55
CA GLU C 84 -6.16 12.64 16.29
C GLU C 84 -6.91 12.64 17.62
N GLY C 85 -7.50 11.50 17.96
CA GLY C 85 -8.17 11.33 19.25
C GLY C 85 -9.24 12.37 19.51
N VAL C 86 -10.06 12.65 18.52
CA VAL C 86 -11.16 13.58 18.69
C VAL C 86 -12.44 13.03 18.11
N ALA C 87 -13.56 13.38 18.70
CA ALA C 87 -14.80 12.95 18.11
C ALA C 87 -14.71 11.46 17.94
N TYR C 88 -14.98 11.01 16.74
CA TYR C 88 -14.96 9.60 16.46
C TYR C 88 -13.57 9.02 16.61
N ALA C 89 -12.58 9.85 16.40
CA ALA C 89 -11.19 9.41 16.39
C ALA C 89 -10.64 9.28 17.77
N ALA C 90 -11.54 9.38 18.73
CA ALA C 90 -11.22 9.34 20.16
C ALA C 90 -11.84 8.11 20.80
N PRO C 91 -11.31 7.70 21.97
CA PRO C 91 -11.89 6.61 22.74
C PRO C 91 -13.40 6.81 22.91
N TYR C 92 -14.14 5.71 22.98
CA TYR C 92 -15.61 5.76 23.00
C TYR C 92 -16.17 6.76 24.01
N PRO C 93 -15.75 6.63 25.29
CA PRO C 93 -16.24 7.51 26.34
C PRO C 93 -15.76 8.94 26.14
N ARG C 94 -14.58 9.08 25.55
CA ARG C 94 -14.01 10.39 25.26
C ARG C 94 -14.81 11.06 24.15
N MET C 95 -15.35 10.25 23.26
CA MET C 95 -16.19 10.73 22.16
C MET C 95 -17.51 11.26 22.70
N ARG C 96 -18.17 10.45 23.52
CA ARG C 96 -19.43 10.85 24.12
C ARG C 96 -19.30 12.17 24.86
N GLU C 97 -18.32 12.26 25.74
CA GLU C 97 -18.10 13.48 26.52
C GLU C 97 -17.83 14.68 25.63
N GLN C 98 -16.99 14.49 24.61
CA GLN C 98 -16.67 15.57 23.69
C GLN C 98 -17.90 16.03 22.92
N LEU C 99 -18.70 15.08 22.43
CA LEU C 99 -19.91 15.41 21.67
C LEU C 99 -20.95 16.12 22.54
N ASN C 100 -21.07 15.69 23.79
CA ASN C 100 -21.95 16.36 24.73
C ASN C 100 -21.56 17.83 24.90
N PHE C 101 -20.28 18.07 25.17
CA PHE C 101 -19.78 19.42 25.35
C PHE C 101 -20.23 20.30 24.19
N LEU C 102 -20.28 19.73 23.00
CA LEU C 102 -20.71 20.48 21.82
C LEU C 102 -22.24 20.60 21.81
N ALA C 103 -22.91 19.53 22.20
CA ALA C 103 -24.37 19.53 22.24
C ALA C 103 -24.88 20.58 23.21
N GLU C 104 -24.13 20.78 24.29
CA GLU C 104 -24.51 21.76 25.30
C GLU C 104 -24.24 23.18 24.80
N GLU C 105 -23.26 23.33 23.92
CA GLU C 105 -22.93 24.63 23.36
C GLU C 105 -23.90 25.02 22.25
N LEU C 106 -24.88 24.17 21.99
CA LEU C 106 -25.81 24.39 20.87
C LEU C 106 -27.28 24.34 21.26
N THR C 107 -27.57 24.27 22.56
CA THR C 107 -28.95 24.28 23.04
C THR C 107 -29.61 25.64 22.82
N VAL C 108 -30.93 25.65 22.67
CA VAL C 108 -31.68 26.88 22.43
C VAL C 108 -31.31 27.97 23.43
N ALA C 109 -30.95 27.56 24.64
CA ALA C 109 -30.58 28.48 25.70
C ALA C 109 -29.40 29.36 25.31
N LYS C 110 -28.67 28.93 24.28
CA LYS C 110 -27.46 29.64 23.85
C LYS C 110 -27.74 30.62 22.72
N PHE C 111 -29.00 30.74 22.32
CA PHE C 111 -29.36 31.63 21.22
C PHE C 111 -30.01 32.86 21.83
N GLN C 112 -29.20 33.89 22.10
CA GLN C 112 -29.70 35.13 22.72
C GLN C 112 -29.77 36.30 21.71
N ASN C 113 -28.69 36.54 20.98
CA ASN C 113 -28.69 37.54 19.91
C ASN C 113 -28.30 36.96 18.55
N PHE C 114 -28.53 35.66 18.38
CA PHE C 114 -28.27 34.99 17.11
C PHE C 114 -29.20 35.53 16.02
N ALA C 115 -30.47 35.70 16.37
CA ALA C 115 -31.45 36.22 15.43
C ALA C 115 -30.97 37.52 14.78
N PRO C 116 -30.76 38.56 15.60
CA PRO C 116 -30.27 39.85 15.13
C PRO C 116 -28.97 39.71 14.34
N SER C 117 -28.04 38.92 14.86
CA SER C 117 -26.76 38.70 14.20
C SER C 117 -26.97 38.17 12.78
N ILE C 118 -27.75 37.10 12.67
CA ILE C 118 -28.00 36.46 11.37
C ILE C 118 -28.55 37.46 10.35
N GLN C 119 -29.54 38.24 10.77
CA GLN C 119 -30.14 39.24 9.88
C GLN C 119 -29.14 40.31 9.44
N HIS C 120 -28.30 40.75 10.38
CA HIS C 120 -27.29 41.76 10.06
C HIS C 120 -26.39 41.28 8.92
N GLU C 121 -25.85 40.07 9.05
CA GLU C 121 -24.97 39.52 8.03
C GLU C 121 -25.71 39.30 6.71
N VAL C 122 -26.96 38.88 6.80
CA VAL C 122 -27.76 38.62 5.61
C VAL C 122 -28.18 39.90 4.92
N ARG C 123 -28.09 41.02 5.64
CA ARG C 123 -28.45 42.32 5.09
C ARG C 123 -27.23 43.11 4.65
N LYS C 124 -26.06 42.71 5.14
CA LYS C 124 -24.81 43.31 4.69
C LYS C 124 -24.41 42.67 3.37
N PHE C 125 -24.74 41.39 3.22
CA PHE C 125 -24.42 40.63 2.01
C PHE C 125 -25.29 41.09 0.84
N MET C 126 -26.60 41.12 1.06
CA MET C 126 -27.53 41.51 0.01
C MET C 126 -27.25 42.93 -0.49
N LYS C 127 -27.05 43.85 0.44
CA LYS C 127 -26.81 45.25 0.10
C LYS C 127 -25.45 45.42 -0.58
N ALA C 128 -24.60 44.41 -0.46
CA ALA C 128 -23.25 44.47 -1.02
C ALA C 128 -23.11 43.62 -2.29
N ASN C 129 -23.94 42.59 -2.40
CA ASN C 129 -23.85 41.69 -3.55
C ASN C 129 -25.10 41.69 -4.43
N TRP C 130 -26.21 42.18 -3.90
CA TRP C 130 -27.44 42.29 -4.69
C TRP C 130 -27.99 43.71 -4.60
N ASN C 131 -27.30 44.65 -5.24
CA ASN C 131 -27.69 46.06 -5.18
C ASN C 131 -28.46 46.55 -6.41
N LYS C 132 -28.25 45.88 -7.55
CA LYS C 132 -28.92 46.27 -8.79
C LYS C 132 -30.42 45.99 -8.72
N ASP C 133 -31.18 46.63 -9.61
CA ASP C 133 -32.61 46.38 -9.71
C ASP C 133 -32.84 44.87 -9.77
N GLU C 134 -32.12 44.23 -10.69
CA GLU C 134 -32.11 42.78 -10.82
C GLU C 134 -30.73 42.32 -11.30
N GLY C 135 -30.54 41.02 -11.41
CA GLY C 135 -29.26 40.48 -11.87
C GLY C 135 -29.14 38.98 -11.76
N GLU C 136 -28.13 38.43 -12.42
CA GLU C 136 -27.89 36.99 -12.39
C GLU C 136 -26.78 36.63 -11.40
N ILE C 137 -27.00 35.57 -10.64
CA ILE C 137 -26.04 35.11 -9.65
C ILE C 137 -26.18 33.61 -9.38
N ASN C 138 -25.16 33.03 -8.77
CA ASN C 138 -25.21 31.64 -8.36
C ASN C 138 -25.67 31.53 -6.91
N ILE C 139 -26.96 31.27 -6.73
CA ILE C 139 -27.56 31.27 -5.40
C ILE C 139 -26.83 30.36 -4.41
N LEU C 140 -26.53 29.13 -4.83
CA LEU C 140 -25.84 28.17 -3.98
C LEU C 140 -24.55 28.77 -3.44
N ASP C 141 -23.84 29.50 -4.29
CA ASP C 141 -22.58 30.13 -3.90
C ASP C 141 -22.79 31.29 -2.93
N ASP C 142 -23.86 32.06 -3.15
CA ASP C 142 -24.15 33.20 -2.29
C ASP C 142 -24.69 32.78 -0.92
N CYS C 143 -25.51 31.73 -0.90
CA CYS C 143 -26.05 31.22 0.35
C CYS C 143 -24.93 30.65 1.23
N SER C 144 -23.97 29.99 0.59
CA SER C 144 -22.81 29.49 1.30
C SER C 144 -22.10 30.63 2.02
N ALA C 145 -21.87 31.71 1.29
CA ALA C 145 -21.22 32.89 1.85
C ALA C 145 -21.99 33.48 3.03
N MET C 146 -23.31 33.55 2.91
CA MET C 146 -24.14 34.07 3.99
C MET C 146 -24.10 33.16 5.21
N ILE C 147 -24.10 31.85 4.98
CA ILE C 147 -24.16 30.87 6.06
C ILE C 147 -22.90 30.86 6.91
N ILE C 148 -21.73 30.81 6.27
CA ILE C 148 -20.48 30.88 7.00
C ILE C 148 -20.38 32.20 7.76
N ASN C 149 -20.85 33.28 7.14
CA ASN C 149 -20.86 34.59 7.79
C ASN C 149 -21.75 34.60 9.03
N THR C 150 -22.97 34.09 8.89
CA THR C 150 -23.93 34.11 10.00
C THR C 150 -23.51 33.17 11.13
N ALA C 151 -22.79 32.11 10.78
CA ALA C 151 -22.28 31.18 11.78
C ALA C 151 -21.15 31.83 12.57
N CYS C 152 -20.14 32.30 11.86
CA CYS C 152 -18.99 32.95 12.48
C CYS C 152 -19.43 34.12 13.35
N GLN C 153 -20.50 34.80 12.93
CA GLN C 153 -21.01 35.95 13.66
C GLN C 153 -21.74 35.53 14.94
N CYS C 154 -22.29 34.32 14.93
CA CYS C 154 -23.06 33.82 16.07
C CYS C 154 -22.19 33.09 17.09
N LEU C 155 -21.28 32.23 16.60
CA LEU C 155 -20.49 31.38 17.47
C LEU C 155 -19.11 31.95 17.81
N PHE C 156 -18.61 32.85 16.96
CA PHE C 156 -17.27 33.39 17.13
C PHE C 156 -17.26 34.76 17.82
N GLY C 157 -16.47 34.86 18.88
CA GLY C 157 -16.30 36.13 19.58
C GLY C 157 -15.68 37.17 18.67
N GLU C 158 -15.71 38.43 19.11
CA GLU C 158 -15.20 39.53 18.29
C GLU C 158 -13.68 39.49 18.13
N ASP C 159 -12.98 39.13 19.21
CA ASP C 159 -11.52 39.12 19.19
C ASP C 159 -10.99 38.02 18.27
N LEU C 160 -11.79 36.97 18.10
CA LEU C 160 -11.43 35.85 17.23
C LEU C 160 -11.67 36.21 15.77
N ARG C 161 -12.74 36.96 15.51
CA ARG C 161 -13.13 37.31 14.15
C ARG C 161 -12.19 38.32 13.49
N LYS C 162 -11.39 39.01 14.30
CA LYS C 162 -10.42 39.95 13.76
C LYS C 162 -9.18 39.23 13.23
N ARG C 163 -8.85 38.11 13.85
CA ARG C 163 -7.71 37.29 13.41
C ARG C 163 -8.12 36.46 12.21
N LEU C 164 -9.39 36.05 12.19
CA LEU C 164 -9.88 35.13 11.18
C LEU C 164 -11.36 35.39 10.88
N ASP C 165 -11.61 36.20 9.86
CA ASP C 165 -13.00 36.50 9.48
C ASP C 165 -13.64 35.32 8.77
N ALA C 166 -14.96 35.37 8.62
CA ALA C 166 -15.70 34.30 7.96
C ALA C 166 -14.98 33.84 6.70
N ARG C 167 -14.64 34.79 5.83
CA ARG C 167 -14.02 34.48 4.56
C ARG C 167 -12.78 33.61 4.72
N GLN C 168 -11.91 34.00 5.65
CA GLN C 168 -10.64 33.30 5.83
C GLN C 168 -10.81 31.99 6.58
N PHE C 169 -11.94 31.84 7.27
CA PHE C 169 -12.26 30.57 7.91
C PHE C 169 -12.74 29.57 6.88
N ALA C 170 -13.77 29.95 6.11
CA ALA C 170 -14.25 29.13 5.02
C ALA C 170 -13.09 28.75 4.12
N GLN C 171 -11.99 29.49 4.24
CA GLN C 171 -10.78 29.24 3.46
C GLN C 171 -10.03 28.03 4.01
N LEU C 172 -9.94 27.95 5.33
CA LEU C 172 -9.25 26.84 5.98
C LEU C 172 -10.08 25.57 5.95
N LEU C 173 -11.40 25.71 5.88
CA LEU C 173 -12.26 24.56 5.74
C LEU C 173 -11.96 23.84 4.44
N ALA C 174 -11.93 24.59 3.35
CA ALA C 174 -11.67 24.03 2.03
C ALA C 174 -10.41 23.17 2.05
N LYS C 175 -9.32 23.75 2.53
CA LYS C 175 -8.03 23.07 2.59
C LYS C 175 -8.10 21.79 3.42
N MET C 176 -9.00 21.76 4.39
CA MET C 176 -9.18 20.58 5.24
C MET C 176 -10.20 19.60 4.66
N GLU C 177 -11.28 20.13 4.09
CA GLU C 177 -12.28 19.29 3.44
C GLU C 177 -11.65 18.59 2.24
N SER C 178 -10.63 19.23 1.67
CA SER C 178 -9.98 18.72 0.47
C SER C 178 -9.47 17.30 0.67
N CYS C 179 -8.94 17.02 1.84
CA CYS C 179 -8.36 15.72 2.12
C CYS C 179 -9.41 14.62 2.27
N LEU C 180 -10.61 15.01 2.68
CA LEU C 180 -11.67 14.05 2.95
C LEU C 180 -11.86 13.07 1.79
N ILE C 181 -11.80 11.78 2.11
CA ILE C 181 -12.02 10.73 1.13
C ILE C 181 -12.94 9.67 1.73
N PRO C 182 -14.26 9.87 1.57
CA PRO C 182 -15.26 8.95 2.12
C PRO C 182 -14.99 7.49 1.73
N ALA C 183 -14.62 7.27 0.47
CA ALA C 183 -14.34 5.92 -0.02
C ALA C 183 -13.37 5.16 0.88
N ALA C 184 -12.48 5.90 1.55
CA ALA C 184 -11.50 5.29 2.46
C ALA C 184 -12.18 4.29 3.39
N VAL C 185 -13.48 4.47 3.59
CA VAL C 185 -14.27 3.58 4.43
C VAL C 185 -14.25 2.14 3.91
N PHE C 186 -14.17 1.99 2.60
CA PHE C 186 -14.15 0.68 1.98
C PHE C 186 -12.76 0.34 1.48
N LEU C 187 -11.97 1.36 1.15
CA LEU C 187 -10.62 1.18 0.64
C LEU C 187 -9.58 1.84 1.54
N PRO C 188 -9.51 1.40 2.81
CA PRO C 188 -8.66 1.98 3.85
C PRO C 188 -7.21 2.27 3.41
N TRP C 189 -6.64 1.41 2.57
CA TRP C 189 -5.25 1.60 2.14
C TRP C 189 -5.03 2.93 1.45
N ILE C 190 -6.12 3.52 0.96
CA ILE C 190 -6.05 4.83 0.30
C ILE C 190 -5.36 5.83 1.22
N LEU C 191 -5.77 5.85 2.49
CA LEU C 191 -5.20 6.77 3.45
C LEU C 191 -3.71 6.50 3.63
N LYS C 192 -3.30 5.25 3.50
CA LYS C 192 -1.91 4.87 3.61
C LYS C 192 -1.08 5.33 2.41
N LEU C 193 -1.75 5.87 1.40
CA LEU C 193 -1.05 6.28 0.18
C LEU C 193 -0.59 7.72 0.25
N PRO C 194 0.65 7.97 -0.20
CA PRO C 194 1.22 9.33 -0.22
C PRO C 194 0.45 10.24 -1.15
N LEU C 195 -0.54 10.96 -0.62
CA LEU C 195 -1.37 11.83 -1.43
C LEU C 195 -1.28 13.27 -0.95
N PRO C 196 -1.16 14.22 -1.90
CA PRO C 196 -1.05 15.64 -1.58
C PRO C 196 -2.15 16.10 -0.64
N GLN C 197 -3.40 15.81 -0.98
CA GLN C 197 -4.54 16.21 -0.16
C GLN C 197 -4.25 15.96 1.32
N SER C 198 -3.74 14.77 1.62
CA SER C 198 -3.45 14.38 3.00
C SER C 198 -2.58 15.41 3.70
N TYR C 199 -1.59 15.93 3.00
CA TYR C 199 -0.71 16.94 3.56
C TYR C 199 -1.46 18.26 3.70
N ARG C 200 -2.26 18.60 2.69
CA ARG C 200 -3.08 19.81 2.72
C ARG C 200 -3.82 19.92 4.04
N CYS C 201 -4.68 18.94 4.32
CA CYS C 201 -5.52 18.95 5.50
C CYS C 201 -4.72 19.24 6.79
N ARG C 202 -3.69 18.45 7.02
CA ARG C 202 -2.87 18.60 8.22
C ARG C 202 -2.39 20.04 8.42
N ASP C 203 -1.99 20.69 7.33
CA ASP C 203 -1.44 22.05 7.42
C ASP C 203 -2.53 23.08 7.66
N ALA C 204 -3.68 22.90 7.01
CA ALA C 204 -4.82 23.78 7.22
C ALA C 204 -5.28 23.71 8.66
N ARG C 205 -5.45 22.49 9.17
CA ARG C 205 -5.88 22.30 10.54
C ARG C 205 -4.86 22.90 11.50
N ALA C 206 -3.59 22.76 11.15
CA ALA C 206 -2.51 23.29 11.98
C ALA C 206 -2.55 24.81 12.05
N GLU C 207 -3.02 25.45 10.98
CA GLU C 207 -3.08 26.90 10.91
C GLU C 207 -4.19 27.45 11.81
N LEU C 208 -5.33 26.75 11.82
CA LEU C 208 -6.43 27.11 12.69
C LEU C 208 -6.03 26.87 14.14
N GLN C 209 -5.23 25.82 14.35
CA GLN C 209 -4.74 25.45 15.66
C GLN C 209 -3.95 26.59 16.32
N ASP C 210 -3.05 27.19 15.55
CA ASP C 210 -2.18 28.23 16.07
C ASP C 210 -2.91 29.55 16.32
N ILE C 211 -3.96 29.80 15.56
CA ILE C 211 -4.76 31.00 15.78
C ILE C 211 -5.57 30.88 17.06
N LEU C 212 -6.19 29.72 17.26
CA LEU C 212 -6.98 29.48 18.45
C LEU C 212 -6.15 29.65 19.72
N SER C 213 -5.01 28.95 19.77
CA SER C 213 -4.08 29.13 20.87
C SER C 213 -3.63 30.58 20.95
N GLU C 214 -3.20 31.13 19.82
CA GLU C 214 -2.85 32.55 19.73
C GLU C 214 -3.92 33.38 20.42
N ILE C 215 -5.16 33.20 19.99
CA ILE C 215 -6.31 33.89 20.58
C ILE C 215 -6.43 33.60 22.06
N ILE C 216 -6.32 32.33 22.42
CA ILE C 216 -6.58 31.87 23.78
C ILE C 216 -5.77 32.62 24.84
N ILE C 217 -4.45 32.40 24.85
CA ILE C 217 -3.60 32.99 25.87
C ILE C 217 -3.81 34.48 26.03
N ALA C 218 -4.01 35.19 24.91
CA ALA C 218 -4.29 36.61 24.96
C ALA C 218 -5.54 36.84 25.81
N ARG C 219 -6.49 35.91 25.72
CA ARG C 219 -7.70 35.98 26.52
C ARG C 219 -7.37 35.82 28.00
N GLU C 220 -6.40 34.97 28.29
CA GLU C 220 -5.96 34.75 29.68
C GLU C 220 -5.27 36.00 30.23
N LYS C 221 -4.37 36.58 29.43
CA LYS C 221 -3.70 37.82 29.80
C LYS C 221 -4.71 38.94 30.02
N GLU C 222 -5.65 39.09 29.09
CA GLU C 222 -6.69 40.10 29.19
C GLU C 222 -7.76 39.64 30.19
N GLU C 223 -7.74 38.35 30.52
CA GLU C 223 -8.72 37.77 31.42
C GLU C 223 -8.61 38.33 32.84
N ALA C 224 -7.52 39.04 33.11
CA ALA C 224 -7.24 39.48 34.47
C ALA C 224 -8.33 40.36 35.10
N GLN C 225 -8.89 41.30 34.35
CA GLN C 225 -9.92 42.16 34.92
C GLN C 225 -11.16 41.37 35.36
N LYS C 226 -11.63 40.48 34.48
CA LYS C 226 -12.73 39.57 34.80
C LYS C 226 -13.97 40.30 35.33
N ASP C 227 -14.27 41.47 34.76
CA ASP C 227 -15.39 42.27 35.25
C ASP C 227 -16.58 42.44 34.29
N THR C 228 -16.65 41.66 33.22
CA THR C 228 -17.71 41.89 32.24
C THR C 228 -17.20 41.70 30.81
N THR C 230 -19.06 38.40 26.23
CA THR C 230 -20.10 37.46 25.83
C THR C 230 -19.51 36.12 25.37
N SER C 231 -19.61 35.11 26.23
CA SER C 231 -19.02 33.80 25.98
C SER C 231 -19.36 33.25 24.59
N ASP C 232 -18.32 32.99 23.80
CA ASP C 232 -18.50 32.37 22.49
C ASP C 232 -18.31 30.86 22.59
N LEU C 233 -18.27 30.19 21.44
CA LEU C 233 -18.10 28.74 21.40
C LEU C 233 -16.76 28.34 21.99
N LEU C 234 -15.69 28.98 21.52
CA LEU C 234 -14.34 28.71 22.00
C LEU C 234 -14.25 28.84 23.52
N ALA C 235 -14.92 29.85 24.07
CA ALA C 235 -14.94 30.07 25.51
C ALA C 235 -15.72 28.97 26.22
N GLY C 236 -16.84 28.58 25.63
CA GLY C 236 -17.67 27.52 26.19
C GLY C 236 -16.90 26.22 26.31
N LEU C 237 -16.30 25.80 25.21
CA LEU C 237 -15.55 24.55 25.19
C LEU C 237 -14.42 24.55 26.21
N LEU C 238 -13.63 25.62 26.23
CA LEU C 238 -12.52 25.75 27.17
C LEU C 238 -12.96 25.58 28.62
N GLY C 239 -14.26 25.66 28.86
CA GLY C 239 -14.81 25.52 30.20
C GLY C 239 -15.30 24.13 30.53
N ALA C 240 -15.35 23.26 29.53
CA ALA C 240 -15.83 21.89 29.72
C ALA C 240 -14.83 21.04 30.49
N VAL C 241 -15.33 20.29 31.48
CA VAL C 241 -14.49 19.43 32.31
C VAL C 241 -14.95 17.98 32.26
N TYR C 242 -14.03 17.09 31.89
CA TYR C 242 -14.33 15.66 31.77
C TYR C 242 -14.78 15.03 33.09
N ARG C 243 -15.36 13.84 33.01
CA ARG C 243 -15.79 13.11 34.19
C ARG C 243 -14.62 12.71 35.08
N ASP C 244 -13.40 12.94 34.61
CA ASP C 244 -12.22 12.62 35.41
C ASP C 244 -11.56 13.88 35.97
N GLY C 245 -12.11 15.04 35.62
CA GLY C 245 -11.66 16.30 36.19
C GLY C 245 -10.58 17.02 35.38
N THR C 246 -10.36 16.56 34.15
CA THR C 246 -9.39 17.19 33.26
C THR C 246 -10.11 18.04 32.22
N ARG C 247 -9.39 19.00 31.65
CA ARG C 247 -9.96 19.86 30.62
C ARG C 247 -9.54 19.45 29.22
N MET C 248 -10.41 19.68 28.25
CA MET C 248 -10.09 19.46 26.84
C MET C 248 -8.79 20.16 26.49
N SER C 249 -7.98 19.51 25.66
CA SER C 249 -6.74 20.13 25.21
C SER C 249 -7.01 21.05 24.03
N GLN C 250 -6.18 22.08 23.88
CA GLN C 250 -6.31 22.99 22.74
C GLN C 250 -6.55 22.21 21.45
N HIS C 251 -5.95 21.03 21.36
CA HIS C 251 -6.10 20.17 20.20
C HIS C 251 -7.55 19.70 20.07
N GLU C 252 -8.11 19.24 21.19
CA GLU C 252 -9.48 18.79 21.26
C GLU C 252 -10.48 19.94 21.07
N VAL C 253 -10.13 21.11 21.56
CA VAL C 253 -10.97 22.29 21.40
C VAL C 253 -11.05 22.70 19.95
N CYS C 254 -9.91 22.65 19.27
CA CYS C 254 -9.84 23.00 17.85
C CYS C 254 -10.65 22.01 17.04
N GLY C 255 -10.38 20.73 17.25
CA GLY C 255 -11.08 19.67 16.55
C GLY C 255 -12.59 19.79 16.63
N MET C 256 -13.09 20.14 17.83
CA MET C 256 -14.52 20.24 18.03
C MET C 256 -15.13 21.45 17.31
N ILE C 257 -14.37 22.54 17.26
CA ILE C 257 -14.83 23.75 16.59
C ILE C 257 -14.94 23.52 15.10
N VAL C 258 -13.96 22.81 14.54
CA VAL C 258 -13.96 22.49 13.11
C VAL C 258 -15.11 21.54 12.79
N ALA C 259 -15.30 20.53 13.64
CA ALA C 259 -16.39 19.58 13.48
C ALA C 259 -17.72 20.33 13.44
N ALA C 260 -17.87 21.30 14.34
CA ALA C 260 -19.10 22.08 14.42
C ALA C 260 -19.30 22.91 13.16
N MET C 261 -18.27 23.66 12.78
CA MET C 261 -18.38 24.54 11.61
C MET C 261 -18.55 23.73 10.34
N PHE C 262 -17.71 22.71 10.15
CA PHE C 262 -17.81 21.86 8.98
C PHE C 262 -19.18 21.22 8.87
N ALA C 263 -19.70 20.77 10.01
CA ALA C 263 -21.01 20.13 10.02
C ALA C 263 -22.11 21.08 9.57
N GLY C 264 -22.19 22.24 10.19
CA GLY C 264 -23.28 23.18 9.93
C GLY C 264 -23.12 23.99 8.65
N GLN C 265 -21.93 23.96 8.06
CA GLN C 265 -21.66 24.82 6.91
C GLN C 265 -22.35 24.30 5.66
N HIS C 266 -22.05 23.06 5.31
CA HIS C 266 -22.57 22.45 4.10
C HIS C 266 -24.06 22.15 4.17
N THR C 267 -24.48 21.45 5.23
CA THR C 267 -25.88 21.08 5.38
C THR C 267 -26.79 22.31 5.43
N SER C 268 -26.38 23.33 6.17
CA SER C 268 -27.17 24.56 6.30
C SER C 268 -27.36 25.28 4.98
N THR C 269 -26.30 25.40 4.19
CA THR C 269 -26.38 26.11 2.93
C THR C 269 -27.18 25.31 1.91
N ILE C 270 -26.90 24.01 1.85
CA ILE C 270 -27.62 23.12 0.95
C ILE C 270 -29.13 23.24 1.18
N THR C 271 -29.51 23.19 2.45
CA THR C 271 -30.91 23.31 2.83
C THR C 271 -31.50 24.65 2.40
N THR C 272 -30.86 25.73 2.85
CA THR C 272 -31.32 27.07 2.53
C THR C 272 -31.49 27.25 1.03
N THR C 273 -30.54 26.74 0.27
CA THR C 273 -30.54 26.89 -1.18
C THR C 273 -31.69 26.09 -1.82
N TRP C 274 -31.74 24.80 -1.55
CA TRP C 274 -32.81 23.97 -2.09
C TRP C 274 -34.15 24.67 -1.88
N SER C 275 -34.49 24.91 -0.62
CA SER C 275 -35.74 25.57 -0.29
C SER C 275 -36.01 26.75 -1.24
N LEU C 276 -35.03 27.64 -1.36
CA LEU C 276 -35.17 28.80 -2.25
C LEU C 276 -35.50 28.38 -3.67
N LEU C 277 -34.77 27.39 -4.19
CA LEU C 277 -34.98 26.91 -5.55
C LEU C 277 -36.41 26.43 -5.76
N HIS C 278 -36.93 25.68 -4.80
CA HIS C 278 -38.30 25.21 -4.87
C HIS C 278 -39.27 26.38 -4.74
N LEU C 279 -38.87 27.40 -3.98
CA LEU C 279 -39.70 28.56 -3.72
C LEU C 279 -39.87 29.46 -4.95
N MET C 280 -38.92 29.36 -5.88
CA MET C 280 -38.95 30.20 -7.08
C MET C 280 -39.48 29.44 -8.29
N ASP C 281 -39.76 28.15 -8.12
CA ASP C 281 -40.33 27.37 -9.20
C ASP C 281 -41.80 27.69 -9.38
N PRO C 282 -42.24 27.80 -10.65
CA PRO C 282 -43.64 28.02 -11.01
C PRO C 282 -44.59 27.09 -10.29
N ARG C 283 -44.30 25.79 -10.33
CA ARG C 283 -45.17 24.78 -9.73
C ARG C 283 -45.51 25.09 -8.28
N ASN C 284 -44.60 25.78 -7.58
CA ASN C 284 -44.76 26.05 -6.17
C ASN C 284 -45.20 27.48 -5.87
N LYS C 285 -46.10 28.01 -6.71
CA LYS C 285 -46.61 29.36 -6.54
C LYS C 285 -47.38 29.48 -5.22
N ARG C 286 -48.19 28.46 -4.93
CA ARG C 286 -49.02 28.47 -3.72
C ARG C 286 -48.18 28.45 -2.45
N HIS C 287 -47.11 27.66 -2.46
CA HIS C 287 -46.25 27.54 -1.29
C HIS C 287 -45.52 28.85 -1.01
N LEU C 288 -45.11 29.55 -2.06
CA LEU C 288 -44.42 30.82 -1.93
C LEU C 288 -45.38 31.88 -1.39
N ALA C 289 -46.64 31.80 -1.81
CA ALA C 289 -47.67 32.73 -1.37
C ALA C 289 -47.97 32.57 0.12
N LYS C 290 -48.06 31.32 0.56
CA LYS C 290 -48.33 31.02 1.97
C LYS C 290 -47.15 31.44 2.85
N LEU C 291 -45.95 31.26 2.32
CA LEU C 291 -44.73 31.60 3.06
C LEU C 291 -44.66 33.10 3.35
N HIS C 292 -44.91 33.91 2.32
CA HIS C 292 -44.90 35.36 2.48
C HIS C 292 -45.89 35.81 3.55
N GLN C 293 -47.10 35.26 3.51
CA GLN C 293 -48.12 35.58 4.50
C GLN C 293 -47.55 35.43 5.90
N GLU C 294 -46.91 34.30 6.14
CA GLU C 294 -46.34 34.01 7.45
C GLU C 294 -45.27 35.02 7.86
N ILE C 295 -44.52 35.51 6.87
CA ILE C 295 -43.42 36.43 7.16
C ILE C 295 -43.80 37.91 7.04
N ASP C 296 -44.82 38.19 6.24
CA ASP C 296 -45.27 39.57 6.04
C ASP C 296 -45.66 40.25 7.35
N GLU C 297 -46.03 39.44 8.34
CA GLU C 297 -46.48 39.95 9.63
C GLU C 297 -45.31 40.43 10.49
N PHE C 298 -44.12 39.91 10.21
CA PHE C 298 -42.95 40.21 11.03
C PHE C 298 -42.29 41.54 10.69
N PRO C 299 -41.78 42.25 11.70
CA PRO C 299 -41.11 43.53 11.56
C PRO C 299 -39.73 43.40 10.93
N ALA C 300 -39.00 44.51 10.86
CA ALA C 300 -37.65 44.50 10.31
C ALA C 300 -36.74 43.58 11.12
N GLN C 301 -36.73 43.77 12.44
CA GLN C 301 -35.90 42.96 13.32
C GLN C 301 -36.67 41.79 13.92
N LEU C 302 -36.31 40.58 13.52
CA LEU C 302 -36.91 39.37 14.04
C LEU C 302 -36.26 38.96 15.35
N ASN C 303 -37.07 38.41 16.26
CA ASN C 303 -36.54 37.91 17.53
C ASN C 303 -36.60 36.39 17.58
N TYR C 304 -35.90 35.81 18.56
CA TYR C 304 -35.82 34.36 18.68
C TYR C 304 -37.18 33.66 18.58
N ASP C 305 -38.16 34.16 19.32
CA ASP C 305 -39.49 33.58 19.30
C ASP C 305 -40.08 33.57 17.89
N ASN C 306 -40.06 34.73 17.24
CA ASN C 306 -40.60 34.86 15.89
C ASN C 306 -40.19 33.71 14.99
N VAL C 307 -38.89 33.43 14.95
CA VAL C 307 -38.34 32.41 14.07
C VAL C 307 -38.66 31.00 14.53
N MET C 308 -38.57 30.77 15.84
CA MET C 308 -38.75 29.43 16.40
C MET C 308 -40.21 29.00 16.46
N GLU C 309 -41.04 29.76 17.18
CA GLU C 309 -42.43 29.37 17.41
C GLU C 309 -43.40 29.87 16.34
N GLU C 310 -43.15 31.03 15.77
CA GLU C 310 -44.11 31.66 14.87
C GLU C 310 -43.79 31.49 13.38
N MET C 311 -42.82 30.64 13.08
CA MET C 311 -42.51 30.31 11.69
C MET C 311 -42.60 28.81 11.46
N PRO C 312 -43.83 28.27 11.51
CA PRO C 312 -44.09 26.84 11.39
C PRO C 312 -44.03 26.35 9.95
N PHE C 313 -44.54 27.14 9.02
CA PHE C 313 -44.52 26.76 7.61
C PHE C 313 -43.11 26.90 7.03
N ALA C 314 -42.39 27.94 7.44
CA ALA C 314 -41.00 28.11 7.04
C ALA C 314 -40.24 26.84 7.35
N GLU C 315 -40.40 26.34 8.57
CA GLU C 315 -39.74 25.11 8.99
C GLU C 315 -40.17 23.93 8.12
N GLN C 316 -41.46 23.85 7.84
CA GLN C 316 -42.00 22.78 7.00
C GLN C 316 -41.34 22.75 5.63
N CYS C 317 -41.09 23.93 5.07
CA CYS C 317 -40.43 24.04 3.78
C CYS C 317 -39.00 23.50 3.87
N ALA C 318 -38.25 24.04 4.83
CA ALA C 318 -36.87 23.64 5.04
C ALA C 318 -36.79 22.14 5.36
N ARG C 319 -37.67 21.68 6.23
CA ARG C 319 -37.71 20.27 6.59
C ARG C 319 -38.08 19.40 5.39
N GLU C 320 -38.99 19.91 4.57
CA GLU C 320 -39.41 19.20 3.37
C GLU C 320 -38.29 19.16 2.32
N SER C 321 -37.47 20.21 2.29
CA SER C 321 -36.35 20.27 1.35
C SER C 321 -35.29 19.26 1.73
N ILE C 322 -35.22 18.94 3.02
CA ILE C 322 -34.26 17.96 3.52
C ILE C 322 -34.83 16.55 3.37
N ARG C 323 -36.15 16.46 3.33
CA ARG C 323 -36.82 15.19 3.13
C ARG C 323 -36.66 14.73 1.68
N ARG C 324 -36.77 15.67 0.75
CA ARG C 324 -36.66 15.34 -0.68
C ARG C 324 -35.23 15.00 -1.06
N ASP C 325 -34.33 15.95 -0.83
CA ASP C 325 -32.92 15.76 -1.16
C ASP C 325 -32.05 15.90 0.08
N PRO C 326 -32.00 14.83 0.89
CA PRO C 326 -31.23 14.83 2.13
C PRO C 326 -29.74 15.01 1.87
N PRO C 327 -29.13 16.04 2.48
CA PRO C 327 -27.71 16.33 2.40
C PRO C 327 -26.81 15.15 2.79
N LEU C 328 -27.21 14.42 3.83
CA LEU C 328 -26.46 13.25 4.27
C LEU C 328 -27.14 11.97 3.79
N VAL C 329 -26.63 11.42 2.69
CA VAL C 329 -27.29 10.33 1.97
C VAL C 329 -27.10 8.94 2.56
N MET C 330 -26.06 8.75 3.36
CA MET C 330 -25.73 7.42 3.88
C MET C 330 -25.19 7.47 5.30
N LEU C 331 -25.98 7.00 6.25
CA LEU C 331 -25.52 6.88 7.62
C LEU C 331 -25.07 5.45 7.86
N MET C 332 -23.87 5.29 8.40
CA MET C 332 -23.27 3.96 8.55
C MET C 332 -22.90 3.62 9.98
N ARG C 333 -22.76 2.32 10.25
CA ARG C 333 -22.34 1.84 11.55
C ARG C 333 -21.58 0.53 11.34
N LYS C 334 -20.85 0.12 12.37
CA LYS C 334 -20.13 -1.14 12.33
C LYS C 334 -20.83 -2.11 13.27
N VAL C 335 -21.25 -3.26 12.74
CA VAL C 335 -21.95 -4.24 13.56
C VAL C 335 -20.97 -5.02 14.42
N LEU C 336 -20.95 -4.71 15.71
CA LEU C 336 -20.05 -5.35 16.66
C LEU C 336 -20.73 -6.56 17.28
N LYS C 337 -22.05 -6.60 17.16
CA LYS C 337 -22.85 -7.75 17.58
C LYS C 337 -24.04 -7.87 16.64
N PRO C 338 -24.43 -9.12 16.34
CA PRO C 338 -25.55 -9.39 15.45
C PRO C 338 -26.80 -8.61 15.84
N VAL C 339 -27.47 -8.00 14.87
CA VAL C 339 -28.72 -7.29 15.11
C VAL C 339 -29.86 -7.86 14.27
N GLN C 340 -30.96 -8.23 14.92
CA GLN C 340 -32.13 -8.71 14.21
C GLN C 340 -32.84 -7.55 13.52
N VAL C 341 -32.79 -7.54 12.19
CA VAL C 341 -33.51 -6.53 11.41
C VAL C 341 -34.55 -7.20 10.53
N GLY C 342 -35.82 -6.85 10.73
CA GLY C 342 -36.91 -7.53 10.06
C GLY C 342 -36.83 -9.01 10.39
N LYS C 343 -37.05 -9.87 9.39
CA LYS C 343 -36.89 -11.30 9.57
C LYS C 343 -35.41 -11.65 9.64
N TYR C 344 -34.59 -10.76 9.06
CA TYR C 344 -33.17 -11.02 8.87
C TYR C 344 -32.32 -10.80 10.12
N VAL C 345 -31.09 -11.30 10.06
CA VAL C 345 -30.10 -11.04 11.09
C VAL C 345 -28.80 -10.56 10.47
N VAL C 346 -28.35 -9.39 10.89
CA VAL C 346 -27.10 -8.83 10.37
C VAL C 346 -25.91 -9.30 11.22
N PRO C 347 -25.01 -10.08 10.61
CA PRO C 347 -23.86 -10.63 11.32
C PRO C 347 -22.87 -9.54 11.72
N GLU C 348 -21.97 -9.85 12.64
CA GLU C 348 -20.98 -8.87 13.10
C GLU C 348 -19.84 -8.73 12.09
N GLY C 349 -19.20 -7.56 12.09
CA GLY C 349 -18.15 -7.27 11.12
C GLY C 349 -18.74 -6.64 9.88
N ASP C 350 -20.04 -6.84 9.69
CA ASP C 350 -20.77 -6.27 8.57
C ASP C 350 -21.01 -4.78 8.82
N ILE C 351 -21.07 -3.99 7.76
CA ILE C 351 -21.41 -2.58 7.88
C ILE C 351 -22.89 -2.37 7.62
N ILE C 352 -23.60 -1.87 8.63
CA ILE C 352 -25.03 -1.61 8.50
C ILE C 352 -25.28 -0.14 8.18
N ALA C 353 -26.18 0.12 7.23
CA ALA C 353 -26.40 1.47 6.74
C ALA C 353 -27.87 1.86 6.62
N CYS C 354 -28.19 3.06 7.06
CA CYS C 354 -29.50 3.65 6.82
C CYS C 354 -29.34 4.84 5.87
N SER C 355 -30.09 4.83 4.78
CA SER C 355 -29.99 5.89 3.78
C SER C 355 -31.23 6.80 3.80
N PRO C 356 -31.07 8.01 4.35
CA PRO C 356 -32.16 8.98 4.32
C PRO C 356 -32.57 9.28 2.89
N LEU C 357 -31.67 8.98 1.95
CA LEU C 357 -31.95 9.19 0.54
C LEU C 357 -32.91 8.13 0.02
N LEU C 358 -32.61 6.88 0.31
CA LEU C 358 -33.46 5.76 -0.12
C LEU C 358 -34.77 5.74 0.65
N SER C 359 -34.70 5.98 1.96
CA SER C 359 -35.89 5.95 2.81
C SER C 359 -36.84 7.09 2.52
N HIS C 360 -36.31 8.22 2.05
CA HIS C 360 -37.14 9.37 1.76
C HIS C 360 -37.87 9.22 0.44
N GLN C 361 -37.61 8.12 -0.27
CA GLN C 361 -38.26 7.85 -1.54
C GLN C 361 -39.38 6.82 -1.38
N ASP C 362 -39.46 6.23 -0.19
CA ASP C 362 -40.49 5.25 0.10
C ASP C 362 -41.87 5.83 -0.23
N GLU C 363 -42.48 5.30 -1.28
CA GLU C 363 -43.74 5.84 -1.79
C GLU C 363 -44.88 5.74 -0.77
N GLU C 364 -44.82 4.73 0.10
CA GLU C 364 -45.81 4.59 1.15
C GLU C 364 -45.73 5.77 2.12
N ALA C 365 -44.56 5.94 2.71
CA ALA C 365 -44.26 7.06 3.60
C ALA C 365 -44.24 8.37 2.86
N PHE C 366 -43.77 8.36 1.62
CA PHE C 366 -43.73 9.59 0.87
C PHE C 366 -44.25 9.47 -0.54
N PRO C 367 -45.56 9.42 -0.71
CA PRO C 367 -46.14 9.35 -2.05
C PRO C 367 -45.80 10.61 -2.83
N ASN C 368 -45.64 10.49 -4.14
CA ASN C 368 -45.11 11.60 -4.94
C ASN C 368 -43.84 12.14 -4.31
N PRO C 369 -42.81 11.29 -4.23
CA PRO C 369 -41.53 11.54 -3.55
C PRO C 369 -40.72 12.66 -4.20
N ARG C 370 -40.71 12.72 -5.52
CA ARG C 370 -39.95 13.75 -6.23
C ARG C 370 -40.71 15.07 -6.29
N GLU C 371 -41.79 15.18 -5.52
CA GLU C 371 -42.52 16.42 -5.42
C GLU C 371 -42.20 17.13 -4.10
N TRP C 372 -41.85 18.41 -4.20
CA TRP C 372 -41.57 19.22 -3.02
C TRP C 372 -42.88 19.76 -2.46
N ASN C 373 -43.42 19.08 -1.45
CA ASN C 373 -44.67 19.48 -0.83
C ASN C 373 -44.53 19.69 0.67
N PRO C 374 -44.45 20.97 1.10
CA PRO C 374 -44.32 21.31 2.52
C PRO C 374 -45.55 20.89 3.32
N GLU C 375 -46.66 20.64 2.63
CA GLU C 375 -47.91 20.29 3.29
C GLU C 375 -48.02 18.79 3.59
N ARG C 376 -47.15 18.00 2.98
CA ARG C 376 -47.19 16.54 3.14
C ARG C 376 -47.03 16.13 4.61
N ASN C 377 -47.54 14.95 4.94
CA ASN C 377 -47.41 14.43 6.30
C ASN C 377 -46.14 13.61 6.48
N MET C 378 -45.24 14.11 7.33
CA MET C 378 -43.97 13.46 7.60
C MET C 378 -44.16 12.24 8.50
N LYS C 379 -45.18 12.28 9.36
CA LYS C 379 -45.44 11.22 10.30
C LYS C 379 -46.30 10.11 9.72
N LEU C 380 -46.64 10.24 8.43
CA LEU C 380 -47.43 9.22 7.75
C LEU C 380 -46.97 7.83 8.19
N VAL C 381 -45.66 7.63 8.16
CA VAL C 381 -45.06 6.42 8.71
C VAL C 381 -44.07 6.83 9.79
N ASP C 382 -44.51 6.78 11.05
CA ASP C 382 -43.70 7.24 12.17
C ASP C 382 -42.30 6.64 12.14
N GLY C 383 -41.29 7.50 11.99
CA GLY C 383 -39.90 7.06 11.98
C GLY C 383 -39.30 7.06 10.58
N ALA C 384 -40.11 7.35 9.58
CA ALA C 384 -39.66 7.34 8.20
C ALA C 384 -38.61 8.43 7.94
N PHE C 385 -38.99 9.68 8.14
CA PHE C 385 -38.07 10.78 7.88
C PHE C 385 -36.90 10.72 8.83
N CYS C 386 -35.68 10.83 8.32
CA CYS C 386 -34.53 10.81 9.19
C CYS C 386 -33.44 11.77 8.78
N GLY C 387 -33.82 12.93 8.33
CA GLY C 387 -32.88 13.89 7.80
C GLY C 387 -31.91 14.26 8.88
N PHE C 388 -32.32 14.04 10.09
CA PHE C 388 -31.49 14.35 11.23
C PHE C 388 -31.10 13.09 11.95
N GLY C 389 -31.02 11.99 11.24
CA GLY C 389 -30.56 10.80 11.88
C GLY C 389 -31.54 10.53 12.97
N ALA C 390 -31.15 9.75 13.95
CA ALA C 390 -32.05 9.46 15.04
C ALA C 390 -31.37 8.82 16.20
N GLY C 391 -32.11 8.68 17.27
CA GLY C 391 -31.62 7.98 18.43
C GLY C 391 -30.37 8.50 19.06
N VAL C 392 -29.43 7.61 19.26
CA VAL C 392 -28.23 7.90 19.98
C VAL C 392 -27.41 8.96 19.33
N HIS C 393 -27.38 8.94 18.02
CA HIS C 393 -26.53 9.86 17.25
C HIS C 393 -27.32 10.92 16.49
N LYS C 394 -28.47 11.33 17.03
CA LYS C 394 -29.29 12.31 16.34
C LYS C 394 -28.57 13.65 16.24
N CYS C 395 -28.74 14.34 15.11
CA CYS C 395 -28.07 15.60 14.90
C CYS C 395 -28.23 16.52 16.11
N ILE C 396 -27.11 16.93 16.70
CA ILE C 396 -27.13 17.83 17.85
C ILE C 396 -27.21 19.29 17.44
N GLY C 397 -27.23 19.54 16.13
CA GLY C 397 -27.26 20.91 15.62
C GLY C 397 -28.50 21.24 14.83
N GLU C 398 -29.55 20.43 14.99
CA GLU C 398 -30.78 20.63 14.23
C GLU C 398 -31.45 21.96 14.57
N LYS C 399 -31.49 22.28 15.87
CA LYS C 399 -32.12 23.52 16.32
C LYS C 399 -31.37 24.73 15.79
N PHE C 400 -30.05 24.73 15.93
CA PHE C 400 -29.25 25.85 15.45
C PHE C 400 -29.31 25.93 13.93
N GLY C 401 -29.27 24.78 13.28
CA GLY C 401 -29.35 24.72 11.81
C GLY C 401 -30.64 25.32 11.29
N LEU C 402 -31.76 24.83 11.78
CA LEU C 402 -33.06 25.33 11.36
C LEU C 402 -33.19 26.82 11.70
N LEU C 403 -32.51 27.24 12.77
CA LEU C 403 -32.52 28.65 13.15
C LEU C 403 -32.00 29.53 12.03
N GLN C 404 -30.87 29.14 11.45
CA GLN C 404 -30.29 29.90 10.34
C GLN C 404 -31.15 29.84 9.09
N VAL C 405 -31.42 28.63 8.62
CA VAL C 405 -32.26 28.45 7.43
C VAL C 405 -33.49 29.33 7.50
N LYS C 406 -34.37 29.00 8.43
CA LYS C 406 -35.61 29.75 8.58
C LYS C 406 -35.35 31.25 8.60
N THR C 407 -34.44 31.69 9.46
CA THR C 407 -34.11 33.11 9.58
C THR C 407 -33.65 33.69 8.24
N VAL C 408 -32.69 33.02 7.60
CA VAL C 408 -32.16 33.49 6.33
C VAL C 408 -33.25 33.67 5.27
N LEU C 409 -34.17 32.71 5.19
CA LEU C 409 -35.26 32.77 4.22
C LEU C 409 -36.17 33.95 4.49
N ALA C 410 -36.52 34.15 5.75
CA ALA C 410 -37.41 35.23 6.14
C ALA C 410 -36.84 36.59 5.75
N THR C 411 -35.51 36.71 5.82
CA THR C 411 -34.83 37.96 5.53
C THR C 411 -34.67 38.20 4.03
N VAL C 412 -34.28 37.16 3.31
CA VAL C 412 -34.06 37.26 1.87
C VAL C 412 -35.38 37.47 1.11
N LEU C 413 -36.36 36.64 1.42
CA LEU C 413 -37.65 36.68 0.74
C LEU C 413 -38.46 37.92 1.11
N ARG C 414 -38.06 38.61 2.17
CA ARG C 414 -38.73 39.83 2.57
C ARG C 414 -38.32 40.99 1.67
N ASP C 415 -37.18 40.86 1.01
CA ASP C 415 -36.63 41.93 0.18
C ASP C 415 -36.43 41.50 -1.27
N TYR C 416 -36.57 40.21 -1.55
CA TYR C 416 -36.25 39.70 -2.89
C TYR C 416 -37.19 38.61 -3.40
N ASP C 417 -37.38 38.59 -4.71
CA ASP C 417 -38.04 37.49 -5.40
C ASP C 417 -36.97 36.81 -6.25
N PHE C 418 -37.30 35.66 -6.82
CA PHE C 418 -36.33 34.91 -7.62
C PHE C 418 -36.95 34.18 -8.79
N GLU C 419 -36.12 33.84 -9.77
CA GLU C 419 -36.59 33.14 -10.97
C GLU C 419 -35.50 32.21 -11.52
N LEU C 420 -35.88 30.96 -11.77
CA LEU C 420 -34.96 29.98 -12.34
C LEU C 420 -34.48 30.43 -13.71
N LEU C 421 -33.40 29.83 -14.19
CA LEU C 421 -32.90 30.08 -15.53
C LEU C 421 -32.86 28.79 -16.34
N GLY C 422 -33.42 27.73 -15.76
CA GLY C 422 -33.48 26.44 -16.42
C GLY C 422 -34.32 25.47 -15.61
N PRO C 423 -34.36 24.20 -16.03
CA PRO C 423 -35.08 23.22 -15.23
C PRO C 423 -34.43 23.11 -13.87
N LEU C 424 -35.25 22.95 -12.83
CA LEU C 424 -34.74 22.86 -11.47
C LEU C 424 -33.57 21.88 -11.41
N PRO C 425 -32.42 22.34 -10.89
CA PRO C 425 -31.21 21.54 -10.74
C PRO C 425 -31.48 20.15 -10.19
N GLU C 426 -30.65 19.19 -10.59
CA GLU C 426 -30.71 17.84 -10.05
C GLU C 426 -29.61 17.68 -9.00
N PRO C 427 -29.85 16.86 -7.96
CA PRO C 427 -28.85 16.67 -6.93
C PRO C 427 -27.56 16.06 -7.46
N ASN C 428 -26.43 16.55 -6.98
CA ASN C 428 -25.13 16.00 -7.35
C ASN C 428 -24.62 15.05 -6.27
N TYR C 429 -24.59 13.75 -6.59
CA TYR C 429 -24.26 12.73 -5.60
C TYR C 429 -22.76 12.46 -5.46
N HIS C 430 -21.93 13.16 -6.23
CA HIS C 430 -20.49 12.90 -6.21
C HIS C 430 -19.73 13.39 -4.96
N THR C 431 -20.38 14.22 -4.17
CA THR C 431 -19.74 15.00 -3.10
C THR C 431 -20.14 14.46 -1.73
N MET C 432 -19.29 14.66 -0.73
CA MET C 432 -19.51 14.08 0.59
C MET C 432 -20.81 14.56 1.22
N VAL C 433 -21.12 15.83 1.05
CA VAL C 433 -22.39 16.39 1.50
C VAL C 433 -23.22 16.74 0.26
N VAL C 434 -24.30 16.01 0.05
CA VAL C 434 -25.09 16.12 -1.17
C VAL C 434 -25.93 17.40 -1.25
N GLY C 435 -25.79 18.10 -2.36
CA GLY C 435 -26.58 19.30 -2.62
C GLY C 435 -26.92 19.43 -4.10
N PRO C 436 -27.61 20.51 -4.48
CA PRO C 436 -27.99 20.73 -5.87
C PRO C 436 -26.79 21.05 -6.75
N THR C 437 -26.78 20.50 -7.97
CA THR C 437 -25.67 20.73 -8.89
C THR C 437 -25.32 22.22 -8.97
N ALA C 438 -24.07 22.54 -8.65
CA ALA C 438 -23.62 23.93 -8.57
C ALA C 438 -23.91 24.72 -9.85
N SER C 439 -23.44 24.21 -10.97
CA SER C 439 -23.56 24.94 -12.25
C SER C 439 -25.00 25.24 -12.65
N GLN C 440 -25.96 24.51 -12.05
CA GLN C 440 -27.37 24.70 -12.37
C GLN C 440 -28.00 25.77 -11.48
N CYS C 441 -27.19 26.33 -10.61
CA CYS C 441 -27.68 27.22 -9.58
C CYS C 441 -27.60 28.71 -9.87
N ARG C 442 -27.37 29.07 -11.12
CA ARG C 442 -27.48 30.46 -11.42
C ARG C 442 -28.95 30.81 -11.46
N VAL C 443 -29.26 31.91 -10.82
CA VAL C 443 -30.61 32.45 -10.74
C VAL C 443 -30.64 33.97 -10.82
N LYS C 444 -31.78 34.52 -11.23
CA LYS C 444 -31.97 35.96 -11.30
C LYS C 444 -32.70 36.45 -10.06
N TYR C 445 -32.31 37.63 -9.57
CA TYR C 445 -32.92 38.20 -8.37
C TYR C 445 -33.70 39.47 -8.68
N ILE C 446 -34.71 39.75 -7.85
CA ILE C 446 -35.55 40.93 -8.04
C ILE C 446 -36.06 41.47 -6.70
N LYS C 447 -36.02 42.79 -6.56
CA LYS C 447 -36.60 43.45 -5.39
C LYS C 447 -37.70 44.39 -5.84
N LYS C 448 -38.84 44.37 -5.15
CA LYS C 448 -40.00 45.13 -5.60
C LYS C 448 -40.37 46.29 -4.68
N LYS C 449 -39.39 46.79 -3.94
CA LYS C 449 -39.59 47.92 -3.03
C LYS C 449 -41.03 48.44 -3.11
N LYS D 1 35.53 1.79 -21.60
CA LYS D 1 35.10 3.21 -21.60
C LYS D 1 33.69 3.34 -21.03
N GLY D 2 33.46 4.42 -20.28
CA GLY D 2 32.13 4.70 -19.73
C GLY D 2 31.96 4.28 -18.29
N LYS D 3 32.20 5.22 -17.37
CA LYS D 3 32.05 4.94 -15.94
C LYS D 3 30.64 5.27 -15.46
N LEU D 4 30.24 4.67 -14.35
CA LEU D 4 28.90 4.89 -13.79
C LEU D 4 28.93 5.79 -12.57
N PRO D 5 27.94 6.69 -12.46
CA PRO D 5 27.80 7.61 -11.33
C PRO D 5 27.60 6.87 -10.01
N PRO D 6 28.21 7.37 -8.93
CA PRO D 6 28.18 6.72 -7.62
C PRO D 6 26.76 6.60 -7.07
N VAL D 7 26.40 5.40 -6.62
CA VAL D 7 25.11 5.16 -6.02
C VAL D 7 25.14 5.52 -4.54
N VAL D 8 24.30 6.47 -4.14
CA VAL D 8 24.28 6.95 -2.76
C VAL D 8 24.10 5.82 -1.75
N HIS D 9 24.92 5.83 -0.71
CA HIS D 9 24.93 4.79 0.32
C HIS D 9 23.70 4.87 1.22
N GLY D 10 23.53 3.87 2.07
CA GLY D 10 22.43 3.84 3.03
C GLY D 10 21.08 3.53 2.40
N THR D 11 21.11 2.94 1.21
CA THR D 11 19.88 2.59 0.49
C THR D 11 19.17 1.42 1.15
N THR D 12 17.92 1.61 1.54
CA THR D 12 17.12 0.53 2.07
C THR D 12 17.09 -0.61 1.05
N PRO D 13 16.85 -1.83 1.52
CA PRO D 13 17.02 -3.01 0.68
C PRO D 13 16.08 -3.00 -0.52
N PHE D 14 14.85 -2.57 -0.32
CA PHE D 14 13.88 -2.58 -1.40
C PHE D 14 13.15 -1.25 -1.63
N VAL D 15 13.06 -0.41 -0.59
CA VAL D 15 12.35 0.86 -0.74
C VAL D 15 13.30 1.99 -1.14
N GLY D 16 14.60 1.70 -1.17
CA GLY D 16 15.60 2.67 -1.61
C GLY D 16 15.79 3.83 -0.66
N HIS D 17 15.78 5.04 -1.21
CA HIS D 17 15.99 6.25 -0.41
C HIS D 17 14.72 7.09 -0.32
N ILE D 18 13.62 6.55 -0.82
CA ILE D 18 12.35 7.29 -0.90
C ILE D 18 11.97 7.95 0.42
N ILE D 19 12.33 7.34 1.54
CA ILE D 19 12.05 7.91 2.86
C ILE D 19 13.08 8.98 3.22
N GLN D 20 14.35 8.62 3.12
CA GLN D 20 15.43 9.55 3.42
C GLN D 20 15.28 10.81 2.58
N PHE D 21 14.99 10.62 1.29
CA PHE D 21 14.84 11.70 0.34
C PHE D 21 13.59 12.53 0.61
N GLY D 22 12.49 11.84 0.89
CA GLY D 22 11.20 12.51 1.11
C GLY D 22 11.22 13.50 2.26
N LYS D 23 11.77 13.08 3.39
CA LYS D 23 11.83 13.92 4.57
C LYS D 23 12.48 15.28 4.27
N ASP D 24 13.74 15.24 3.85
CA ASP D 24 14.48 16.46 3.54
C ASP D 24 15.13 16.39 2.17
N PRO D 25 14.35 16.70 1.12
CA PRO D 25 14.82 16.62 -0.26
C PRO D 25 16.06 17.48 -0.52
N LEU D 26 16.00 18.75 -0.11
CA LEU D 26 17.11 19.66 -0.30
C LEU D 26 18.36 19.19 0.45
N GLY D 27 18.21 19.00 1.75
CA GLY D 27 19.31 18.54 2.59
C GLY D 27 19.88 17.22 2.12
N PHE D 28 19.00 16.27 1.84
CA PHE D 28 19.41 14.97 1.35
C PHE D 28 20.42 15.12 0.21
N MET D 29 19.97 15.69 -0.89
CA MET D 29 20.85 15.92 -2.04
C MET D 29 22.02 16.82 -1.65
N LEU D 30 21.71 17.98 -1.07
CA LEU D 30 22.71 18.95 -0.69
C LEU D 30 23.91 18.28 -0.02
N LYS D 31 23.62 17.37 0.91
CA LYS D 31 24.67 16.58 1.56
C LYS D 31 25.30 15.62 0.55
N ALA D 32 24.46 14.79 -0.07
CA ALA D 32 24.90 13.80 -1.05
C ALA D 32 25.91 14.37 -2.05
N LYS D 33 25.68 15.60 -2.48
CA LYS D 33 26.57 16.23 -3.45
C LYS D 33 27.98 16.36 -2.89
N LYS D 34 28.07 16.64 -1.59
CA LYS D 34 29.36 16.83 -0.94
C LYS D 34 30.17 15.54 -0.85
N LYS D 35 29.48 14.42 -0.70
CA LYS D 35 30.15 13.14 -0.47
C LYS D 35 30.56 12.45 -1.77
N TYR D 36 29.83 12.73 -2.85
CA TYR D 36 30.05 12.02 -4.11
C TYR D 36 30.23 12.98 -5.29
N GLY D 37 30.03 14.27 -5.04
CA GLY D 37 30.11 15.25 -6.12
C GLY D 37 28.75 15.52 -6.75
N GLY D 38 28.74 16.40 -7.74
CA GLY D 38 27.49 16.79 -8.41
C GLY D 38 26.67 15.63 -8.93
N ILE D 39 27.31 14.76 -9.72
CA ILE D 39 26.61 13.65 -10.34
C ILE D 39 26.50 12.45 -9.41
N PHE D 40 25.27 12.06 -9.09
CA PHE D 40 25.03 10.90 -8.23
C PHE D 40 23.71 10.20 -8.54
N THR D 41 23.58 8.96 -8.08
CA THR D 41 22.42 8.14 -8.41
C THR D 41 21.63 7.73 -7.17
N MET D 42 20.34 8.04 -7.19
CA MET D 42 19.44 7.62 -6.12
C MET D 42 18.68 6.38 -6.53
N ASN D 43 18.32 5.55 -5.54
CA ASN D 43 17.49 4.38 -5.78
C ASN D 43 16.13 4.57 -5.12
N ILE D 44 15.13 4.91 -5.93
CA ILE D 44 13.77 5.13 -5.43
C ILE D 44 12.87 3.95 -5.77
N CYS D 45 12.57 3.14 -4.77
CA CYS D 45 11.75 1.94 -4.98
C CYS D 45 12.20 1.19 -6.24
N GLY D 46 13.47 0.79 -6.26
CA GLY D 46 14.00 0.03 -7.39
C GLY D 46 14.24 0.86 -8.63
N ASN D 47 13.96 2.17 -8.55
CA ASN D 47 14.21 3.06 -9.67
C ASN D 47 15.53 3.81 -9.55
N ARG D 48 16.31 3.80 -10.63
CA ARG D 48 17.57 4.54 -10.67
C ARG D 48 17.35 5.95 -11.18
N ILE D 49 17.43 6.92 -10.29
CA ILE D 49 17.35 8.33 -10.67
C ILE D 49 18.70 9.00 -10.50
N THR D 50 19.29 9.42 -11.62
CA THR D 50 20.60 10.06 -11.60
C THR D 50 20.46 11.57 -11.77
N VAL D 51 20.82 12.31 -10.73
CA VAL D 51 20.67 13.75 -10.74
C VAL D 51 21.93 14.44 -11.25
N VAL D 52 21.74 15.42 -12.12
CA VAL D 52 22.86 16.23 -12.59
C VAL D 52 23.10 17.37 -11.61
N GLY D 53 23.87 17.07 -10.56
CA GLY D 53 24.14 18.03 -9.50
C GLY D 53 25.27 18.99 -9.83
N ASP D 54 25.95 18.72 -10.94
CA ASP D 54 27.04 19.58 -11.40
C ASP D 54 26.48 20.65 -12.33
N VAL D 55 26.57 21.90 -11.90
CA VAL D 55 25.94 23.00 -12.62
C VAL D 55 26.64 23.28 -13.95
N HIS D 56 27.84 22.73 -14.12
CA HIS D 56 28.61 22.92 -15.34
C HIS D 56 28.24 21.91 -16.42
N GLN D 57 27.34 20.99 -16.09
CA GLN D 57 26.94 19.95 -17.03
C GLN D 57 25.44 19.97 -17.33
N HIS D 58 24.79 21.09 -17.01
CA HIS D 58 23.37 21.23 -17.27
C HIS D 58 22.99 20.99 -18.72
N SER D 59 23.73 21.60 -19.63
CA SER D 59 23.43 21.48 -21.06
C SER D 59 23.30 20.02 -21.48
N LYS D 60 23.92 19.12 -20.73
CA LYS D 60 23.84 17.70 -21.02
C LYS D 60 22.42 17.16 -20.85
N PHE D 61 21.66 17.82 -19.97
CA PHE D 61 20.29 17.39 -19.66
C PHE D 61 19.25 18.13 -20.48
N PHE D 62 19.50 19.41 -20.75
CA PHE D 62 18.53 20.24 -21.46
C PHE D 62 18.75 20.25 -22.98
N THR D 63 19.79 19.56 -23.45
CA THR D 63 20.18 19.67 -24.87
C THR D 63 19.77 18.49 -25.75
N PRO D 64 20.03 17.26 -25.29
CA PRO D 64 19.75 16.06 -26.08
C PRO D 64 18.32 16.00 -26.63
N ARG D 65 18.14 15.29 -27.74
CA ARG D 65 16.84 15.18 -28.38
C ARG D 65 15.95 14.15 -27.71
N ASN D 66 14.64 14.23 -27.97
CA ASN D 66 13.68 13.30 -27.39
C ASN D 66 14.04 11.83 -27.61
N GLU D 67 14.74 11.56 -28.71
CA GLU D 67 15.15 10.21 -29.03
C GLU D 67 16.14 9.69 -28.00
N ILE D 68 16.92 10.59 -27.40
CA ILE D 68 17.88 10.22 -26.37
C ILE D 68 17.29 10.44 -24.98
N LEU D 69 16.84 11.67 -24.69
CA LEU D 69 16.16 11.96 -23.44
C LEU D 69 14.68 12.25 -23.70
N SER D 70 13.81 11.52 -23.00
CA SER D 70 12.38 11.59 -23.24
C SER D 70 11.59 11.89 -21.96
N PRO D 71 10.56 12.74 -22.08
CA PRO D 71 9.71 13.12 -20.97
C PRO D 71 8.35 12.43 -20.96
N ARG D 72 8.06 11.65 -22.00
CA ARG D 72 6.76 10.97 -22.09
C ARG D 72 6.43 10.18 -20.83
N GLU D 73 7.24 9.16 -20.53
CA GLU D 73 6.97 8.25 -19.41
C GLU D 73 7.00 8.93 -18.04
N VAL D 74 8.03 9.73 -17.81
CA VAL D 74 8.20 10.42 -16.54
C VAL D 74 6.97 11.26 -16.16
N TYR D 75 6.38 11.92 -17.14
CA TYR D 75 5.24 12.81 -16.87
C TYR D 75 3.89 12.18 -17.19
N SER D 76 3.84 10.86 -17.29
CA SER D 76 2.61 10.16 -17.64
C SER D 76 1.57 10.27 -16.51
N PHE D 77 2.04 10.56 -15.31
CA PHE D 77 1.16 10.63 -14.14
C PHE D 77 0.21 11.81 -14.24
N MET D 78 0.36 12.61 -15.29
CA MET D 78 -0.48 13.78 -15.51
C MET D 78 -1.53 13.55 -16.59
N VAL D 79 -1.57 12.33 -17.13
CA VAL D 79 -2.50 12.01 -18.20
C VAL D 79 -3.95 12.30 -17.80
N PRO D 80 -4.30 12.02 -16.54
CA PRO D 80 -5.64 12.27 -16.03
C PRO D 80 -6.07 13.73 -16.22
N VAL D 81 -5.12 14.65 -16.15
CA VAL D 81 -5.40 16.08 -16.28
C VAL D 81 -5.47 16.50 -17.75
N PHE D 82 -4.38 16.28 -18.49
CA PHE D 82 -4.33 16.63 -19.90
C PHE D 82 -5.33 15.84 -20.72
N GLY D 83 -5.48 14.56 -20.40
CA GLY D 83 -6.27 13.64 -21.20
C GLY D 83 -5.35 12.66 -21.90
N GLU D 84 -5.92 11.59 -22.43
CA GLU D 84 -5.13 10.55 -23.09
C GLU D 84 -4.71 10.99 -24.48
N GLY D 85 -3.43 10.82 -24.80
CA GLY D 85 -2.90 11.19 -26.12
C GLY D 85 -2.74 12.69 -26.28
N VAL D 86 -2.51 13.37 -25.19
CA VAL D 86 -2.36 14.80 -25.26
C VAL D 86 -1.04 15.20 -24.66
N ALA D 87 -0.44 16.24 -25.20
CA ALA D 87 0.79 16.71 -24.64
C ALA D 87 1.77 15.57 -24.65
N TYR D 88 2.35 15.33 -23.51
CA TYR D 88 3.37 14.32 -23.42
C TYR D 88 2.85 12.97 -23.79
N ALA D 89 1.58 12.74 -23.55
CA ALA D 89 1.01 11.44 -23.79
C ALA D 89 1.12 11.03 -25.24
N ALA D 90 0.87 11.97 -26.13
CA ALA D 90 0.94 11.71 -27.57
C ALA D 90 2.36 11.35 -28.02
N PRO D 91 2.51 10.91 -29.28
CA PRO D 91 3.83 10.69 -29.85
C PRO D 91 4.60 12.00 -29.97
N TYR D 92 5.93 11.91 -29.94
CA TYR D 92 6.80 13.08 -29.91
C TYR D 92 6.39 14.20 -30.88
N PRO D 93 6.30 13.88 -32.18
CA PRO D 93 5.95 14.90 -33.17
C PRO D 93 4.59 15.53 -32.88
N ARG D 94 3.58 14.69 -32.66
CA ARG D 94 2.26 15.15 -32.27
C ARG D 94 2.38 16.06 -31.06
N MET D 95 3.07 15.58 -30.03
CA MET D 95 3.32 16.34 -28.81
C MET D 95 4.01 17.66 -29.12
N ARG D 96 5.12 17.57 -29.83
CA ARG D 96 5.89 18.74 -30.24
C ARG D 96 4.97 19.79 -30.86
N GLU D 97 4.12 19.36 -31.79
CA GLU D 97 3.20 20.27 -32.47
C GLU D 97 2.23 20.93 -31.51
N GLN D 98 1.66 20.14 -30.61
CA GLN D 98 0.63 20.65 -29.69
C GLN D 98 1.20 21.68 -28.73
N LEU D 99 2.35 21.37 -28.13
CA LEU D 99 3.01 22.30 -27.24
C LEU D 99 3.25 23.64 -27.94
N ASN D 100 3.69 23.58 -29.19
CA ASN D 100 3.88 24.78 -30.00
C ASN D 100 2.60 25.59 -30.13
N PHE D 101 1.50 24.92 -30.44
CA PHE D 101 0.21 25.59 -30.56
C PHE D 101 -0.04 26.50 -29.36
N LEU D 102 0.20 25.98 -28.17
CA LEU D 102 0.05 26.78 -26.95
C LEU D 102 1.11 27.87 -26.88
N ALA D 103 2.33 27.52 -27.25
CA ALA D 103 3.45 28.46 -27.20
C ALA D 103 3.10 29.78 -27.88
N GLU D 104 2.57 29.68 -29.10
CA GLU D 104 2.24 30.87 -29.88
C GLU D 104 0.99 31.57 -29.37
N GLU D 105 0.26 30.91 -28.48
CA GLU D 105 -0.90 31.51 -27.84
C GLU D 105 -0.48 32.33 -26.64
N LEU D 106 0.82 32.30 -26.35
CA LEU D 106 1.36 32.99 -25.20
C LEU D 106 2.57 33.86 -25.57
N THR D 107 2.61 34.30 -26.82
CA THR D 107 3.70 35.14 -27.30
C THR D 107 3.36 36.62 -27.15
N VAL D 108 4.41 37.43 -26.96
CA VAL D 108 4.24 38.87 -26.71
C VAL D 108 3.12 39.50 -27.53
N ALA D 109 3.09 39.21 -28.82
CA ALA D 109 2.10 39.79 -29.72
C ALA D 109 0.66 39.55 -29.25
N LYS D 110 0.47 38.49 -28.47
CA LYS D 110 -0.86 38.11 -28.01
C LYS D 110 -1.19 38.75 -26.66
N PHE D 111 -0.34 39.67 -26.20
CA PHE D 111 -0.50 40.30 -24.89
C PHE D 111 -1.31 41.59 -24.96
N GLN D 112 -2.13 41.72 -26.00
CA GLN D 112 -2.88 42.94 -26.21
C GLN D 112 -3.89 43.10 -25.10
N ASN D 113 -3.87 44.26 -24.48
CA ASN D 113 -4.79 44.57 -23.40
C ASN D 113 -4.71 43.53 -22.28
N PHE D 114 -3.52 43.02 -21.99
CA PHE D 114 -3.43 42.07 -20.89
C PHE D 114 -3.12 42.80 -19.58
N ALA D 115 -2.25 43.80 -19.65
CA ALA D 115 -1.86 44.56 -18.47
C ALA D 115 -3.05 45.17 -17.74
N PRO D 116 -3.92 45.88 -18.48
CA PRO D 116 -5.13 46.46 -17.90
C PRO D 116 -6.03 45.40 -17.29
N SER D 117 -6.25 44.30 -18.01
CA SER D 117 -7.08 43.20 -17.52
C SER D 117 -6.57 42.69 -16.18
N ILE D 118 -5.26 42.48 -16.10
CA ILE D 118 -4.64 42.03 -14.85
C ILE D 118 -4.86 43.06 -13.75
N GLN D 119 -4.62 44.33 -14.09
CA GLN D 119 -4.82 45.42 -13.15
C GLN D 119 -6.26 45.50 -12.67
N HIS D 120 -7.19 45.18 -13.56
CA HIS D 120 -8.61 45.24 -13.22
C HIS D 120 -9.00 44.21 -12.16
N GLU D 121 -8.51 42.99 -12.30
CA GLU D 121 -8.84 41.91 -11.37
C GLU D 121 -8.17 42.08 -10.01
N VAL D 122 -6.90 42.47 -10.01
CA VAL D 122 -6.14 42.65 -8.78
C VAL D 122 -6.78 43.71 -7.89
N ARG D 123 -7.30 44.77 -8.50
CA ARG D 123 -7.91 45.87 -7.76
C ARG D 123 -9.33 45.55 -7.28
N LYS D 124 -10.09 44.83 -8.09
CA LYS D 124 -11.43 44.42 -7.69
C LYS D 124 -11.34 43.51 -6.47
N PHE D 125 -10.29 42.69 -6.43
CA PHE D 125 -10.09 41.77 -5.33
C PHE D 125 -9.64 42.53 -4.08
N MET D 126 -8.69 43.45 -4.27
CA MET D 126 -8.20 44.26 -3.16
C MET D 126 -9.30 45.11 -2.55
N LYS D 127 -10.05 45.82 -3.39
CA LYS D 127 -11.15 46.66 -2.92
C LYS D 127 -12.33 45.81 -2.46
N ALA D 128 -12.16 44.50 -2.52
CA ALA D 128 -13.21 43.59 -2.07
C ALA D 128 -12.83 42.91 -0.76
N ASN D 129 -11.58 42.49 -0.65
CA ASN D 129 -11.14 41.72 0.52
C ASN D 129 -10.13 42.43 1.41
N TRP D 130 -9.59 43.55 0.95
CA TRP D 130 -8.71 44.31 1.81
C TRP D 130 -9.23 45.72 1.84
N ASN D 131 -10.38 45.90 2.47
CA ASN D 131 -11.07 47.17 2.55
C ASN D 131 -10.89 47.89 3.88
N LYS D 132 -10.06 47.32 4.74
CA LYS D 132 -9.81 47.91 6.05
C LYS D 132 -8.48 48.64 6.09
N ASP D 133 -8.36 49.60 7.01
CA ASP D 133 -7.10 50.31 7.20
C ASP D 133 -5.95 49.32 7.24
N GLU D 134 -6.15 48.25 8.02
CA GLU D 134 -5.17 47.17 8.11
C GLU D 134 -5.88 45.84 8.40
N GLY D 135 -5.40 44.76 7.81
CA GLY D 135 -6.05 43.46 7.97
C GLY D 135 -5.13 42.26 7.90
N GLU D 136 -5.54 41.18 8.54
CA GLU D 136 -4.77 39.94 8.54
C GLU D 136 -5.30 38.97 7.49
N ILE D 137 -4.42 38.55 6.59
CA ILE D 137 -4.80 37.66 5.51
C ILE D 137 -3.72 36.61 5.27
N ASN D 138 -4.06 35.58 4.51
CA ASN D 138 -3.10 34.60 4.05
C ASN D 138 -2.70 34.92 2.62
N ILE D 139 -1.53 35.54 2.46
CA ILE D 139 -1.12 36.06 1.16
C ILE D 139 -0.98 34.98 0.09
N LEU D 140 -0.69 33.75 0.51
CA LEU D 140 -0.60 32.63 -0.42
C LEU D 140 -1.96 32.33 -1.06
N ASP D 141 -3.00 32.27 -0.24
CA ASP D 141 -4.34 32.03 -0.73
C ASP D 141 -4.85 33.18 -1.61
N ASP D 142 -4.65 34.41 -1.15
CA ASP D 142 -5.18 35.58 -1.85
C ASP D 142 -4.50 35.82 -3.19
N CYS D 143 -3.24 35.40 -3.31
CA CYS D 143 -2.53 35.49 -4.58
C CYS D 143 -3.05 34.42 -5.53
N SER D 144 -3.27 33.23 -4.98
CA SER D 144 -3.83 32.14 -5.77
C SER D 144 -5.16 32.57 -6.35
N ALA D 145 -5.93 33.29 -5.54
CA ALA D 145 -7.21 33.83 -5.98
C ALA D 145 -7.01 34.88 -7.08
N MET D 146 -6.20 35.88 -6.78
CA MET D 146 -5.95 36.96 -7.74
C MET D 146 -5.34 36.43 -9.03
N ILE D 147 -4.46 35.44 -8.91
CA ILE D 147 -3.76 34.88 -10.07
C ILE D 147 -4.70 34.19 -11.04
N ILE D 148 -5.60 33.36 -10.51
CA ILE D 148 -6.56 32.65 -11.34
C ILE D 148 -7.55 33.61 -12.00
N ASN D 149 -8.00 34.61 -11.24
CA ASN D 149 -8.89 35.63 -11.79
C ASN D 149 -8.28 36.32 -12.99
N THR D 150 -7.03 36.75 -12.85
CA THR D 150 -6.34 37.50 -13.89
C THR D 150 -5.96 36.60 -15.06
N ALA D 151 -5.63 35.35 -14.77
CA ALA D 151 -5.29 34.38 -15.82
C ALA D 151 -6.50 34.10 -16.70
N CYS D 152 -7.67 33.95 -16.08
CA CYS D 152 -8.90 33.74 -16.83
C CYS D 152 -9.30 34.97 -17.61
N GLN D 153 -9.21 36.13 -16.97
CA GLN D 153 -9.62 37.39 -17.58
C GLN D 153 -8.86 37.68 -18.87
N CYS D 154 -7.68 37.09 -19.00
CA CYS D 154 -6.82 37.36 -20.16
C CYS D 154 -6.97 36.31 -21.26
N LEU D 155 -7.00 35.04 -20.85
CA LEU D 155 -7.00 33.94 -21.81
C LEU D 155 -8.41 33.46 -22.16
N PHE D 156 -9.41 33.95 -21.43
CA PHE D 156 -10.80 33.60 -21.73
C PHE D 156 -11.57 34.78 -22.28
N GLY D 157 -12.28 34.57 -23.38
CA GLY D 157 -13.15 35.58 -23.95
C GLY D 157 -14.30 35.88 -23.00
N GLU D 158 -15.18 36.80 -23.39
CA GLU D 158 -16.29 37.18 -22.54
C GLU D 158 -17.35 36.09 -22.43
N ASP D 159 -17.74 35.52 -23.57
CA ASP D 159 -18.79 34.51 -23.61
C ASP D 159 -18.41 33.24 -22.83
N LEU D 160 -17.11 33.04 -22.63
CA LEU D 160 -16.63 31.88 -21.90
C LEU D 160 -16.68 32.11 -20.40
N ARG D 161 -16.40 33.34 -19.98
CA ARG D 161 -16.36 33.67 -18.57
C ARG D 161 -17.78 33.83 -17.99
N LYS D 162 -18.74 34.11 -18.85
CA LYS D 162 -20.13 34.28 -18.40
C LYS D 162 -20.73 32.94 -18.00
N ARG D 163 -20.54 31.94 -18.85
CA ARG D 163 -21.01 30.58 -18.57
C ARG D 163 -20.11 29.90 -17.53
N LEU D 164 -18.82 30.23 -17.57
CA LEU D 164 -17.85 29.66 -16.64
C LEU D 164 -16.86 30.72 -16.19
N ASP D 165 -17.06 31.27 -15.00
CA ASP D 165 -16.21 32.34 -14.50
C ASP D 165 -14.95 31.79 -13.84
N ALA D 166 -14.15 32.68 -13.27
CA ALA D 166 -12.89 32.31 -12.64
C ALA D 166 -13.09 31.42 -11.42
N ARG D 167 -14.07 31.73 -10.59
CA ARG D 167 -14.28 31.00 -9.35
C ARG D 167 -14.80 29.59 -9.60
N GLN D 168 -15.60 29.43 -10.64
CA GLN D 168 -16.14 28.13 -11.01
C GLN D 168 -15.05 27.24 -11.62
N PHE D 169 -14.26 27.82 -12.53
CA PHE D 169 -13.18 27.09 -13.16
C PHE D 169 -12.20 26.54 -12.11
N ALA D 170 -11.79 27.39 -11.19
CA ALA D 170 -10.92 26.97 -10.11
C ALA D 170 -11.41 25.66 -9.51
N GLN D 171 -12.72 25.54 -9.35
CA GLN D 171 -13.33 24.33 -8.80
C GLN D 171 -13.06 23.13 -9.69
N LEU D 172 -13.28 23.28 -10.98
CA LEU D 172 -13.00 22.22 -11.93
C LEU D 172 -11.53 21.80 -11.83
N LEU D 173 -10.64 22.78 -11.78
CA LEU D 173 -9.21 22.53 -11.66
C LEU D 173 -8.86 21.66 -10.45
N ALA D 174 -9.26 22.10 -9.26
CA ALA D 174 -8.98 21.36 -8.05
C ALA D 174 -9.50 19.92 -8.15
N LYS D 175 -10.71 19.77 -8.70
CA LYS D 175 -11.30 18.43 -8.88
C LYS D 175 -10.44 17.56 -9.79
N MET D 176 -9.81 18.20 -10.78
CA MET D 176 -8.91 17.50 -11.70
C MET D 176 -7.52 17.35 -11.08
N GLU D 177 -7.11 18.32 -10.28
CA GLU D 177 -5.81 18.29 -9.61
C GLU D 177 -5.76 17.27 -8.49
N SER D 178 -6.94 16.81 -8.05
CA SER D 178 -7.03 15.89 -6.92
C SER D 178 -6.59 14.48 -7.28
N CYS D 179 -6.34 14.26 -8.57
CA CYS D 179 -5.92 12.95 -9.04
C CYS D 179 -4.48 12.96 -9.51
N LEU D 180 -3.78 14.05 -9.23
CA LEU D 180 -2.36 14.17 -9.56
C LEU D 180 -1.47 13.63 -8.44
N ILE D 181 -1.00 12.40 -8.59
CA ILE D 181 -0.18 11.76 -7.58
C ILE D 181 1.25 11.60 -8.07
N PRO D 182 2.13 12.55 -7.71
CA PRO D 182 3.50 12.63 -8.20
C PRO D 182 4.32 11.36 -7.94
N ALA D 183 4.07 10.70 -6.81
CA ALA D 183 4.76 9.45 -6.52
C ALA D 183 4.48 8.41 -7.60
N ALA D 184 3.47 8.67 -8.42
CA ALA D 184 3.13 7.80 -9.54
C ALA D 184 4.31 7.63 -10.50
N VAL D 185 5.26 8.56 -10.41
CA VAL D 185 6.45 8.51 -11.25
C VAL D 185 7.33 7.32 -10.86
N PHE D 186 7.26 6.94 -9.59
CA PHE D 186 8.06 5.83 -9.07
C PHE D 186 7.15 4.63 -8.82
N LEU D 187 5.86 4.89 -8.80
CA LEU D 187 4.86 3.85 -8.65
C LEU D 187 3.83 4.02 -9.73
N PRO D 188 4.16 3.64 -10.93
CA PRO D 188 3.24 3.84 -12.03
C PRO D 188 1.98 3.06 -11.75
N TRP D 189 2.10 1.98 -11.03
CA TRP D 189 0.97 1.11 -10.74
C TRP D 189 -0.10 1.78 -9.96
N ILE D 190 0.27 2.74 -9.15
CA ILE D 190 -0.71 3.35 -8.30
C ILE D 190 -1.74 4.03 -9.14
N LEU D 191 -1.45 4.17 -10.41
CA LEU D 191 -2.38 4.82 -11.33
C LEU D 191 -3.42 3.85 -11.88
N LYS D 192 -3.39 2.60 -11.42
CA LYS D 192 -4.28 1.58 -11.96
C LYS D 192 -5.22 1.01 -10.89
N LEU D 193 -5.04 1.47 -9.65
CA LEU D 193 -5.92 1.06 -8.56
C LEU D 193 -7.28 1.74 -8.70
N PRO D 194 -8.30 1.16 -8.05
CA PRO D 194 -9.61 1.78 -8.09
C PRO D 194 -9.66 3.00 -7.16
N LEU D 195 -9.48 4.18 -7.74
CA LEU D 195 -9.44 5.41 -6.95
C LEU D 195 -10.58 6.35 -7.27
N PRO D 196 -11.28 6.82 -6.23
CA PRO D 196 -12.36 7.80 -6.39
C PRO D 196 -11.84 9.07 -7.07
N GLN D 197 -10.69 9.56 -6.63
CA GLN D 197 -10.10 10.75 -7.22
C GLN D 197 -10.20 10.71 -8.74
N SER D 198 -9.64 9.66 -9.33
CA SER D 198 -9.60 9.52 -10.79
C SER D 198 -11.00 9.51 -11.39
N TYR D 199 -12.01 9.27 -10.56
CA TYR D 199 -13.39 9.35 -11.01
C TYR D 199 -13.86 10.81 -10.99
N ARG D 200 -13.58 11.51 -9.90
CA ARG D 200 -13.89 12.94 -9.81
C ARG D 200 -13.14 13.74 -10.87
N CYS D 201 -11.99 13.22 -11.29
CA CYS D 201 -11.20 13.89 -12.31
C CYS D 201 -11.79 13.72 -13.71
N ARG D 202 -12.21 12.50 -14.02
CA ARG D 202 -12.91 12.24 -15.28
C ARG D 202 -14.14 13.13 -15.40
N ASP D 203 -14.87 13.27 -14.31
CA ASP D 203 -16.06 14.10 -14.28
C ASP D 203 -15.74 15.55 -14.57
N ALA D 204 -14.98 16.17 -13.67
CA ALA D 204 -14.60 17.57 -13.79
C ALA D 204 -14.13 17.89 -15.20
N ARG D 205 -13.21 17.10 -15.72
CA ARG D 205 -12.69 17.33 -17.07
C ARG D 205 -13.77 17.18 -18.12
N ALA D 206 -14.64 16.18 -17.94
CA ALA D 206 -15.74 15.97 -18.87
C ALA D 206 -16.71 17.13 -18.84
N GLU D 207 -16.89 17.72 -17.66
CA GLU D 207 -17.78 18.88 -17.51
C GLU D 207 -17.20 20.08 -18.24
N LEU D 208 -15.90 20.29 -18.13
CA LEU D 208 -15.23 21.39 -18.81
C LEU D 208 -15.39 21.24 -20.33
N GLN D 209 -15.01 20.08 -20.84
CA GLN D 209 -15.09 19.81 -22.28
C GLN D 209 -16.50 20.02 -22.82
N ASP D 210 -17.50 19.71 -21.99
CA ASP D 210 -18.89 19.94 -22.36
C ASP D 210 -19.15 21.43 -22.58
N ILE D 211 -18.80 22.23 -21.58
CA ILE D 211 -18.94 23.68 -21.69
C ILE D 211 -18.25 24.18 -22.95
N LEU D 212 -16.96 23.88 -23.07
CA LEU D 212 -16.19 24.28 -24.25
C LEU D 212 -16.95 23.93 -25.52
N SER D 213 -17.38 22.68 -25.64
CA SER D 213 -18.13 22.23 -26.81
C SER D 213 -19.36 23.11 -27.00
N GLU D 214 -20.08 23.34 -25.90
CA GLU D 214 -21.31 24.12 -25.94
C GLU D 214 -21.08 25.61 -26.16
N ILE D 215 -19.81 26.03 -26.08
CA ILE D 215 -19.44 27.40 -26.41
C ILE D 215 -18.93 27.49 -27.85
N ILE D 216 -18.24 26.44 -28.29
CA ILE D 216 -17.78 26.37 -29.67
C ILE D 216 -18.97 26.30 -30.61
N ILE D 217 -19.92 25.42 -30.29
CA ILE D 217 -21.12 25.24 -31.09
C ILE D 217 -21.99 26.50 -31.05
N ALA D 218 -21.89 27.24 -29.96
CA ALA D 218 -22.60 28.51 -29.83
C ALA D 218 -21.95 29.59 -30.69
N ARG D 219 -20.62 29.56 -30.75
CA ARG D 219 -19.88 30.48 -31.60
C ARG D 219 -20.11 30.17 -33.08
N GLU D 220 -20.24 28.89 -33.39
CA GLU D 220 -20.45 28.45 -34.76
C GLU D 220 -21.81 28.89 -35.29
N LYS D 221 -22.75 29.13 -34.37
CA LYS D 221 -24.07 29.63 -34.74
C LYS D 221 -24.05 31.15 -34.88
N GLU D 222 -23.53 31.83 -33.87
CA GLU D 222 -23.45 33.29 -33.87
C GLU D 222 -22.37 33.77 -34.83
N GLU D 223 -21.78 32.83 -35.57
CA GLU D 223 -20.70 33.15 -36.49
C GLU D 223 -21.22 33.82 -37.76
N ALA D 224 -22.35 33.34 -38.27
CA ALA D 224 -22.95 33.89 -39.48
C ALA D 224 -23.36 35.34 -39.29
N ASN D 229 -13.22 40.91 -33.57
CA ASN D 229 -13.30 39.77 -32.67
C ASN D 229 -12.01 39.53 -31.88
N THR D 230 -12.11 39.56 -30.55
CA THR D 230 -10.96 39.36 -29.68
C THR D 230 -10.75 37.88 -29.37
N SER D 231 -10.30 37.13 -30.38
CA SER D 231 -10.10 35.69 -30.26
C SER D 231 -9.24 35.32 -29.05
N ASP D 232 -9.77 34.49 -28.17
CA ASP D 232 -9.08 34.08 -26.96
C ASP D 232 -8.26 32.82 -27.19
N LEU D 233 -7.64 32.33 -26.12
CA LEU D 233 -6.85 31.10 -26.19
C LEU D 233 -7.64 29.98 -26.85
N LEU D 234 -8.95 29.94 -26.55
CA LEU D 234 -9.82 28.92 -27.11
C LEU D 234 -9.87 29.00 -28.65
N ALA D 235 -10.39 30.11 -29.16
CA ALA D 235 -10.47 30.31 -30.60
C ALA D 235 -9.10 30.13 -31.23
N GLY D 236 -8.06 30.35 -30.45
CA GLY D 236 -6.69 30.24 -30.93
C GLY D 236 -6.30 28.80 -31.23
N LEU D 237 -6.64 27.90 -30.31
CA LEU D 237 -6.33 26.49 -30.48
C LEU D 237 -7.20 25.84 -31.55
N LEU D 238 -8.45 26.27 -31.63
CA LEU D 238 -9.40 25.71 -32.59
C LEU D 238 -9.02 26.03 -34.04
N GLY D 239 -8.12 26.99 -34.21
CA GLY D 239 -7.69 27.41 -35.54
C GLY D 239 -6.41 26.75 -35.99
N ALA D 240 -5.55 26.43 -35.03
CA ALA D 240 -4.26 25.79 -35.32
C ALA D 240 -4.42 24.56 -36.19
N VAL D 241 -3.39 24.25 -36.97
CA VAL D 241 -3.42 23.10 -37.86
C VAL D 241 -2.14 22.27 -37.71
N TYR D 242 -2.30 20.95 -37.70
CA TYR D 242 -1.16 20.05 -37.67
C TYR D 242 -0.40 20.13 -39.00
N ARG D 243 0.72 19.42 -39.08
CA ARG D 243 1.54 19.42 -40.27
C ARG D 243 0.92 18.58 -41.40
N ASP D 244 -0.13 17.84 -41.08
CA ASP D 244 -0.76 16.99 -42.08
C ASP D 244 -2.14 17.52 -42.53
N GLY D 245 -2.50 18.70 -42.03
CA GLY D 245 -3.71 19.38 -42.50
C GLY D 245 -4.91 19.24 -41.57
N THR D 246 -4.84 18.29 -40.65
CA THR D 246 -5.95 18.05 -39.72
C THR D 246 -5.95 19.05 -38.56
N ARG D 247 -7.07 19.13 -37.86
CA ARG D 247 -7.20 20.03 -36.73
C ARG D 247 -7.21 19.27 -35.40
N MET D 248 -7.20 20.03 -34.30
CA MET D 248 -7.28 19.44 -32.98
C MET D 248 -8.70 18.98 -32.66
N SER D 249 -8.82 17.88 -31.92
CA SER D 249 -10.09 17.46 -31.38
C SER D 249 -10.44 18.37 -30.20
N GLN D 250 -11.72 18.42 -29.84
CA GLN D 250 -12.12 19.20 -28.68
C GLN D 250 -11.50 18.61 -27.43
N HIS D 251 -11.19 17.32 -27.51
CA HIS D 251 -10.51 16.62 -26.42
C HIS D 251 -9.10 17.17 -26.26
N GLU D 252 -8.40 17.28 -27.39
CA GLU D 252 -7.05 17.82 -27.39
C GLU D 252 -7.05 19.29 -26.98
N VAL D 253 -7.96 20.07 -27.58
CA VAL D 253 -8.11 21.47 -27.24
C VAL D 253 -8.37 21.66 -25.75
N CYS D 254 -9.28 20.86 -25.20
CA CYS D 254 -9.62 20.94 -23.79
C CYS D 254 -8.41 20.59 -22.92
N GLY D 255 -7.55 19.71 -23.43
CA GLY D 255 -6.37 19.28 -22.71
C GLY D 255 -5.34 20.38 -22.57
N MET D 256 -5.02 21.01 -23.69
CA MET D 256 -4.06 22.11 -23.70
C MET D 256 -4.51 23.24 -22.78
N ILE D 257 -5.74 23.67 -22.94
CA ILE D 257 -6.29 24.73 -22.08
C ILE D 257 -6.01 24.40 -20.62
N VAL D 258 -6.47 23.23 -20.18
CA VAL D 258 -6.27 22.81 -18.80
C VAL D 258 -4.80 22.86 -18.42
N ALA D 259 -3.95 22.44 -19.35
CA ALA D 259 -2.51 22.42 -19.11
C ALA D 259 -2.00 23.83 -18.89
N ALA D 260 -2.48 24.76 -19.73
CA ALA D 260 -2.10 26.15 -19.61
C ALA D 260 -2.53 26.72 -18.26
N MET D 261 -3.79 26.50 -17.90
CA MET D 261 -4.32 27.05 -16.66
C MET D 261 -3.63 26.47 -15.44
N PHE D 262 -3.38 25.16 -15.45
CA PHE D 262 -2.67 24.53 -14.34
C PHE D 262 -1.24 25.03 -14.30
N ALA D 263 -0.56 24.95 -15.43
CA ALA D 263 0.85 25.32 -15.51
C ALA D 263 1.07 26.71 -14.91
N GLY D 264 0.32 27.69 -15.41
CA GLY D 264 0.52 29.07 -15.00
C GLY D 264 -0.06 29.41 -13.64
N GLN D 265 -1.00 28.59 -13.17
CA GLN D 265 -1.68 28.88 -11.91
C GLN D 265 -0.74 28.91 -10.73
N HIS D 266 -0.13 27.77 -10.43
CA HIS D 266 0.64 27.59 -9.20
C HIS D 266 2.02 28.25 -9.23
N THR D 267 2.68 28.20 -10.38
CA THR D 267 4.00 28.81 -10.51
C THR D 267 3.91 30.32 -10.31
N SER D 268 3.04 30.96 -11.09
CA SER D 268 2.85 32.41 -10.98
C SER D 268 2.43 32.82 -9.56
N THR D 269 1.53 32.04 -8.97
CA THR D 269 1.05 32.34 -7.63
C THR D 269 2.18 32.22 -6.61
N ILE D 270 2.98 31.18 -6.73
CA ILE D 270 4.09 30.94 -5.81
C ILE D 270 5.19 31.99 -5.97
N THR D 271 5.51 32.33 -7.22
CA THR D 271 6.57 33.29 -7.51
C THR D 271 6.20 34.69 -7.04
N THR D 272 4.90 34.96 -6.98
CA THR D 272 4.40 36.23 -6.46
C THR D 272 4.40 36.18 -4.94
N THR D 273 3.80 35.14 -4.39
CA THR D 273 3.69 34.97 -2.95
C THR D 273 5.05 35.08 -2.26
N TRP D 274 6.05 34.41 -2.82
CA TRP D 274 7.41 34.47 -2.29
C TRP D 274 7.87 35.92 -2.19
N SER D 275 8.07 36.53 -3.36
CA SER D 275 8.53 37.91 -3.43
C SER D 275 7.91 38.74 -2.31
N LEU D 276 6.58 38.83 -2.31
CA LEU D 276 5.90 39.60 -1.29
C LEU D 276 6.46 39.26 0.09
N LEU D 277 6.63 37.97 0.34
CA LEU D 277 7.16 37.50 1.61
C LEU D 277 8.57 38.03 1.87
N HIS D 278 9.37 38.15 0.81
CA HIS D 278 10.72 38.67 0.92
C HIS D 278 10.69 40.18 1.08
N LEU D 279 10.04 40.86 0.15
CA LEU D 279 9.96 42.32 0.15
C LEU D 279 9.47 42.86 1.50
N MET D 280 8.60 42.12 2.16
CA MET D 280 8.05 42.56 3.45
C MET D 280 8.93 42.10 4.61
N ASP D 281 9.93 41.28 4.31
CA ASP D 281 10.89 40.85 5.31
C ASP D 281 11.82 42.03 5.64
N PRO D 282 11.97 42.35 6.94
CA PRO D 282 12.76 43.48 7.41
C PRO D 282 14.17 43.53 6.84
N ARG D 283 14.73 42.37 6.52
CA ARG D 283 16.08 42.29 5.99
C ARG D 283 16.16 42.76 4.53
N ASN D 284 15.02 43.20 3.99
CA ASN D 284 14.95 43.56 2.58
C ASN D 284 14.53 45.01 2.36
N LYS D 285 14.42 45.75 3.45
CA LYS D 285 14.05 47.16 3.36
C LYS D 285 14.75 47.85 2.19
N ARG D 286 15.96 47.40 1.87
CA ARG D 286 16.70 47.95 0.73
C ARG D 286 15.95 47.69 -0.57
N HIS D 287 15.71 46.40 -0.84
CA HIS D 287 15.07 46.00 -2.09
C HIS D 287 13.65 46.54 -2.20
N LEU D 288 12.95 46.60 -1.07
CA LEU D 288 11.59 47.13 -1.05
C LEU D 288 11.57 48.58 -1.51
N ALA D 289 12.45 49.38 -0.92
CA ALA D 289 12.56 50.80 -1.25
C ALA D 289 12.87 51.00 -2.73
N LYS D 290 13.89 50.32 -3.21
CA LYS D 290 14.30 50.42 -4.61
C LYS D 290 13.12 50.13 -5.54
N LEU D 291 12.40 49.05 -5.24
CA LEU D 291 11.26 48.65 -6.05
C LEU D 291 10.21 49.76 -6.12
N HIS D 292 9.81 50.28 -4.96
CA HIS D 292 8.84 51.37 -4.93
C HIS D 292 9.26 52.51 -5.84
N GLN D 293 10.56 52.82 -5.86
CA GLN D 293 11.10 53.80 -6.78
C GLN D 293 10.72 53.43 -8.21
N GLU D 294 11.02 52.20 -8.58
CA GLU D 294 10.80 51.72 -9.95
C GLU D 294 9.34 51.82 -10.39
N ILE D 295 8.42 51.84 -9.43
CA ILE D 295 6.99 51.84 -9.77
C ILE D 295 6.26 53.12 -9.37
N ASP D 296 6.85 53.91 -8.48
CA ASP D 296 6.27 55.19 -8.09
C ASP D 296 6.22 56.14 -9.29
N GLU D 297 7.04 55.86 -10.30
CA GLU D 297 7.11 56.68 -11.49
C GLU D 297 6.05 56.28 -12.51
N PHE D 298 5.24 55.28 -12.16
CA PHE D 298 4.19 54.80 -13.05
C PHE D 298 2.81 55.33 -12.66
N PRO D 299 1.97 55.59 -13.67
CA PRO D 299 0.60 56.03 -13.44
C PRO D 299 -0.27 54.89 -12.97
N ALA D 300 -1.52 55.17 -12.61
CA ALA D 300 -2.45 54.14 -12.14
C ALA D 300 -2.61 53.04 -13.19
N GLN D 301 -3.00 53.44 -14.40
CA GLN D 301 -3.21 52.50 -15.49
C GLN D 301 -1.90 52.20 -16.21
N LEU D 302 -1.42 50.97 -16.07
CA LEU D 302 -0.17 50.56 -16.71
C LEU D 302 -0.40 50.06 -18.13
N ASN D 303 0.65 50.10 -18.93
CA ASN D 303 0.59 49.59 -20.30
C ASN D 303 1.61 48.48 -20.54
N TYR D 304 1.49 47.83 -21.69
CA TYR D 304 2.38 46.73 -22.05
C TYR D 304 3.86 47.06 -21.81
N ASP D 305 4.37 48.05 -22.54
CA ASP D 305 5.77 48.44 -22.44
C ASP D 305 6.21 48.74 -21.01
N ASN D 306 5.31 49.33 -20.23
CA ASN D 306 5.61 49.70 -18.85
C ASN D 306 6.19 48.55 -18.04
N VAL D 307 5.57 47.38 -18.16
CA VAL D 307 5.95 46.22 -17.37
C VAL D 307 6.98 45.36 -18.09
N MET D 308 6.96 45.40 -19.42
CA MET D 308 7.83 44.58 -20.23
C MET D 308 9.26 45.11 -20.30
N GLU D 309 9.41 46.37 -20.68
CA GLU D 309 10.73 46.94 -20.92
C GLU D 309 11.13 47.99 -19.89
N GLU D 310 10.26 48.25 -18.91
CA GLU D 310 10.54 49.29 -17.91
C GLU D 310 10.45 48.80 -16.47
N MET D 311 10.33 47.50 -16.26
CA MET D 311 10.30 47.00 -14.90
C MET D 311 11.31 45.89 -14.77
N PRO D 312 12.57 46.27 -14.86
CA PRO D 312 13.71 45.36 -14.83
C PRO D 312 13.99 44.85 -13.41
N PHE D 313 13.98 45.74 -12.44
CA PHE D 313 14.25 45.34 -11.07
C PHE D 313 13.13 44.46 -10.55
N ALA D 314 11.89 44.82 -10.86
CA ALA D 314 10.75 43.98 -10.51
C ALA D 314 11.02 42.56 -11.00
N GLU D 315 11.30 42.44 -12.28
CA GLU D 315 11.60 41.13 -12.87
C GLU D 315 12.76 40.45 -12.15
N GLN D 316 13.72 41.24 -11.69
CA GLN D 316 14.87 40.69 -10.95
C GLN D 316 14.40 40.02 -9.67
N CYS D 317 13.44 40.64 -8.99
CA CYS D 317 12.87 40.07 -7.77
C CYS D 317 12.13 38.78 -8.08
N ALA D 318 11.30 38.82 -9.12
CA ALA D 318 10.55 37.65 -9.54
C ALA D 318 11.52 36.51 -9.88
N ARG D 319 12.61 36.85 -10.56
CA ARG D 319 13.56 35.85 -11.00
C ARG D 319 14.51 35.40 -9.88
N GLU D 320 14.60 36.20 -8.82
CA GLU D 320 15.44 35.86 -7.68
C GLU D 320 14.74 34.93 -6.69
N SER D 321 13.44 35.12 -6.53
CA SER D 321 12.64 34.24 -5.67
C SER D 321 12.58 32.83 -6.26
N ILE D 322 12.56 32.76 -7.58
CA ILE D 322 12.51 31.49 -8.30
C ILE D 322 13.86 30.78 -8.26
N ARG D 323 14.92 31.56 -8.13
CA ARG D 323 16.26 31.01 -8.05
C ARG D 323 16.52 30.44 -6.65
N ARG D 324 16.02 31.11 -5.63
CA ARG D 324 16.17 30.64 -4.26
C ARG D 324 15.31 29.40 -4.01
N ASP D 325 14.01 29.54 -4.23
CA ASP D 325 13.07 28.44 -4.01
C ASP D 325 12.29 28.13 -5.28
N PRO D 326 12.89 27.33 -6.17
CA PRO D 326 12.25 26.95 -7.44
C PRO D 326 10.96 26.20 -7.21
N PRO D 327 9.88 26.61 -7.90
CA PRO D 327 8.58 25.96 -7.80
C PRO D 327 8.66 24.51 -8.30
N LEU D 328 9.53 24.26 -9.26
CA LEU D 328 9.72 22.92 -9.79
C LEU D 328 11.05 22.34 -9.33
N VAL D 329 11.01 21.53 -8.28
CA VAL D 329 12.20 21.00 -7.64
C VAL D 329 12.97 19.98 -8.47
N MET D 330 12.29 19.24 -9.34
CA MET D 330 12.91 18.13 -10.04
C MET D 330 12.44 17.97 -11.48
N LEU D 331 13.30 18.32 -12.43
CA LEU D 331 13.05 18.07 -13.84
C LEU D 331 13.62 16.72 -14.24
N MET D 332 12.76 15.83 -14.74
CA MET D 332 13.16 14.46 -15.05
C MET D 332 13.03 14.10 -16.51
N ARG D 333 13.78 13.07 -16.91
CA ARG D 333 13.70 12.52 -18.25
C ARG D 333 13.97 11.02 -18.17
N LYS D 334 13.56 10.31 -19.22
CA LYS D 334 13.87 8.90 -19.33
C LYS D 334 15.04 8.74 -20.29
N VAL D 335 16.11 8.12 -19.83
CA VAL D 335 17.28 7.92 -20.68
C VAL D 335 17.06 6.75 -21.64
N LEU D 336 16.77 7.09 -22.89
CA LEU D 336 16.56 6.08 -23.92
C LEU D 336 17.89 5.62 -24.51
N LYS D 337 18.82 6.58 -24.65
CA LYS D 337 20.17 6.27 -25.12
C LYS D 337 21.21 6.84 -24.14
N PRO D 338 22.30 6.09 -23.92
CA PRO D 338 23.31 6.48 -22.94
C PRO D 338 23.90 7.84 -23.24
N VAL D 339 24.09 8.65 -22.19
CA VAL D 339 24.59 10.01 -22.38
C VAL D 339 25.80 10.32 -21.50
N GLN D 340 26.86 10.84 -22.13
CA GLN D 340 28.05 11.25 -21.41
C GLN D 340 27.76 12.49 -20.56
N VAL D 341 28.01 12.38 -19.26
CA VAL D 341 27.91 13.52 -18.36
C VAL D 341 29.09 13.54 -17.40
N GLY D 342 29.86 14.62 -17.43
CA GLY D 342 31.05 14.72 -16.61
C GLY D 342 31.99 13.57 -16.88
N LYS D 343 32.47 12.94 -15.81
CA LYS D 343 33.36 11.79 -15.93
C LYS D 343 32.55 10.50 -15.99
N TYR D 344 31.23 10.64 -16.08
CA TYR D 344 30.31 9.50 -15.97
C TYR D 344 29.47 9.27 -17.23
N VAL D 345 28.89 8.08 -17.31
CA VAL D 345 28.00 7.71 -18.41
C VAL D 345 26.67 7.17 -17.88
N VAL D 346 25.64 8.00 -17.91
CA VAL D 346 24.30 7.61 -17.48
C VAL D 346 23.69 6.66 -18.52
N PRO D 347 23.36 5.43 -18.10
CA PRO D 347 22.91 4.38 -19.00
C PRO D 347 21.43 4.45 -19.33
N GLU D 348 21.02 3.72 -20.36
CA GLU D 348 19.62 3.70 -20.80
C GLU D 348 18.71 3.02 -19.78
N GLY D 349 17.46 3.44 -19.74
CA GLY D 349 16.49 2.89 -18.80
C GLY D 349 16.54 3.58 -17.47
N ASP D 350 17.61 4.34 -17.26
CA ASP D 350 17.80 5.10 -16.03
C ASP D 350 16.94 6.36 -16.06
N ILE D 351 16.60 6.89 -14.89
CA ILE D 351 15.89 8.16 -14.81
C ILE D 351 16.88 9.30 -14.55
N ILE D 352 17.03 10.18 -15.53
CA ILE D 352 17.97 11.29 -15.39
C ILE D 352 17.25 12.57 -14.99
N ALA D 353 17.83 13.31 -14.06
CA ALA D 353 17.17 14.50 -13.52
C ALA D 353 18.10 15.66 -13.24
N CYS D 354 17.66 16.85 -13.63
CA CYS D 354 18.28 18.08 -13.20
C CYS D 354 17.34 18.73 -12.20
N SER D 355 17.85 18.99 -11.00
CA SER D 355 17.05 19.61 -9.95
C SER D 355 17.36 21.11 -9.88
N PRO D 356 16.40 21.94 -10.32
CA PRO D 356 16.51 23.38 -10.13
C PRO D 356 16.73 23.70 -8.66
N LEU D 357 16.04 22.97 -7.78
CA LEU D 357 16.20 23.12 -6.34
C LEU D 357 17.65 22.94 -5.92
N LEU D 358 18.30 21.89 -6.44
CA LEU D 358 19.68 21.60 -6.08
C LEU D 358 20.66 22.62 -6.66
N SER D 359 20.66 22.73 -7.98
CA SER D 359 21.67 23.49 -8.65
C SER D 359 21.65 24.91 -8.13
N HIS D 360 20.48 25.41 -7.84
CA HIS D 360 20.39 26.78 -7.44
C HIS D 360 21.19 26.99 -6.18
N GLN D 361 21.53 25.93 -5.46
CA GLN D 361 22.26 26.11 -4.21
C GLN D 361 23.79 25.98 -4.24
N ASP D 362 24.37 25.86 -5.42
CA ASP D 362 25.82 25.68 -5.53
C ASP D 362 26.55 26.96 -5.16
N GLU D 363 27.26 26.95 -4.06
CA GLU D 363 27.73 28.19 -3.52
C GLU D 363 28.55 28.89 -4.59
N GLU D 364 29.03 28.13 -5.54
CA GLU D 364 29.93 28.69 -6.56
C GLU D 364 29.21 29.66 -7.48
N ALA D 365 28.04 29.25 -7.97
CA ALA D 365 27.24 30.10 -8.85
C ALA D 365 26.26 30.95 -8.04
N PHE D 366 26.03 30.55 -6.80
CA PHE D 366 25.09 31.24 -5.93
C PHE D 366 25.56 31.26 -4.48
N PRO D 367 26.71 31.90 -4.22
CA PRO D 367 27.26 32.03 -2.87
C PRO D 367 26.22 32.60 -1.92
N ASN D 368 26.16 32.06 -0.70
CA ASN D 368 25.16 32.50 0.27
C ASN D 368 23.76 32.26 -0.28
N PRO D 369 23.48 31.01 -0.64
CA PRO D 369 22.26 30.59 -1.35
C PRO D 369 20.96 30.93 -0.60
N ARG D 370 20.97 30.81 0.72
CA ARG D 370 19.76 31.00 1.51
C ARG D 370 19.43 32.47 1.78
N GLU D 371 20.05 33.36 1.00
CA GLU D 371 19.77 34.78 1.11
C GLU D 371 19.06 35.29 -0.14
N TRP D 372 17.84 35.79 0.02
CA TRP D 372 17.09 36.34 -1.10
C TRP D 372 17.69 37.68 -1.53
N ASN D 373 18.44 37.66 -2.62
CA ASN D 373 19.09 38.85 -3.13
C ASN D 373 18.84 39.07 -4.62
N PRO D 374 17.93 40.00 -4.94
CA PRO D 374 17.63 40.39 -6.31
C PRO D 374 18.87 40.85 -7.08
N GLU D 375 19.76 41.54 -6.39
CA GLU D 375 20.94 42.15 -7.02
C GLU D 375 21.92 41.14 -7.62
N ARG D 376 22.03 39.96 -7.03
CA ARG D 376 23.05 39.02 -7.44
C ARG D 376 22.88 38.66 -8.90
N ASN D 377 23.98 38.27 -9.55
CA ASN D 377 23.95 37.93 -10.97
C ASN D 377 23.57 36.47 -11.23
N MET D 378 22.65 36.26 -12.16
CA MET D 378 22.16 34.92 -12.47
C MET D 378 23.05 34.22 -13.49
N LYS D 379 23.78 35.00 -14.28
CA LYS D 379 24.60 34.44 -15.33
C LYS D 379 25.98 34.03 -14.81
N LEU D 380 26.21 34.20 -13.53
CA LEU D 380 27.54 34.11 -13.04
C LEU D 380 28.11 32.80 -13.55
N VAL D 381 27.30 31.77 -13.60
CA VAL D 381 27.65 30.53 -14.26
C VAL D 381 26.63 30.25 -15.36
N ASP D 382 27.11 30.09 -16.59
CA ASP D 382 26.25 29.93 -17.74
C ASP D 382 25.47 28.62 -17.70
N GLY D 383 24.16 28.70 -17.84
CA GLY D 383 23.30 27.51 -17.84
C GLY D 383 22.98 27.01 -16.44
N ALA D 384 23.51 27.70 -15.43
CA ALA D 384 23.32 27.30 -14.05
C ALA D 384 21.91 27.55 -13.56
N PHE D 385 21.32 28.67 -13.97
CA PHE D 385 19.94 28.99 -13.61
C PHE D 385 18.99 28.30 -14.57
N CYS D 386 18.10 27.49 -14.02
CA CYS D 386 17.17 26.71 -14.84
C CYS D 386 15.78 26.72 -14.24
N GLY D 387 15.40 27.87 -13.68
CA GLY D 387 14.09 28.04 -13.09
C GLY D 387 12.98 27.85 -14.10
N PHE D 388 13.29 28.14 -15.36
CA PHE D 388 12.34 27.95 -16.45
C PHE D 388 12.87 26.87 -17.38
N GLY D 389 13.67 25.96 -16.82
CA GLY D 389 14.30 24.92 -17.61
C GLY D 389 15.13 25.51 -18.72
N ALA D 390 15.39 24.72 -19.75
CA ALA D 390 16.17 25.18 -20.89
C ALA D 390 16.06 24.23 -22.07
N GLY D 391 16.81 24.54 -23.13
CA GLY D 391 16.82 23.69 -24.32
C GLY D 391 15.45 23.31 -24.84
N VAL D 392 15.25 22.01 -25.02
CA VAL D 392 14.07 21.48 -25.71
C VAL D 392 12.74 21.82 -25.05
N HIS D 393 12.68 21.73 -23.73
CA HIS D 393 11.44 21.93 -23.00
C HIS D 393 11.41 23.20 -22.19
N LYS D 394 12.04 24.23 -22.69
CA LYS D 394 12.08 25.51 -22.00
C LYS D 394 10.66 26.00 -21.77
N CYS D 395 10.45 26.69 -20.65
CA CYS D 395 9.15 27.24 -20.32
C CYS D 395 8.65 28.11 -21.46
N ILE D 396 7.54 27.74 -22.05
CA ILE D 396 6.97 28.52 -23.14
C ILE D 396 6.02 29.58 -22.60
N GLY D 397 5.96 29.69 -21.28
CA GLY D 397 5.09 30.66 -20.62
C GLY D 397 5.84 31.64 -19.75
N GLU D 398 7.17 31.62 -19.83
CA GLU D 398 8.00 32.50 -19.02
C GLU D 398 7.57 33.96 -19.17
N LYS D 399 7.38 34.40 -20.41
CA LYS D 399 6.99 35.77 -20.69
C LYS D 399 5.63 36.11 -20.09
N PHE D 400 4.62 35.30 -20.41
CA PHE D 400 3.28 35.52 -19.89
C PHE D 400 3.26 35.45 -18.36
N GLY D 401 4.01 34.49 -17.83
CA GLY D 401 4.08 34.28 -16.39
C GLY D 401 4.69 35.45 -15.66
N LEU D 402 5.78 35.99 -16.21
CA LEU D 402 6.43 37.16 -15.62
C LEU D 402 5.55 38.39 -15.72
N LEU D 403 4.81 38.51 -16.82
CA LEU D 403 3.87 39.61 -16.99
C LEU D 403 2.92 39.71 -15.80
N GLN D 404 2.38 38.57 -15.40
CA GLN D 404 1.44 38.54 -14.27
C GLN D 404 2.14 38.91 -12.97
N VAL D 405 3.10 38.08 -12.57
CA VAL D 405 3.86 38.34 -11.35
C VAL D 405 4.17 39.82 -11.19
N LYS D 406 4.63 40.43 -12.28
CA LYS D 406 5.06 41.82 -12.24
C LYS D 406 3.90 42.81 -12.12
N THR D 407 2.86 42.61 -12.93
CA THR D 407 1.71 43.51 -12.92
C THR D 407 0.98 43.44 -11.58
N VAL D 408 0.99 42.25 -10.97
CA VAL D 408 0.35 42.06 -9.68
C VAL D 408 1.18 42.73 -8.57
N LEU D 409 2.49 42.58 -8.66
CA LEU D 409 3.38 43.25 -7.74
C LEU D 409 3.10 44.75 -7.77
N ALA D 410 3.38 45.35 -8.91
CA ALA D 410 3.14 46.78 -9.10
C ALA D 410 1.82 47.19 -8.48
N THR D 411 0.74 46.55 -8.93
CA THR D 411 -0.60 46.89 -8.48
C THR D 411 -0.70 46.86 -6.96
N VAL D 412 -0.38 45.71 -6.37
CA VAL D 412 -0.48 45.52 -4.94
C VAL D 412 0.36 46.51 -4.14
N LEU D 413 1.63 46.64 -4.53
CA LEU D 413 2.58 47.45 -3.77
C LEU D 413 2.30 48.94 -3.88
N ARG D 414 1.62 49.34 -4.95
CA ARG D 414 1.26 50.74 -5.14
C ARG D 414 0.20 51.18 -4.15
N ASP D 415 -0.58 50.22 -3.65
CA ASP D 415 -1.71 50.53 -2.79
C ASP D 415 -1.57 49.98 -1.37
N TYR D 416 -0.67 49.03 -1.17
CA TYR D 416 -0.57 48.35 0.11
C TYR D 416 0.86 48.12 0.61
N ASP D 417 1.01 48.08 1.92
CA ASP D 417 2.25 47.65 2.55
C ASP D 417 1.99 46.33 3.26
N PHE D 418 3.06 45.66 3.68
CA PHE D 418 2.90 44.37 4.36
C PHE D 418 3.87 44.19 5.53
N GLU D 419 3.47 43.38 6.49
CA GLU D 419 4.34 42.99 7.59
C GLU D 419 4.19 41.51 7.90
N LEU D 420 5.26 40.90 8.37
CA LEU D 420 5.24 39.50 8.76
C LEU D 420 4.71 39.35 10.18
N LEU D 421 4.15 38.18 10.48
CA LEU D 421 3.65 37.89 11.82
C LEU D 421 4.56 36.89 12.50
N GLY D 422 5.55 36.41 11.76
CA GLY D 422 6.53 35.46 12.30
C GLY D 422 7.75 35.37 11.40
N PRO D 423 8.60 34.36 11.65
CA PRO D 423 9.78 34.13 10.83
C PRO D 423 9.40 33.78 9.39
N LEU D 424 10.31 34.07 8.47
CA LEU D 424 10.06 33.82 7.05
C LEU D 424 9.57 32.39 6.82
N PRO D 425 8.56 32.23 5.97
CA PRO D 425 8.02 30.92 5.64
C PRO D 425 9.09 30.01 5.03
N GLU D 426 9.09 28.74 5.42
CA GLU D 426 10.03 27.78 4.86
C GLU D 426 9.33 26.91 3.82
N PRO D 427 10.01 26.68 2.68
CA PRO D 427 9.44 25.94 1.56
C PRO D 427 8.84 24.60 1.96
N ASN D 428 7.68 24.27 1.40
CA ASN D 428 7.05 22.98 1.65
C ASN D 428 7.17 22.05 0.44
N TYR D 429 7.93 20.97 0.60
CA TYR D 429 8.26 20.09 -0.52
C TYR D 429 7.27 18.94 -0.69
N HIS D 430 6.18 18.98 0.08
CA HIS D 430 5.16 17.94 -0.01
C HIS D 430 4.06 18.24 -1.03
N THR D 431 4.32 19.17 -1.94
CA THR D 431 3.34 19.50 -2.97
C THR D 431 3.97 19.40 -4.35
N MET D 432 3.18 18.98 -5.33
CA MET D 432 3.67 18.83 -6.68
C MET D 432 4.44 20.07 -7.11
N VAL D 433 3.77 21.22 -7.08
CA VAL D 433 4.45 22.50 -7.30
C VAL D 433 4.83 23.10 -5.96
N VAL D 434 6.13 23.17 -5.67
CA VAL D 434 6.60 23.62 -4.36
C VAL D 434 6.41 25.12 -4.14
N GLY D 435 5.93 25.47 -2.95
CA GLY D 435 5.79 26.86 -2.54
C GLY D 435 6.06 27.00 -1.06
N PRO D 436 5.92 28.23 -0.53
CA PRO D 436 6.12 28.42 0.91
C PRO D 436 5.06 27.68 1.70
N THR D 437 5.36 27.33 2.94
CA THR D 437 4.38 26.70 3.82
C THR D 437 3.17 27.62 3.94
N ALA D 438 1.99 27.10 3.64
CA ALA D 438 0.77 27.90 3.67
C ALA D 438 0.45 28.40 5.07
N SER D 439 0.59 27.51 6.05
CA SER D 439 0.26 27.84 7.44
C SER D 439 1.21 28.88 8.02
N GLN D 440 2.28 29.16 7.29
CA GLN D 440 3.26 30.15 7.71
C GLN D 440 3.10 31.44 6.92
N CYS D 441 2.06 31.48 6.09
CA CYS D 441 1.84 32.63 5.20
C CYS D 441 0.80 33.62 5.70
N ARG D 442 0.60 33.68 7.01
CA ARG D 442 -0.32 34.67 7.57
C ARG D 442 0.37 36.02 7.74
N VAL D 443 -0.23 37.07 7.20
CA VAL D 443 0.40 38.38 7.17
C VAL D 443 -0.60 39.50 7.39
N LYS D 444 -0.10 40.65 7.84
CA LYS D 444 -0.91 41.85 7.98
C LYS D 444 -0.68 42.74 6.76
N TYR D 445 -1.70 43.50 6.37
CA TYR D 445 -1.60 44.41 5.25
C TYR D 445 -1.95 45.83 5.64
N ILE D 446 -1.13 46.78 5.18
CA ILE D 446 -1.39 48.19 5.46
C ILE D 446 -1.97 48.88 4.24
N LYS D 447 -3.16 49.46 4.41
CA LYS D 447 -3.81 50.21 3.35
C LYS D 447 -3.20 51.61 3.32
N LYS D 448 -3.27 52.26 2.18
CA LYS D 448 -2.73 53.60 2.06
C LYS D 448 -3.74 54.74 2.30
N LYS D 449 -4.27 54.84 3.52
CA LYS D 449 -5.16 55.95 3.89
C LYS D 449 -4.44 57.29 3.73
#